data_6X3Z
#
_entry.id   6X3Z
#
_cell.length_a   1.00
_cell.length_b   1.00
_cell.length_c   1.00
_cell.angle_alpha   90.00
_cell.angle_beta   90.00
_cell.angle_gamma   90.00
#
_symmetry.space_group_name_H-M   'P 1'
#
loop_
_entity.id
_entity.type
_entity.pdbx_description
1 polymer 'Gamma-aminobutyric acid receptor subunit beta-2'
2 polymer 'Gamma-aminobutyric acid receptor subunit alpha-1'
3 polymer 'Gamma-aminobutyric acid receptor subunit gamma-2'
4 polymer 'Kappa Fab Light Chain'
5 polymer 'IgG2b Fab Heavy Chain'
6 branched beta-D-mannopyranose-(1-4)-2-acetamido-2-deoxy-beta-D-glucopyranose-(1-4)-2-acetamido-2-deoxy-beta-D-glucopyranose
7 branched alpha-D-mannopyranose-(1-2)-alpha-D-mannopyranose-(1-2)-alpha-D-mannopyranose-(1-3)-[alpha-D-mannopyranose-(1-2)-alpha-D-mannopyranose-(1-6)-[alpha-D-mannopyranose-(1-3)]alpha-D-mannopyranose-(1-6)]beta-D-mannopyranose-(1-4)-2-acetamido-2-deoxy-beta-D-glucopyranose-(1-4)-2-acetamido-2-deoxy-beta-D-glucopyranose
8 branched 2-acetamido-2-deoxy-beta-D-glucopyranose-(1-4)-2-acetamido-2-deoxy-beta-D-glucopyranose
9 non-polymer 2-acetamido-2-deoxy-beta-D-glucopyranose
10 non-polymer 'GAMMA-AMINO-BUTANOIC ACID'
#
loop_
_entity_poly.entity_id
_entity_poly.type
_entity_poly.pdbx_seq_one_letter_code
_entity_poly.pdbx_strand_id
1 'polypeptide(L)'
;QSVNDPSNMSLVKETVDRLLKGYDIRLRPDFGGPPVAVGMNIDIASIDMVSEVNMDYTLTMYFQQAWRDKRLSYNVIPLN
LTLDNRVADQLWVPDTYFLNDKKSFVHGVTVKNRMIRLHPDGTVLYGLRITTTAACMMDLRRYPLDEQNCTLEIESYGYT
TDDIEFYWRGDDNAVTGVTKIELPQFSIVDYKLITKKVVFSTGSYPRLSLSFKLKRNIGYFILQTYMPSILITILSWVSF
WINYDASAARVALGITTVLTMTTINTHLRETLPKIPYVKAIDMYLMGCFVFVFMALLEYALVNYIFFSQPARAAAIDRWS
RIFFPVVFSFFNIVYWLYYVNVDGSGATNFSLLKQAGDVEENPG
;
A,C
2 'polypeptide(L)'
;QPSLQDELKDNTTVFTRILDRLLDGYDNRLRPGLGERVTEVKTDIFVTSFGPVSDHDMEYTIDVFFRQSWKDERLKFKGP
MTVLRLNNLMASKIWTPDTFFHNGKKSVAHNMTMPNKLLRITEDGTLLYTMRLTVRAECPMHLEDFPMDAHACPLKFGSY
AYTRAEVVYEWTREPARSVVVAEDGSRLNQYDLLGQTVDSGIVQSSTGEYVVMTTHFHLKRKIGYFVIQTYLPCIMTVIL
SQVSFWLNRESVPARTVFGVTTVLTMTTLSISARNSLPKVAYATAMDWFIAVCYAFVFSALIEFATVNYFTKSQPARAAK
IDRLSRIAFPLLFGIFNLVYWATYLNREPQLKAPTPHQ
;
B,D
3 'polypeptide(L)'
;WSHPQFEKGGGSGGGSGGSSAWSHPQFEKLEVLFQGPQKSDDDYEDYASNKTWVLTPKVPEGDVTVILNNLLEGYDNKLR
PDIGVKPTLIHTDMYVNSIGPVNAINMEYTIDIFFAQTWYDRRLKFNSTIKVLRLNSNMVGKIWIPDTFFRNSKKADAHW
ITTPNRMLRIWNDGRVLYTLRLTIDAECQLQLHNFPMDEHSCPLEFSSYGYPREEIVYQWKRSSVEVGDTRSWRLYQFSF
VGLRNTTEVVKTTSGDYVVMSVYFDLSRRMGYFTIQTYIPCTLIVVLSWVSFWINKDAVPARTSLGITTVLTMTTLSTIA
RKSLPKVSYVTAMDLFVSVCFIFVFSALVEYGTLHYFVSSQPARAAKMDSYARIFFPTAFCLFNLVYWVSYLYLSRGSGA
TNFSLLKQAGDVEENPG
;
E
4 'polypeptide(L)'
;NIVMTQSPKSMSMSVGERVTLSCKASEYVGTYVSWYQQKPEQSPKLLIYGASNRYTGVPDRFTGSGSATDFTLTIGSVQA
EDLADYHCGQSYSYPTFGAGTKLELKRADAAPTVSIFPPSSEQLTSGGASVVCFLNNFYPKDINVKWKIDGSERQNGVLN
SWTDQDSKDSTYSMSSTLTLTKDEYERHNSYTCEATHKTSTSPIVKSFNRNEC
;
I,L
5 'polypeptide(L)'
;EVQLQQSGAELVKPGASVKLSCTASGFNIKDTYMYWVKQRPEQGLEWIGRIDPANGDTKYDPKFQGKATITTDTFSNTAY
LQLSSLTSEDTAVYYCARKGLRWAMDYWGQGTSVTVSTAKTTPPSVYPLAPGCGDTTGSSVTLGCLVKGYFPESVTVTWN
SGSLSSSVHTFPALLQSGLYTMSSSVTVPSSTWPSQTVTCSVAHPASSTTVDKKLEPSGPISTINPCPPCKECHKCPAPN
LEGGPSVFIFPPNIKDVLMISLTPKVTCVVVDVSEDDPDVQISWFVNNVEVHTAQTQTHREDYNSTIRVVSTLPIQHQDW
MSGKEFKCKVNNKDLPSPIERTISKIKGLVRAPQVYILPPPAEQLSRKDVSLTCLVVGFNPGDISVEWTSNGHTEENYKD
TAPVLDSDGSYFIYSKLNMKTSKWEKTDSFSCNVRHEGLKNYYLKKTISRSPGK
;
J,K
#
# COMPACT_ATOMS: atom_id res chain seq x y z
N SER A 7 -51.18 -21.92 -3.83
CA SER A 7 -50.42 -20.97 -4.62
C SER A 7 -49.03 -21.51 -4.93
N ASN A 8 -48.17 -20.65 -5.48
CA ASN A 8 -46.81 -21.06 -5.81
C ASN A 8 -45.80 -20.59 -4.78
N MET A 9 -46.02 -19.43 -4.14
CA MET A 9 -45.08 -18.93 -3.15
C MET A 9 -45.04 -19.80 -1.90
N SER A 10 -46.21 -20.30 -1.47
CA SER A 10 -46.28 -21.16 -0.28
C SER A 10 -45.61 -22.50 -0.53
N LEU A 11 -45.83 -23.09 -1.70
CA LEU A 11 -45.24 -24.38 -2.04
C LEU A 11 -43.72 -24.30 -2.08
N VAL A 12 -43.19 -23.29 -2.78
CA VAL A 12 -41.74 -23.09 -2.85
C VAL A 12 -41.16 -22.77 -1.48
N LYS A 13 -41.88 -21.97 -0.68
CA LYS A 13 -41.40 -21.61 0.66
C LYS A 13 -41.29 -22.84 1.55
N GLU A 14 -42.33 -23.67 1.60
CA GLU A 14 -42.29 -24.86 2.45
C GLU A 14 -41.31 -25.89 1.89
N THR A 15 -41.13 -25.96 0.57
CA THR A 15 -40.14 -26.84 -0.03
C THR A 15 -38.73 -26.47 0.39
N VAL A 16 -38.39 -25.18 0.29
CA VAL A 16 -37.05 -24.72 0.67
C VAL A 16 -36.86 -24.86 2.17
N ASP A 17 -37.90 -24.62 2.96
CA ASP A 17 -37.80 -24.77 4.41
C ASP A 17 -37.67 -26.24 4.82
N ARG A 18 -38.23 -27.15 4.03
CA ARG A 18 -38.08 -28.58 4.32
C ARG A 18 -36.69 -29.07 3.92
N LEU A 19 -36.16 -28.54 2.81
CA LEU A 19 -34.82 -28.91 2.34
C LEU A 19 -33.76 -28.54 3.37
N LEU A 20 -33.90 -27.37 3.98
CA LEU A 20 -32.91 -26.85 4.91
C LEU A 20 -33.16 -27.30 6.34
N LYS A 21 -34.23 -28.05 6.60
CA LYS A 21 -34.54 -28.53 7.94
C LYS A 21 -33.82 -29.84 8.19
N GLY A 22 -32.92 -29.85 9.16
CA GLY A 22 -32.14 -31.03 9.44
C GLY A 22 -31.05 -31.27 8.43
N TYR A 23 -30.38 -30.22 7.98
CA TYR A 23 -29.33 -30.32 6.98
C TYR A 23 -28.00 -30.10 7.70
N ASP A 24 -27.12 -31.09 7.61
CA ASP A 24 -25.83 -31.05 8.27
C ASP A 24 -24.80 -30.52 7.27
N ILE A 25 -24.34 -29.28 7.49
CA ILE A 25 -23.38 -28.65 6.59
C ILE A 25 -21.98 -29.23 6.76
N ARG A 26 -21.74 -30.01 7.81
CA ARG A 26 -20.43 -30.60 8.04
C ARG A 26 -20.17 -31.78 7.12
N LEU A 27 -21.23 -32.43 6.65
CA LEU A 27 -21.13 -33.65 5.86
C LEU A 27 -21.39 -33.36 4.39
N ARG A 28 -20.55 -33.93 3.54
CA ARG A 28 -20.75 -33.84 2.10
C ARG A 28 -21.84 -34.84 1.69
N PRO A 29 -22.39 -34.71 0.48
CA PRO A 29 -23.30 -35.76 -0.01
C PRO A 29 -22.60 -37.11 -0.12
N ASP A 30 -23.28 -38.14 0.40
CA ASP A 30 -22.78 -39.51 0.51
C ASP A 30 -21.50 -39.54 1.34
N PHE A 31 -21.64 -39.15 2.61
CA PHE A 31 -20.49 -39.00 3.50
C PHE A 31 -19.79 -40.33 3.80
N GLY A 32 -20.48 -41.46 3.66
CA GLY A 32 -19.86 -42.73 3.91
C GLY A 32 -19.77 -43.56 2.66
N GLY A 33 -20.48 -43.14 1.62
CA GLY A 33 -20.58 -43.88 0.39
C GLY A 33 -19.54 -43.46 -0.63
N PRO A 34 -19.93 -43.48 -1.90
CA PRO A 34 -18.99 -43.15 -2.98
C PRO A 34 -18.68 -41.66 -2.99
N PRO A 35 -17.62 -41.23 -3.67
CA PRO A 35 -17.32 -39.79 -3.71
C PRO A 35 -18.34 -39.02 -4.52
N VAL A 36 -18.40 -37.74 -4.26
CA VAL A 36 -19.29 -36.84 -4.98
C VAL A 36 -18.53 -36.25 -6.15
N ALA A 37 -19.19 -36.12 -7.29
CA ALA A 37 -18.57 -35.63 -8.50
C ALA A 37 -18.96 -34.17 -8.69
N VAL A 38 -17.95 -33.31 -8.88
CA VAL A 38 -18.16 -31.88 -9.03
C VAL A 38 -17.65 -31.51 -10.41
N GLY A 39 -18.51 -30.85 -11.19
CA GLY A 39 -18.17 -30.46 -12.54
C GLY A 39 -17.95 -28.96 -12.61
N MET A 40 -16.93 -28.55 -13.35
CA MET A 40 -16.47 -27.17 -13.34
C MET A 40 -16.75 -26.52 -14.68
N ASN A 41 -17.22 -25.28 -14.63
CA ASN A 41 -17.28 -24.42 -15.80
C ASN A 41 -16.58 -23.13 -15.44
N ILE A 42 -15.89 -22.54 -16.40
CA ILE A 42 -15.24 -21.26 -16.22
C ILE A 42 -15.60 -20.41 -17.43
N ASP A 43 -16.13 -19.22 -17.18
CA ASP A 43 -16.41 -18.27 -18.23
C ASP A 43 -15.49 -17.09 -17.97
N ILE A 44 -14.45 -16.97 -18.78
CA ILE A 44 -13.40 -16.00 -18.49
C ILE A 44 -13.86 -14.63 -18.98
N ALA A 45 -13.99 -13.70 -18.05
CA ALA A 45 -14.45 -12.38 -18.42
C ALA A 45 -13.31 -11.52 -18.95
N SER A 46 -12.13 -11.65 -18.36
CA SER A 46 -10.97 -10.84 -18.74
C SER A 46 -9.71 -11.44 -18.16
N ILE A 47 -8.58 -11.07 -18.75
CA ILE A 47 -7.26 -11.29 -18.19
C ILE A 47 -6.63 -9.91 -18.09
N ASP A 48 -6.40 -9.46 -16.86
CA ASP A 48 -6.20 -8.03 -16.62
C ASP A 48 -4.77 -7.62 -16.93
N MET A 49 -3.80 -8.14 -16.20
CA MET A 49 -2.43 -7.64 -16.28
C MET A 49 -1.48 -8.80 -16.10
N VAL A 50 -0.73 -9.11 -17.15
CA VAL A 50 0.26 -10.18 -17.12
C VAL A 50 1.58 -9.52 -16.77
N SER A 51 1.99 -9.61 -15.52
CA SER A 51 3.14 -8.89 -15.02
C SER A 51 4.37 -9.79 -15.07
N GLU A 52 5.43 -9.30 -15.71
CA GLU A 52 6.68 -10.03 -15.73
C GLU A 52 7.54 -9.73 -14.53
N VAL A 53 7.34 -8.58 -13.88
CA VAL A 53 8.15 -8.21 -12.73
C VAL A 53 7.64 -8.89 -11.46
N ASN A 54 6.33 -9.06 -11.36
CA ASN A 54 5.72 -9.73 -10.23
C ASN A 54 5.57 -11.22 -10.47
N MET A 55 5.72 -11.67 -11.72
CA MET A 55 5.61 -13.06 -12.15
C MET A 55 4.23 -13.62 -11.82
N ASP A 56 3.21 -12.91 -12.30
CA ASP A 56 1.83 -13.32 -12.09
C ASP A 56 0.96 -12.74 -13.18
N TYR A 57 -0.31 -13.13 -13.16
CA TYR A 57 -1.29 -12.56 -14.06
C TYR A 57 -2.59 -12.52 -13.29
N THR A 58 -3.53 -11.72 -13.79
CA THR A 58 -4.80 -11.52 -13.12
C THR A 58 -5.91 -11.89 -14.09
N LEU A 59 -6.92 -12.60 -13.62
CA LEU A 59 -8.02 -12.97 -14.48
C LEU A 59 -9.31 -12.92 -13.70
N THR A 60 -10.36 -12.41 -14.34
CA THR A 60 -11.70 -12.45 -13.82
C THR A 60 -12.43 -13.59 -14.51
N MET A 61 -13.19 -14.36 -13.75
CA MET A 61 -13.83 -15.54 -14.28
C MET A 61 -15.20 -15.68 -13.64
N TYR A 62 -16.11 -16.31 -14.36
CA TYR A 62 -17.33 -16.84 -13.77
C TYR A 62 -17.06 -18.31 -13.54
N PHE A 63 -16.91 -18.69 -12.28
CA PHE A 63 -16.49 -20.03 -11.90
C PHE A 63 -17.70 -20.75 -11.33
N GLN A 64 -18.10 -21.83 -11.98
CA GLN A 64 -19.32 -22.53 -11.64
C GLN A 64 -19.00 -23.97 -11.30
N GLN A 65 -19.65 -24.49 -10.26
CA GLN A 65 -19.49 -25.87 -9.84
C GLN A 65 -20.85 -26.54 -9.80
N ALA A 66 -20.91 -27.76 -10.30
CA ALA A 66 -22.15 -28.53 -10.32
C ALA A 66 -21.91 -29.90 -9.72
N TRP A 67 -22.71 -30.26 -8.74
CA TRP A 67 -22.65 -31.58 -8.12
C TRP A 67 -24.08 -31.99 -7.83
N ARG A 68 -24.24 -33.13 -7.16
CA ARG A 68 -25.56 -33.68 -6.88
C ARG A 68 -25.62 -34.04 -5.41
N ASP A 69 -26.52 -33.37 -4.69
CA ASP A 69 -26.74 -33.63 -3.27
C ASP A 69 -28.14 -34.19 -3.13
N LYS A 70 -28.24 -35.40 -2.59
CA LYS A 70 -29.53 -36.06 -2.49
C LYS A 70 -30.42 -35.43 -1.43
N ARG A 71 -29.84 -34.67 -0.50
CA ARG A 71 -30.65 -34.05 0.54
C ARG A 71 -31.44 -32.86 -0.01
N LEU A 72 -30.93 -32.22 -1.05
CA LEU A 72 -31.61 -31.10 -1.68
C LEU A 72 -32.42 -31.58 -2.89
N SER A 73 -33.30 -32.54 -2.64
CA SER A 73 -34.14 -33.12 -3.67
C SER A 73 -35.60 -32.86 -3.35
N TYR A 74 -36.35 -32.49 -4.38
CA TYR A 74 -37.76 -32.16 -4.23
C TYR A 74 -38.49 -32.55 -5.51
N ASN A 75 -39.79 -32.80 -5.39
CA ASN A 75 -40.58 -33.25 -6.52
C ASN A 75 -41.92 -32.56 -6.67
N VAL A 76 -42.27 -31.63 -5.79
CA VAL A 76 -43.61 -31.04 -5.83
C VAL A 76 -43.71 -29.87 -6.80
N ILE A 77 -42.60 -29.26 -7.19
CA ILE A 77 -42.63 -28.15 -8.14
C ILE A 77 -41.77 -28.51 -9.36
N PRO A 78 -42.18 -28.14 -10.57
CA PRO A 78 -41.47 -28.57 -11.78
C PRO A 78 -40.38 -27.63 -12.28
N LEU A 79 -39.99 -26.63 -11.49
CA LEU A 79 -39.07 -25.60 -11.95
C LEU A 79 -37.79 -25.63 -11.13
N ASN A 80 -36.75 -25.02 -11.69
CA ASN A 80 -35.48 -24.89 -11.00
C ASN A 80 -35.55 -23.71 -10.06
N LEU A 81 -34.90 -23.84 -8.91
CA LEU A 81 -35.02 -22.85 -7.85
C LEU A 81 -33.72 -22.10 -7.75
N THR A 82 -33.72 -20.84 -8.19
CA THR A 82 -32.62 -19.93 -7.93
C THR A 82 -32.87 -19.23 -6.60
N LEU A 83 -31.98 -19.45 -5.65
CA LEU A 83 -32.15 -18.93 -4.32
C LEU A 83 -31.21 -17.74 -4.14
N ASP A 84 -31.57 -16.86 -3.20
CA ASP A 84 -30.71 -15.76 -2.80
C ASP A 84 -29.39 -16.34 -2.30
N ASN A 85 -28.29 -15.70 -2.70
CA ASN A 85 -26.94 -16.23 -2.48
C ASN A 85 -26.58 -16.44 -1.00
N ARG A 86 -27.30 -15.80 -0.08
CA ARG A 86 -27.08 -15.98 1.35
C ARG A 86 -27.37 -17.41 1.83
N VAL A 87 -28.10 -18.22 1.04
CA VAL A 87 -28.33 -19.61 1.42
C VAL A 87 -27.10 -20.49 1.15
N ALA A 88 -26.09 -19.97 0.46
CA ALA A 88 -24.87 -20.74 0.22
C ALA A 88 -24.06 -20.96 1.49
N ASP A 89 -24.37 -20.23 2.56
CA ASP A 89 -23.74 -20.43 3.86
C ASP A 89 -24.49 -21.46 4.70
N GLN A 90 -25.60 -21.97 4.20
CA GLN A 90 -26.38 -23.00 4.87
C GLN A 90 -26.36 -24.32 4.13
N LEU A 91 -25.61 -24.41 3.04
CA LEU A 91 -25.49 -25.62 2.24
C LEU A 91 -24.04 -26.05 2.19
N TRP A 92 -23.82 -27.30 1.81
CA TRP A 92 -22.47 -27.78 1.62
C TRP A 92 -22.05 -27.42 0.21
N VAL A 93 -20.91 -26.76 0.09
CA VAL A 93 -20.31 -26.44 -1.20
C VAL A 93 -18.87 -26.94 -1.11
N PRO A 94 -18.28 -27.41 -2.19
CA PRO A 94 -16.92 -27.96 -2.10
C PRO A 94 -15.89 -26.90 -1.81
N ASP A 95 -14.80 -27.33 -1.19
CA ASP A 95 -13.74 -26.42 -0.73
C ASP A 95 -12.65 -26.34 -1.79
N THR A 96 -13.07 -25.89 -2.96
CA THR A 96 -12.17 -25.71 -4.08
C THR A 96 -11.22 -24.56 -3.81
N TYR A 97 -9.96 -24.74 -4.17
CA TYR A 97 -8.98 -23.67 -4.04
C TYR A 97 -8.07 -23.68 -5.26
N PHE A 98 -7.33 -22.60 -5.41
CA PHE A 98 -6.38 -22.45 -6.48
C PHE A 98 -4.99 -22.50 -5.89
N LEU A 99 -4.16 -23.42 -6.41
CA LEU A 99 -2.88 -23.67 -5.78
C LEU A 99 -1.88 -22.56 -6.04
N ASN A 100 -1.96 -21.92 -7.21
CA ASN A 100 -0.96 -20.96 -7.62
C ASN A 100 -1.48 -19.53 -7.61
N ASP A 101 -2.43 -19.23 -6.73
CA ASP A 101 -2.94 -17.87 -6.64
C ASP A 101 -2.26 -17.12 -5.51
N LYS A 102 -2.25 -15.80 -5.64
CA LYS A 102 -1.59 -14.95 -4.66
C LYS A 102 -2.56 -14.06 -3.90
N LYS A 103 -3.62 -13.59 -4.54
CA LYS A 103 -4.69 -12.87 -3.85
C LYS A 103 -5.95 -12.97 -4.68
N SER A 104 -7.00 -13.55 -4.09
CA SER A 104 -8.26 -13.74 -4.78
C SER A 104 -9.36 -13.11 -3.95
N PHE A 105 -10.49 -12.84 -4.61
CA PHE A 105 -11.67 -12.33 -3.92
C PHE A 105 -12.89 -12.52 -4.80
N VAL A 106 -14.05 -12.59 -4.13
CA VAL A 106 -15.34 -12.60 -4.80
C VAL A 106 -15.85 -11.18 -4.78
N HIS A 107 -16.38 -10.72 -5.90
CA HIS A 107 -16.88 -9.36 -6.00
C HIS A 107 -18.10 -9.19 -5.10
N GLY A 108 -18.30 -7.96 -4.65
CA GLY A 108 -19.29 -7.70 -3.63
C GLY A 108 -20.17 -6.51 -3.90
N VAL A 109 -20.46 -6.29 -5.17
CA VAL A 109 -21.37 -5.23 -5.61
C VAL A 109 -22.36 -5.83 -6.59
N THR A 110 -23.66 -5.67 -6.32
CA THR A 110 -24.20 -4.93 -5.17
C THR A 110 -24.33 -5.82 -3.94
N VAL A 111 -24.35 -7.14 -4.18
CA VAL A 111 -24.27 -8.14 -3.12
C VAL A 111 -23.06 -9.00 -3.43
N LYS A 112 -22.82 -10.03 -2.61
CA LYS A 112 -21.75 -10.98 -2.88
C LYS A 112 -22.06 -11.70 -4.18
N ASN A 113 -21.17 -11.55 -5.16
CA ASN A 113 -21.43 -12.09 -6.49
C ASN A 113 -21.26 -13.59 -6.50
N ARG A 114 -22.33 -14.29 -6.16
CA ARG A 114 -22.34 -15.73 -6.27
C ARG A 114 -23.77 -16.19 -6.50
N MET A 115 -23.89 -17.42 -6.98
CA MET A 115 -25.15 -17.97 -7.43
C MET A 115 -25.32 -19.35 -6.85
N ILE A 116 -26.54 -19.66 -6.43
CA ILE A 116 -26.88 -20.96 -5.89
C ILE A 116 -28.21 -21.37 -6.49
N ARG A 117 -28.24 -22.50 -7.18
CA ARG A 117 -29.43 -22.95 -7.89
C ARG A 117 -29.68 -24.41 -7.61
N LEU A 118 -30.92 -24.74 -7.25
CA LEU A 118 -31.31 -26.11 -6.99
C LEU A 118 -32.20 -26.62 -8.11
N HIS A 119 -31.98 -27.85 -8.52
CA HIS A 119 -32.73 -28.53 -9.54
C HIS A 119 -33.55 -29.66 -8.91
N PRO A 120 -34.66 -30.08 -9.52
CA PRO A 120 -35.53 -31.07 -8.85
C PRO A 120 -34.91 -32.44 -8.66
N ASP A 121 -33.86 -32.79 -9.38
CA ASP A 121 -33.24 -34.10 -9.20
C ASP A 121 -32.12 -34.08 -8.18
N GLY A 122 -31.90 -32.94 -7.52
CA GLY A 122 -30.86 -32.82 -6.52
C GLY A 122 -29.63 -32.11 -7.00
N THR A 123 -29.56 -31.77 -8.27
CA THR A 123 -28.37 -31.14 -8.83
C THR A 123 -28.27 -29.70 -8.34
N VAL A 124 -27.16 -29.38 -7.69
CA VAL A 124 -26.91 -28.05 -7.19
C VAL A 124 -25.94 -27.36 -8.12
N LEU A 125 -26.23 -26.12 -8.48
CA LEU A 125 -25.39 -25.34 -9.37
C LEU A 125 -24.93 -24.13 -8.59
N TYR A 126 -23.61 -23.96 -8.48
CA TYR A 126 -23.03 -22.98 -7.58
C TYR A 126 -21.98 -22.22 -8.36
N GLY A 127 -22.20 -20.93 -8.54
CA GLY A 127 -21.36 -20.11 -9.38
C GLY A 127 -20.77 -18.98 -8.56
N LEU A 128 -19.54 -18.62 -8.88
CA LEU A 128 -18.86 -17.51 -8.23
C LEU A 128 -18.25 -16.63 -9.30
N ARG A 129 -18.03 -15.37 -8.96
CA ARG A 129 -17.33 -14.45 -9.83
C ARG A 129 -16.05 -14.04 -9.12
N ILE A 130 -14.93 -14.50 -9.62
CA ILE A 130 -13.66 -14.43 -8.91
C ILE A 130 -12.72 -13.56 -9.71
N THR A 131 -11.85 -12.84 -9.02
CA THR A 131 -10.76 -12.10 -9.65
C THR A 131 -9.53 -12.67 -8.99
N THR A 132 -8.83 -13.51 -9.73
CA THR A 132 -7.71 -14.27 -9.19
C THR A 132 -6.43 -13.66 -9.71
N THR A 133 -5.48 -13.48 -8.82
CA THR A 133 -4.13 -13.12 -9.22
C THR A 133 -3.35 -14.41 -9.09
N ALA A 134 -3.28 -15.16 -10.18
CA ALA A 134 -2.59 -16.41 -10.10
C ALA A 134 -1.13 -16.16 -10.42
N ALA A 135 -0.27 -17.05 -9.99
CA ALA A 135 1.17 -16.87 -10.13
C ALA A 135 1.70 -17.87 -11.13
N CYS A 136 2.48 -17.39 -12.08
CA CYS A 136 3.15 -18.30 -12.97
C CYS A 136 4.56 -17.82 -13.26
N MET A 137 5.52 -18.70 -13.09
CA MET A 137 6.90 -18.35 -13.36
C MET A 137 7.14 -18.46 -14.86
N MET A 138 7.76 -17.43 -15.41
CA MET A 138 7.97 -17.32 -16.84
C MET A 138 9.44 -17.54 -17.14
N ASP A 139 9.70 -18.15 -18.29
CA ASP A 139 11.06 -18.38 -18.74
C ASP A 139 11.33 -17.31 -19.78
N LEU A 140 12.04 -16.27 -19.38
CA LEU A 140 12.26 -15.09 -20.20
C LEU A 140 13.58 -15.14 -20.95
N ARG A 141 14.12 -16.34 -21.18
CA ARG A 141 15.39 -16.47 -21.89
C ARG A 141 15.27 -16.07 -23.35
N ARG A 142 14.07 -16.06 -23.90
CA ARG A 142 13.84 -15.64 -25.27
C ARG A 142 13.05 -14.34 -25.35
N TYR A 143 13.03 -13.55 -24.28
CA TYR A 143 12.34 -12.26 -24.26
C TYR A 143 12.91 -11.30 -25.30
N PRO A 144 12.07 -10.61 -26.08
CA PRO A 144 10.60 -10.64 -26.08
C PRO A 144 9.99 -11.57 -27.14
N LEU A 145 10.80 -12.44 -27.73
CA LEU A 145 10.31 -13.39 -28.73
C LEU A 145 10.01 -14.73 -28.07
N ASP A 146 9.16 -14.70 -27.06
CA ASP A 146 8.93 -15.88 -26.24
C ASP A 146 7.46 -16.23 -26.19
N GLU A 147 7.19 -17.46 -25.76
CA GLU A 147 5.82 -18.03 -25.55
C GLU A 147 5.82 -18.70 -24.18
N GLN A 148 4.89 -18.32 -23.29
CA GLN A 148 4.87 -18.88 -21.91
C GLN A 148 3.53 -19.56 -21.60
N ASN A 149 3.57 -20.78 -21.05
CA ASN A 149 2.32 -21.46 -20.62
C ASN A 149 2.26 -21.44 -19.10
N CYS A 150 1.27 -20.75 -18.53
CA CYS A 150 1.08 -20.77 -17.05
C CYS A 150 -0.38 -21.12 -16.75
N THR A 151 -0.59 -22.07 -15.84
CA THR A 151 -1.93 -22.66 -15.59
C THR A 151 -2.55 -22.31 -14.24
N LEU A 152 -3.89 -22.21 -14.24
CA LEU A 152 -4.74 -22.07 -13.07
C LEU A 152 -5.01 -23.48 -12.61
N GLU A 153 -4.68 -23.78 -11.37
CA GLU A 153 -4.83 -25.11 -10.82
C GLU A 153 -6.07 -25.11 -9.94
N ILE A 154 -6.91 -26.13 -10.08
CA ILE A 154 -8.16 -26.20 -9.34
C ILE A 154 -8.13 -27.51 -8.59
N GLU A 155 -8.13 -27.43 -7.27
CA GLU A 155 -7.99 -28.59 -6.41
C GLU A 155 -9.01 -28.50 -5.29
N SER A 156 -9.24 -29.62 -4.61
CA SER A 156 -10.06 -29.66 -3.41
C SER A 156 -9.13 -29.75 -2.23
N TYR A 157 -9.37 -28.93 -1.21
CA TYR A 157 -8.42 -28.86 -0.11
C TYR A 157 -8.63 -30.01 0.89
N GLY A 158 -9.81 -30.09 1.46
CA GLY A 158 -10.01 -31.02 2.56
C GLY A 158 -10.30 -32.43 2.09
N TYR A 159 -11.10 -32.57 1.05
CA TYR A 159 -11.60 -33.86 0.63
C TYR A 159 -10.59 -34.51 -0.31
N THR A 160 -10.24 -35.76 -0.01
CA THR A 160 -9.31 -36.52 -0.81
C THR A 160 -10.02 -37.08 -2.04
N THR A 161 -9.28 -37.86 -2.84
CA THR A 161 -9.83 -38.36 -4.09
C THR A 161 -10.84 -39.48 -3.89
N ASP A 162 -10.96 -40.03 -2.68
CA ASP A 162 -12.00 -40.99 -2.36
C ASP A 162 -13.16 -40.35 -1.62
N ASP A 163 -13.20 -39.02 -1.55
CA ASP A 163 -14.31 -38.26 -0.99
C ASP A 163 -14.91 -37.31 -1.99
N ILE A 164 -14.16 -36.86 -2.98
CA ILE A 164 -14.62 -35.90 -3.97
C ILE A 164 -13.98 -36.27 -5.29
N GLU A 165 -14.53 -35.72 -6.37
CA GLU A 165 -14.03 -36.03 -7.70
C GLU A 165 -14.30 -34.84 -8.59
N PHE A 166 -13.29 -34.39 -9.31
CA PHE A 166 -13.41 -33.24 -10.18
C PHE A 166 -13.40 -33.69 -11.64
N TYR A 167 -14.10 -32.93 -12.47
CA TYR A 167 -14.10 -33.11 -13.91
C TYR A 167 -14.62 -31.83 -14.53
N TRP A 168 -14.39 -31.70 -15.83
CA TRP A 168 -14.86 -30.54 -16.57
C TRP A 168 -16.23 -30.84 -17.15
N ARG A 169 -17.16 -29.91 -17.00
CA ARG A 169 -18.53 -30.10 -17.46
C ARG A 169 -18.56 -29.81 -18.96
N GLY A 170 -18.42 -30.85 -19.76
CA GLY A 170 -18.32 -30.74 -21.21
C GLY A 170 -16.99 -31.25 -21.76
N ASP A 171 -15.92 -31.07 -20.98
CA ASP A 171 -14.56 -31.60 -21.16
C ASP A 171 -13.79 -30.97 -22.32
N ASP A 172 -14.45 -30.19 -23.16
CA ASP A 172 -13.78 -29.39 -24.17
C ASP A 172 -14.36 -27.99 -24.18
N ASN A 173 -15.63 -27.87 -23.79
CA ASN A 173 -16.33 -26.60 -23.79
C ASN A 173 -16.60 -26.09 -22.38
N ALA A 174 -15.90 -26.65 -21.38
CA ALA A 174 -16.12 -26.21 -20.01
C ALA A 174 -15.57 -24.82 -19.76
N VAL A 175 -14.58 -24.41 -20.52
CA VAL A 175 -14.00 -23.08 -20.41
C VAL A 175 -14.32 -22.33 -21.69
N THR A 176 -15.10 -21.26 -21.56
CA THR A 176 -15.50 -20.45 -22.68
C THR A 176 -14.95 -19.04 -22.50
N GLY A 177 -15.12 -18.23 -23.54
CA GLY A 177 -14.72 -16.84 -23.50
C GLY A 177 -13.23 -16.63 -23.49
N VAL A 178 -12.45 -17.63 -23.86
CA VAL A 178 -11.00 -17.48 -23.88
C VAL A 178 -10.54 -17.00 -25.25
N THR A 179 -11.31 -17.28 -26.30
CA THR A 179 -11.00 -16.82 -27.65
C THR A 179 -11.37 -15.36 -27.85
N LYS A 180 -12.08 -14.76 -26.91
CA LYS A 180 -12.52 -13.39 -26.97
C LYS A 180 -11.65 -12.46 -26.13
N ILE A 181 -10.63 -13.01 -25.47
CA ILE A 181 -9.77 -12.22 -24.61
C ILE A 181 -8.88 -11.34 -25.46
N GLU A 182 -8.82 -10.05 -25.12
CA GLU A 182 -8.03 -9.06 -25.85
C GLU A 182 -6.92 -8.62 -24.90
N LEU A 183 -5.77 -9.27 -25.01
CA LEU A 183 -4.63 -8.82 -24.22
C LEU A 183 -3.86 -7.75 -24.99
N PRO A 184 -3.40 -6.70 -24.32
CA PRO A 184 -2.70 -5.62 -25.04
C PRO A 184 -1.29 -6.01 -25.48
N GLN A 185 -0.68 -6.99 -24.84
CA GLN A 185 0.70 -7.35 -25.12
C GLN A 185 0.88 -8.80 -25.57
N PHE A 186 -0.07 -9.66 -25.29
CA PHE A 186 0.01 -11.07 -25.65
C PHE A 186 -1.12 -11.43 -26.61
N SER A 187 -1.18 -12.72 -26.94
CA SER A 187 -2.27 -13.28 -27.74
C SER A 187 -2.40 -14.75 -27.38
N ILE A 188 -3.60 -15.16 -27.00
CA ILE A 188 -3.84 -16.55 -26.62
C ILE A 188 -3.73 -17.42 -27.86
N VAL A 189 -2.84 -18.41 -27.81
CA VAL A 189 -2.62 -19.31 -28.93
C VAL A 189 -3.41 -20.60 -28.76
N ASP A 190 -3.41 -21.16 -27.56
CA ASP A 190 -4.07 -22.42 -27.31
C ASP A 190 -4.40 -22.48 -25.83
N TYR A 191 -5.33 -23.37 -25.49
CA TYR A 191 -5.68 -23.60 -24.11
C TYR A 191 -6.03 -25.06 -23.94
N LYS A 192 -5.81 -25.57 -22.74
CA LYS A 192 -6.00 -26.99 -22.48
C LYS A 192 -6.66 -27.19 -21.13
N LEU A 193 -7.43 -28.27 -21.03
CA LEU A 193 -8.07 -28.67 -19.80
C LEU A 193 -7.49 -30.02 -19.43
N ILE A 194 -7.04 -30.17 -18.19
CA ILE A 194 -6.35 -31.36 -17.75
C ILE A 194 -7.02 -31.84 -16.48
N THR A 195 -7.16 -33.17 -16.36
CA THR A 195 -7.69 -33.81 -15.18
C THR A 195 -6.65 -34.81 -14.69
N LYS A 196 -6.31 -34.73 -13.41
CA LYS A 196 -5.33 -35.64 -12.84
C LYS A 196 -5.55 -35.71 -11.35
N LYS A 197 -4.63 -36.37 -10.65
CA LYS A 197 -4.66 -36.51 -9.21
C LYS A 197 -3.25 -36.25 -8.70
N VAL A 198 -3.16 -35.47 -7.63
CA VAL A 198 -1.87 -35.18 -7.03
C VAL A 198 -1.80 -35.87 -5.69
N VAL A 199 -0.58 -36.13 -5.23
CA VAL A 199 -0.34 -36.87 -4.01
C VAL A 199 0.47 -36.00 -3.07
N PHE A 200 -0.11 -35.68 -1.92
CA PHE A 200 0.57 -35.02 -0.83
C PHE A 200 0.66 -35.98 0.35
N SER A 201 1.44 -35.59 1.35
CA SER A 201 1.65 -36.39 2.56
C SER A 201 0.38 -36.69 3.35
N THR A 202 -0.75 -36.04 3.04
CA THR A 202 -2.02 -36.27 3.73
C THR A 202 -2.97 -37.13 2.93
N GLY A 203 -2.70 -37.36 1.66
CA GLY A 203 -3.56 -38.20 0.84
C GLY A 203 -3.46 -37.77 -0.61
N SER A 204 -4.37 -38.31 -1.41
CA SER A 204 -4.42 -38.04 -2.83
C SER A 204 -5.59 -37.13 -3.13
N TYR A 205 -5.36 -36.09 -3.93
CA TYR A 205 -6.37 -35.07 -4.16
C TYR A 205 -6.59 -34.89 -5.66
N PRO A 206 -7.82 -34.64 -6.10
CA PRO A 206 -8.05 -34.40 -7.52
C PRO A 206 -7.65 -32.99 -7.88
N ARG A 207 -7.23 -32.81 -9.11
CA ARG A 207 -6.79 -31.50 -9.55
C ARG A 207 -7.19 -31.31 -10.99
N LEU A 208 -7.70 -30.12 -11.28
CA LEU A 208 -7.91 -29.68 -12.64
C LEU A 208 -6.94 -28.54 -12.94
N SER A 209 -6.59 -28.41 -14.20
CA SER A 209 -5.63 -27.41 -14.61
C SER A 209 -6.13 -26.77 -15.89
N LEU A 210 -6.23 -25.46 -15.89
CA LEU A 210 -6.63 -24.68 -17.04
C LEU A 210 -5.41 -23.88 -17.43
N SER A 211 -4.85 -24.20 -18.61
CA SER A 211 -3.59 -23.59 -19.10
C SER A 211 -3.81 -22.79 -20.38
N PHE A 212 -3.21 -21.60 -20.46
CA PHE A 212 -3.29 -20.75 -21.67
C PHE A 212 -1.88 -20.51 -22.21
N LYS A 213 -1.66 -20.77 -23.51
CA LYS A 213 -0.32 -20.53 -24.11
C LYS A 213 -0.34 -19.13 -24.73
N LEU A 214 0.39 -18.18 -24.11
CA LEU A 214 0.40 -16.81 -24.58
C LEU A 214 1.66 -16.62 -25.41
N LYS A 215 1.55 -15.80 -26.45
CA LYS A 215 2.68 -15.49 -27.29
C LYS A 215 2.81 -13.98 -27.34
N ARG A 216 4.00 -13.48 -27.16
CA ARG A 216 4.21 -12.06 -27.04
C ARG A 216 4.33 -11.47 -28.43
N ASN A 217 3.69 -10.32 -28.63
CA ASN A 217 3.79 -9.66 -29.91
C ASN A 217 5.18 -9.05 -30.09
N ILE A 218 5.45 -8.61 -31.31
CA ILE A 218 6.79 -8.19 -31.68
C ILE A 218 6.65 -6.78 -32.24
N GLY A 219 5.41 -6.37 -32.51
CA GLY A 219 5.15 -5.09 -33.14
C GLY A 219 5.62 -3.90 -32.33
N TYR A 220 5.50 -3.99 -31.01
CA TYR A 220 5.90 -2.89 -30.15
C TYR A 220 7.41 -2.89 -29.90
N PHE A 221 7.96 -4.08 -29.60
CA PHE A 221 9.34 -4.20 -29.18
C PHE A 221 10.33 -3.82 -30.27
N ILE A 222 10.02 -4.15 -31.54
CA ILE A 222 10.87 -3.74 -32.67
C ILE A 222 11.05 -2.22 -32.67
N LEU A 223 9.96 -1.48 -32.85
CA LEU A 223 10.01 -0.03 -32.95
C LEU A 223 10.52 0.64 -31.67
N GLN A 224 10.27 0.04 -30.51
CA GLN A 224 10.65 0.73 -29.28
C GLN A 224 12.05 0.38 -28.80
N THR A 225 12.60 -0.75 -29.18
CA THR A 225 13.89 -1.13 -28.62
C THR A 225 14.90 -1.49 -29.69
N TYR A 226 14.49 -2.20 -30.75
CA TYR A 226 15.46 -2.75 -31.69
C TYR A 226 15.88 -1.71 -32.72
N MET A 227 14.94 -0.89 -33.17
CA MET A 227 15.26 0.20 -34.10
C MET A 227 16.27 1.21 -33.56
N PRO A 228 16.18 1.72 -32.31
CA PRO A 228 17.24 2.62 -31.82
C PRO A 228 18.63 2.00 -31.84
N SER A 229 18.77 0.74 -31.40
CA SER A 229 20.08 0.09 -31.34
C SER A 229 20.67 -0.06 -32.73
N ILE A 230 19.86 -0.46 -33.72
CA ILE A 230 20.34 -0.62 -35.09
C ILE A 230 20.75 0.74 -35.65
N LEU A 231 19.97 1.79 -35.39
CA LEU A 231 20.32 3.11 -35.91
C LEU A 231 21.56 3.67 -35.22
N ILE A 232 21.77 3.37 -33.93
CA ILE A 232 23.00 3.77 -33.27
C ILE A 232 24.19 2.99 -33.84
N THR A 233 23.99 1.72 -34.21
CA THR A 233 25.05 0.95 -34.85
C THR A 233 25.42 1.53 -36.23
N ILE A 234 24.41 1.97 -36.99
CA ILE A 234 24.67 2.63 -38.28
C ILE A 234 25.37 3.96 -38.07
N LEU A 235 24.92 4.73 -37.08
CA LEU A 235 25.53 6.01 -36.73
C LEU A 235 26.91 5.82 -36.12
N SER A 236 27.27 4.61 -35.70
CA SER A 236 28.65 4.31 -35.37
C SER A 236 29.46 3.89 -36.60
N TRP A 237 28.81 3.22 -37.55
CA TRP A 237 29.47 2.86 -38.80
C TRP A 237 29.86 4.06 -39.65
N VAL A 238 29.07 5.14 -39.59
CA VAL A 238 29.21 6.29 -40.50
C VAL A 238 30.59 6.95 -40.42
N SER A 239 31.34 6.75 -39.32
CA SER A 239 32.65 7.38 -39.17
C SER A 239 33.71 6.81 -40.12
N PHE A 240 33.44 5.70 -40.78
CA PHE A 240 34.44 5.17 -41.72
C PHE A 240 34.50 6.00 -42.99
N TRP A 241 33.40 6.64 -43.37
CA TRP A 241 33.39 7.55 -44.50
C TRP A 241 34.01 8.90 -44.18
N ILE A 242 34.42 9.12 -42.94
CA ILE A 242 35.12 10.33 -42.53
C ILE A 242 36.60 10.08 -42.70
N ASN A 243 37.31 11.06 -43.28
CA ASN A 243 38.74 10.93 -43.51
C ASN A 243 39.52 10.89 -42.20
N TYR A 244 40.76 10.38 -42.27
CA TYR A 244 41.61 10.28 -41.09
C TYR A 244 42.11 11.63 -40.58
N ASP A 245 41.84 12.73 -41.28
CA ASP A 245 42.26 14.04 -40.82
C ASP A 245 41.42 14.50 -39.62
N ALA A 246 40.10 14.52 -39.80
CA ALA A 246 39.20 14.97 -38.74
C ALA A 246 39.14 13.92 -37.65
N SER A 247 40.00 14.06 -36.64
CA SER A 247 39.99 13.13 -35.51
C SER A 247 38.86 13.42 -34.53
N ALA A 248 38.59 14.72 -34.29
CA ALA A 248 37.57 15.14 -33.33
C ALA A 248 36.18 14.65 -33.71
N ALA A 249 35.85 14.69 -35.00
CA ALA A 249 34.53 14.28 -35.47
C ALA A 249 34.29 12.79 -35.21
N ARG A 250 35.23 11.95 -35.65
CA ARG A 250 35.07 10.50 -35.49
C ARG A 250 35.12 10.09 -34.03
N VAL A 251 36.02 10.69 -33.22
CA VAL A 251 36.07 10.36 -31.81
C VAL A 251 34.77 10.75 -31.09
N ALA A 252 34.25 11.96 -31.34
CA ALA A 252 33.02 12.39 -30.69
C ALA A 252 31.85 11.52 -31.11
N LEU A 253 31.78 11.22 -32.41
CA LEU A 253 30.71 10.38 -32.95
C LEU A 253 30.77 8.97 -32.35
N GLY A 254 31.95 8.34 -32.34
CA GLY A 254 32.08 7.00 -31.79
C GLY A 254 31.81 6.93 -30.30
N ILE A 255 32.41 7.84 -29.52
CA ILE A 255 32.23 7.78 -28.07
C ILE A 255 30.79 8.09 -27.69
N THR A 256 30.13 9.01 -28.39
CA THR A 256 28.75 9.28 -28.03
C THR A 256 27.82 8.20 -28.54
N THR A 257 28.17 7.45 -29.59
CA THR A 257 27.38 6.26 -29.89
C THR A 257 27.50 5.23 -28.77
N VAL A 258 28.71 5.10 -28.20
CA VAL A 258 28.90 4.25 -27.01
C VAL A 258 28.05 4.77 -25.84
N LEU A 259 28.04 6.09 -25.64
CA LEU A 259 27.24 6.70 -24.57
C LEU A 259 25.74 6.49 -24.78
N THR A 260 25.26 6.61 -26.02
CA THR A 260 23.86 6.35 -26.31
C THR A 260 23.52 4.88 -26.07
N MET A 261 24.43 3.97 -26.46
CA MET A 261 24.20 2.54 -26.22
C MET A 261 24.11 2.23 -24.73
N THR A 262 24.97 2.84 -23.93
CA THR A 262 24.90 2.63 -22.48
C THR A 262 23.63 3.21 -21.90
N THR A 263 23.27 4.44 -22.31
CA THR A 263 22.05 5.09 -21.83
C THR A 263 20.78 4.30 -22.20
N ILE A 264 20.70 3.82 -23.45
CA ILE A 264 19.54 3.01 -23.86
C ILE A 264 19.50 1.70 -23.08
N ASN A 265 20.68 1.09 -22.86
CA ASN A 265 20.80 -0.17 -22.12
C ASN A 265 20.27 0.03 -20.71
N THR A 266 20.84 0.99 -19.99
CA THR A 266 20.51 1.22 -18.59
C THR A 266 19.03 1.57 -18.44
N HIS A 267 18.52 2.48 -19.28
CA HIS A 267 17.11 2.87 -19.12
C HIS A 267 16.14 1.80 -19.59
N LEU A 268 16.54 0.86 -20.45
CA LEU A 268 15.57 -0.14 -20.86
C LEU A 268 15.60 -1.36 -19.96
N ARG A 269 16.75 -1.68 -19.37
CA ARG A 269 16.84 -2.87 -18.55
C ARG A 269 16.05 -2.75 -17.25
N GLU A 270 15.81 -1.55 -16.74
CA GLU A 270 15.23 -1.38 -15.40
C GLU A 270 13.75 -1.76 -15.36
N THR A 271 13.17 -2.06 -16.52
CA THR A 271 11.74 -2.33 -16.70
C THR A 271 11.35 -3.70 -16.20
N LEU A 272 12.04 -4.73 -16.67
CA LEU A 272 11.73 -6.13 -16.41
C LEU A 272 12.48 -6.61 -15.16
N PRO A 273 12.15 -7.80 -14.60
CA PRO A 273 12.87 -8.30 -13.42
C PRO A 273 14.34 -8.63 -13.65
N LYS A 274 14.98 -8.92 -12.52
CA LYS A 274 16.41 -9.16 -12.41
C LYS A 274 16.62 -10.66 -12.57
N ILE A 275 16.72 -11.11 -13.81
CA ILE A 275 16.96 -12.53 -14.11
C ILE A 275 18.42 -12.74 -14.51
N PRO A 276 19.04 -13.84 -14.05
CA PRO A 276 20.48 -14.04 -14.23
C PRO A 276 20.89 -14.47 -15.62
N TYR A 277 19.99 -15.14 -16.33
CA TYR A 277 20.31 -15.63 -17.65
C TYR A 277 20.26 -14.49 -18.66
N VAL A 278 20.79 -14.76 -19.84
CA VAL A 278 20.83 -13.75 -20.90
C VAL A 278 19.60 -13.94 -21.75
N LYS A 279 18.87 -12.85 -21.96
CA LYS A 279 17.68 -12.81 -22.78
C LYS A 279 18.06 -12.57 -24.23
N ALA A 280 17.04 -12.58 -25.11
CA ALA A 280 17.32 -12.30 -26.51
C ALA A 280 17.62 -10.82 -26.68
N ILE A 281 16.88 -9.96 -25.98
CA ILE A 281 17.14 -8.53 -26.04
C ILE A 281 18.50 -8.18 -25.43
N ASP A 282 18.92 -8.92 -24.39
CA ASP A 282 20.26 -8.72 -23.82
C ASP A 282 21.34 -9.13 -24.82
N MET A 283 21.12 -10.23 -25.53
CA MET A 283 22.07 -10.67 -26.54
C MET A 283 22.18 -9.67 -27.68
N TYR A 284 21.04 -9.12 -28.12
CA TYR A 284 21.06 -8.12 -29.18
C TYR A 284 21.76 -6.83 -28.74
N LEU A 285 21.46 -6.35 -27.51
CA LEU A 285 22.14 -5.16 -27.01
C LEU A 285 23.63 -5.38 -26.86
N MET A 286 24.02 -6.57 -26.40
CA MET A 286 25.43 -6.87 -26.27
C MET A 286 26.12 -6.97 -27.62
N GLY A 287 25.44 -7.55 -28.62
CA GLY A 287 25.99 -7.57 -29.96
C GLY A 287 26.20 -6.18 -30.54
N CYS A 288 25.20 -5.30 -30.37
CA CYS A 288 25.31 -3.92 -30.82
C CYS A 288 26.44 -3.19 -30.10
N PHE A 289 26.54 -3.36 -28.78
CA PHE A 289 27.60 -2.74 -27.99
C PHE A 289 28.98 -3.24 -28.42
N VAL A 290 29.10 -4.55 -28.68
CA VAL A 290 30.38 -5.11 -29.10
C VAL A 290 30.76 -4.58 -30.48
N PHE A 291 29.78 -4.40 -31.37
CA PHE A 291 30.07 -3.84 -32.69
C PHE A 291 30.54 -2.39 -32.61
N VAL A 292 29.86 -1.56 -31.80
CA VAL A 292 30.29 -0.17 -31.63
C VAL A 292 31.65 -0.10 -30.94
N PHE A 293 31.86 -0.93 -29.92
CA PHE A 293 33.15 -0.99 -29.21
C PHE A 293 34.28 -1.41 -30.14
N MET A 294 34.03 -2.40 -31.00
CA MET A 294 35.04 -2.86 -31.94
C MET A 294 35.33 -1.81 -32.98
N ALA A 295 34.30 -1.06 -33.41
CA ALA A 295 34.50 0.06 -34.33
C ALA A 295 35.37 1.14 -33.70
N LEU A 296 35.12 1.47 -32.44
CA LEU A 296 35.92 2.48 -31.75
C LEU A 296 37.37 2.01 -31.55
N LEU A 297 37.55 0.73 -31.21
CA LEU A 297 38.90 0.16 -31.09
C LEU A 297 39.62 0.14 -32.43
N GLU A 298 38.88 -0.13 -33.51
CA GLU A 298 39.47 -0.09 -34.86
C GLU A 298 39.89 1.33 -35.20
N TYR A 299 39.07 2.32 -34.84
CA TYR A 299 39.44 3.72 -35.03
C TYR A 299 40.69 4.07 -34.24
N ALA A 300 40.80 3.56 -33.01
CA ALA A 300 42.01 3.77 -32.21
C ALA A 300 43.24 3.17 -32.89
N LEU A 301 43.10 1.94 -33.41
CA LEU A 301 44.22 1.27 -34.05
C LEU A 301 44.59 1.94 -35.38
N VAL A 302 43.62 2.48 -36.10
CA VAL A 302 43.93 3.18 -37.34
C VAL A 302 44.47 4.57 -37.04
N ASN A 303 44.22 5.12 -35.84
CA ASN A 303 44.87 6.34 -35.43
C ASN A 303 46.29 6.09 -34.96
N TYR A 304 46.58 4.87 -34.51
CA TYR A 304 47.94 4.55 -34.07
C TYR A 304 48.86 4.33 -35.27
N ILE A 305 48.42 3.53 -36.26
CA ILE A 305 49.25 3.20 -37.42
C ILE A 305 49.27 4.31 -38.46
N PHE A 306 48.51 5.40 -38.22
CA PHE A 306 48.37 6.49 -39.18
C PHE A 306 49.69 7.19 -39.48
N PHE A 307 50.56 7.35 -38.47
CA PHE A 307 51.78 8.12 -38.72
C PHE A 307 52.87 7.25 -39.34
N SER A 308 52.99 6.00 -38.90
CA SER A 308 54.02 5.09 -39.38
C SER A 308 53.87 4.79 -40.86
N GLN A 309 52.67 4.44 -41.30
CA GLN A 309 52.39 4.19 -42.71
C GLN A 309 50.92 4.42 -43.06
N PRO A 310 50.64 5.38 -43.95
CA PRO A 310 49.24 5.72 -44.26
C PRO A 310 48.56 4.76 -45.21
N ALA A 311 49.28 3.79 -45.79
CA ALA A 311 48.64 2.84 -46.70
C ALA A 311 47.76 1.87 -45.93
N ARG A 312 48.26 1.34 -44.82
CA ARG A 312 47.48 0.45 -43.96
C ARG A 312 46.27 1.15 -43.37
N ALA A 313 46.34 2.49 -43.21
CA ALA A 313 45.20 3.27 -42.74
C ALA A 313 44.00 3.12 -43.67
N ALA A 314 44.19 3.47 -44.94
CA ALA A 314 43.13 3.32 -45.94
C ALA A 314 42.78 1.86 -46.17
N ALA A 315 43.75 0.95 -46.04
CA ALA A 315 43.49 -0.48 -46.16
C ALA A 315 42.47 -0.97 -45.13
N ILE A 316 42.75 -0.71 -43.85
CA ILE A 316 41.84 -1.11 -42.76
C ILE A 316 40.52 -0.34 -42.85
N ASP A 317 40.56 0.93 -43.28
CA ASP A 317 39.34 1.72 -43.45
C ASP A 317 38.40 1.08 -44.48
N ARG A 318 38.93 0.78 -45.67
CA ARG A 318 38.15 0.14 -46.73
C ARG A 318 37.69 -1.25 -46.28
N TRP A 319 38.56 -1.95 -45.54
CA TRP A 319 38.25 -3.29 -45.01
C TRP A 319 37.05 -3.23 -44.09
N SER A 320 37.01 -2.23 -43.20
CA SER A 320 35.85 -2.04 -42.33
C SER A 320 34.61 -1.70 -43.13
N ARG A 321 34.75 -0.76 -44.08
CA ARG A 321 33.66 -0.34 -44.97
C ARG A 321 33.00 -1.52 -45.69
N ILE A 322 33.80 -2.50 -46.13
CA ILE A 322 33.24 -3.64 -46.84
C ILE A 322 32.75 -4.70 -45.87
N PHE A 323 33.47 -4.96 -44.77
CA PHE A 323 33.22 -6.15 -43.98
C PHE A 323 32.38 -5.95 -42.73
N PHE A 324 32.09 -4.72 -42.29
CA PHE A 324 31.24 -4.64 -41.10
C PHE A 324 29.74 -4.86 -41.33
N PRO A 325 29.07 -4.26 -42.34
CA PRO A 325 27.67 -4.65 -42.57
C PRO A 325 27.46 -6.12 -42.89
N VAL A 326 28.41 -6.80 -43.53
CA VAL A 326 28.25 -8.23 -43.81
C VAL A 326 28.24 -9.04 -42.50
N VAL A 327 29.22 -8.84 -41.61
CA VAL A 327 29.25 -9.57 -40.35
C VAL A 327 28.07 -9.18 -39.46
N PHE A 328 27.67 -7.90 -39.49
CA PHE A 328 26.50 -7.48 -38.71
C PHE A 328 25.26 -8.16 -39.22
N SER A 329 25.13 -8.28 -40.55
CA SER A 329 24.00 -8.97 -41.15
C SER A 329 24.04 -10.46 -40.81
N PHE A 330 25.24 -11.03 -40.73
CA PHE A 330 25.41 -12.42 -40.32
C PHE A 330 24.91 -12.62 -38.90
N PHE A 331 25.34 -11.76 -37.97
CA PHE A 331 24.87 -11.83 -36.59
C PHE A 331 23.37 -11.61 -36.50
N ASN A 332 22.85 -10.66 -37.29
CA ASN A 332 21.44 -10.34 -37.32
C ASN A 332 20.61 -11.51 -37.84
N ILE A 333 21.08 -12.17 -38.90
CA ILE A 333 20.39 -13.32 -39.48
C ILE A 333 20.41 -14.51 -38.53
N VAL A 334 21.58 -14.83 -37.93
CA VAL A 334 21.65 -15.96 -37.00
C VAL A 334 20.78 -15.71 -35.78
N TYR A 335 20.74 -14.46 -35.27
CA TYR A 335 19.92 -14.15 -34.11
C TYR A 335 18.44 -14.26 -34.42
N TRP A 336 17.99 -13.67 -35.54
CA TRP A 336 16.59 -13.71 -35.91
C TRP A 336 16.15 -15.08 -36.43
N LEU A 337 17.10 -15.96 -36.75
CA LEU A 337 16.75 -17.33 -37.12
C LEU A 337 16.85 -18.29 -35.95
N TYR A 338 17.63 -17.94 -34.92
CA TYR A 338 17.74 -18.77 -33.73
C TYR A 338 16.59 -18.51 -32.78
N TYR A 339 16.12 -17.26 -32.69
CA TYR A 339 15.07 -16.95 -31.73
C TYR A 339 13.67 -16.99 -32.30
N VAL A 340 13.51 -16.77 -33.61
CA VAL A 340 12.19 -16.83 -34.23
C VAL A 340 12.10 -18.06 -35.13
N ASP B 10 -31.90 -41.46 6.13
CA ASP B 10 -31.26 -41.69 7.42
C ASP B 10 -29.87 -42.28 7.24
N ASN B 11 -29.19 -41.89 6.17
CA ASN B 11 -27.83 -42.35 5.93
C ASN B 11 -26.79 -41.43 6.56
N THR B 12 -27.09 -40.14 6.69
CA THR B 12 -26.20 -39.19 7.30
C THR B 12 -26.62 -38.82 8.72
N THR B 13 -27.70 -39.41 9.22
CA THR B 13 -28.14 -39.11 10.58
C THR B 13 -27.21 -39.70 11.62
N VAL B 14 -26.60 -40.86 11.34
CA VAL B 14 -25.67 -41.45 12.29
C VAL B 14 -24.40 -40.59 12.42
N PHE B 15 -23.93 -40.02 11.31
CA PHE B 15 -22.76 -39.13 11.36
C PHE B 15 -23.11 -37.81 12.02
N THR B 16 -24.33 -37.31 11.78
CA THR B 16 -24.79 -36.11 12.45
C THR B 16 -24.88 -36.32 13.96
N ARG B 17 -25.35 -37.51 14.39
CA ARG B 17 -25.39 -37.84 15.81
C ARG B 17 -23.99 -37.95 16.39
N ILE B 18 -23.05 -38.55 15.65
CA ILE B 18 -21.67 -38.66 16.11
C ILE B 18 -21.06 -37.27 16.28
N LEU B 19 -21.23 -36.40 15.29
CA LEU B 19 -20.67 -35.05 15.37
C LEU B 19 -21.35 -34.21 16.44
N ASP B 20 -22.65 -34.42 16.69
CA ASP B 20 -23.34 -33.68 17.73
C ASP B 20 -22.91 -34.14 19.11
N ARG B 21 -22.79 -35.46 19.30
CA ARG B 21 -22.32 -36.02 20.57
C ARG B 21 -20.86 -35.64 20.81
N LEU B 22 -20.10 -35.44 19.73
CA LEU B 22 -18.68 -35.09 19.84
C LEU B 22 -18.52 -33.70 20.43
N LEU B 23 -19.40 -32.77 20.06
CA LEU B 23 -19.34 -31.39 20.49
C LEU B 23 -20.31 -31.09 21.63
N ASP B 24 -20.94 -32.11 22.22
CA ASP B 24 -21.89 -31.92 23.30
C ASP B 24 -21.13 -32.04 24.61
N GLY B 25 -20.89 -30.91 25.26
CA GLY B 25 -20.06 -30.87 26.44
C GLY B 25 -18.64 -30.48 26.14
N TYR B 26 -18.41 -29.67 25.12
CA TYR B 26 -17.07 -29.33 24.65
C TYR B 26 -16.86 -27.84 24.82
N ASP B 27 -15.75 -27.47 25.42
CA ASP B 27 -15.38 -26.07 25.61
C ASP B 27 -14.18 -25.81 24.72
N ASN B 28 -14.38 -25.04 23.64
CA ASN B 28 -13.33 -24.72 22.70
C ASN B 28 -12.45 -23.56 23.15
N ARG B 29 -12.54 -23.19 24.42
CA ARG B 29 -11.69 -22.19 25.05
C ARG B 29 -10.62 -22.82 25.90
N LEU B 30 -10.64 -24.14 26.05
CA LEU B 30 -9.76 -24.89 26.93
C LEU B 30 -8.94 -25.85 26.09
N ARG B 31 -7.61 -25.75 26.20
CA ARG B 31 -6.74 -26.66 25.47
C ARG B 31 -6.83 -28.06 26.09
N PRO B 32 -6.53 -29.11 25.32
CA PRO B 32 -6.57 -30.47 25.89
C PRO B 32 -5.51 -30.68 26.95
N GLY B 33 -5.96 -30.98 28.16
CA GLY B 33 -5.08 -31.14 29.29
C GLY B 33 -4.68 -29.81 29.89
N LEU B 34 -5.64 -29.02 30.35
CA LEU B 34 -5.35 -27.65 30.74
C LEU B 34 -4.59 -27.58 32.06
N GLY B 35 -4.92 -28.48 32.99
CA GLY B 35 -4.22 -28.49 34.26
C GLY B 35 -3.76 -29.88 34.62
N GLU B 36 -3.65 -30.73 33.61
CA GLU B 36 -3.38 -32.14 33.77
C GLU B 36 -2.16 -32.61 33.00
N ARG B 37 -1.87 -32.00 31.86
CA ARG B 37 -0.87 -32.48 30.94
C ARG B 37 -0.34 -31.28 30.16
N VAL B 38 0.57 -31.53 29.24
CA VAL B 38 1.10 -30.51 28.36
C VAL B 38 0.65 -30.85 26.95
N THR B 39 0.20 -29.85 26.21
CA THR B 39 -0.31 -30.11 24.88
C THR B 39 0.87 -30.27 23.94
N GLU B 40 0.87 -31.38 23.21
CA GLU B 40 1.96 -31.71 22.30
C GLU B 40 1.42 -31.50 20.90
N VAL B 41 2.02 -30.55 20.18
CA VAL B 41 1.61 -30.23 18.83
C VAL B 41 2.71 -30.68 17.90
N LYS B 42 2.35 -31.45 16.88
CA LYS B 42 3.31 -31.97 15.92
C LYS B 42 3.12 -31.18 14.64
N THR B 43 4.16 -30.49 14.22
CA THR B 43 4.06 -29.54 13.13
C THR B 43 4.71 -30.12 11.89
N ASP B 44 4.28 -29.63 10.74
CA ASP B 44 4.80 -30.04 9.45
C ASP B 44 4.56 -28.89 8.51
N ILE B 45 5.48 -28.70 7.58
CA ILE B 45 5.40 -27.62 6.60
C ILE B 45 5.68 -28.23 5.25
N PHE B 46 4.79 -28.00 4.29
CA PHE B 46 5.04 -28.38 2.91
C PHE B 46 5.04 -27.09 2.12
N VAL B 47 6.21 -26.68 1.64
CA VAL B 47 6.30 -25.43 0.91
C VAL B 47 5.86 -25.71 -0.51
N THR B 48 4.80 -25.03 -0.94
CA THR B 48 4.29 -25.23 -2.28
C THR B 48 4.94 -24.30 -3.28
N SER B 49 5.50 -23.19 -2.82
CA SER B 49 6.26 -22.26 -3.63
C SER B 49 7.04 -21.31 -2.75
N PHE B 50 8.34 -21.18 -3.01
CA PHE B 50 9.16 -20.22 -2.29
C PHE B 50 9.13 -18.94 -3.11
N GLY B 51 8.36 -17.96 -2.63
CA GLY B 51 8.07 -16.77 -3.38
C GLY B 51 9.26 -15.86 -3.58
N PRO B 52 9.02 -14.68 -4.15
CA PRO B 52 10.12 -13.77 -4.44
C PRO B 52 10.68 -13.16 -3.17
N VAL B 53 11.98 -12.95 -3.17
CA VAL B 53 12.68 -12.37 -2.03
C VAL B 53 12.88 -10.89 -2.35
N SER B 54 12.21 -10.04 -1.59
CA SER B 54 12.32 -8.60 -1.79
C SER B 54 13.54 -8.11 -1.03
N ASP B 55 14.42 -7.43 -1.74
CA ASP B 55 15.68 -7.01 -1.15
C ASP B 55 15.61 -5.63 -0.53
N HIS B 56 14.67 -4.79 -0.97
CA HIS B 56 14.55 -3.45 -0.43
C HIS B 56 13.77 -3.40 0.87
N ASP B 57 12.94 -4.41 1.14
CA ASP B 57 12.22 -4.50 2.39
C ASP B 57 12.87 -5.45 3.37
N MET B 58 13.88 -6.21 2.92
CA MET B 58 14.57 -7.24 3.68
C MET B 58 13.56 -8.26 4.19
N GLU B 59 12.83 -8.81 3.23
CA GLU B 59 11.75 -9.74 3.47
C GLU B 59 11.72 -10.77 2.36
N TYR B 60 10.86 -11.76 2.53
CA TYR B 60 10.66 -12.75 1.50
C TYR B 60 9.24 -13.28 1.67
N THR B 61 8.76 -13.96 0.63
CA THR B 61 7.42 -14.49 0.63
C THR B 61 7.53 -16.00 0.50
N ILE B 62 6.59 -16.71 1.13
CA ILE B 62 6.56 -18.15 1.05
C ILE B 62 5.10 -18.59 1.12
N ASP B 63 4.80 -19.69 0.44
CA ASP B 63 3.45 -20.22 0.39
C ASP B 63 3.56 -21.67 0.85
N VAL B 64 2.82 -22.02 1.89
CA VAL B 64 3.05 -23.27 2.59
C VAL B 64 1.72 -23.96 2.85
N PHE B 65 1.76 -25.29 2.87
CA PHE B 65 0.77 -26.07 3.59
C PHE B 65 1.31 -26.29 4.98
N PHE B 66 0.63 -25.75 5.98
CA PHE B 66 1.09 -25.77 7.36
C PHE B 66 0.22 -26.77 8.09
N ARG B 67 0.83 -27.84 8.55
CA ARG B 67 0.10 -28.93 9.17
C ARG B 67 0.46 -28.99 10.63
N GLN B 68 -0.55 -29.18 11.46
CA GLN B 68 -0.37 -29.31 12.90
C GLN B 68 -1.19 -30.48 13.36
N SER B 69 -0.58 -31.35 14.14
CA SER B 69 -1.28 -32.48 14.70
C SER B 69 -1.12 -32.46 16.20
N TRP B 70 -2.17 -32.85 16.91
CA TRP B 70 -2.15 -32.94 18.35
C TRP B 70 -3.20 -33.95 18.76
N LYS B 71 -3.37 -34.12 20.07
CA LYS B 71 -4.23 -35.16 20.60
C LYS B 71 -5.19 -34.53 21.59
N ASP B 72 -6.48 -34.67 21.33
CA ASP B 72 -7.54 -34.17 22.20
C ASP B 72 -8.37 -35.36 22.61
N GLU B 73 -8.35 -35.69 23.91
CA GLU B 73 -9.10 -36.83 24.42
C GLU B 73 -10.60 -36.57 24.44
N ARG B 74 -11.04 -35.34 24.21
CA ARG B 74 -12.46 -35.01 24.22
C ARG B 74 -13.12 -35.29 22.89
N LEU B 75 -12.34 -35.56 21.85
CA LEU B 75 -12.85 -35.77 20.51
C LEU B 75 -12.73 -37.22 20.08
N LYS B 76 -12.87 -38.15 21.04
CA LYS B 76 -12.94 -39.56 20.72
C LYS B 76 -14.34 -39.91 20.26
N PHE B 77 -14.41 -40.71 19.20
CA PHE B 77 -15.69 -41.18 18.69
C PHE B 77 -15.56 -42.66 18.34
N LYS B 78 -16.65 -43.24 17.87
CA LYS B 78 -16.66 -44.64 17.47
C LYS B 78 -17.77 -44.78 16.45
N GLY B 79 -17.41 -45.04 15.20
CA GLY B 79 -18.38 -45.14 14.14
C GLY B 79 -17.91 -45.99 12.98
N PRO B 80 -18.70 -46.02 11.90
CA PRO B 80 -18.33 -46.81 10.72
C PRO B 80 -17.08 -46.32 9.99
N MET B 81 -16.59 -45.12 10.29
CA MET B 81 -15.37 -44.60 9.70
C MET B 81 -14.32 -44.44 10.79
N THR B 82 -13.05 -44.60 10.40
CA THR B 82 -11.96 -44.48 11.35
C THR B 82 -11.31 -43.10 11.34
N VAL B 83 -11.53 -42.32 10.29
CA VAL B 83 -11.04 -40.95 10.20
C VAL B 83 -12.19 -40.12 9.63
N LEU B 84 -12.54 -39.03 10.30
CA LEU B 84 -13.53 -38.10 9.77
C LEU B 84 -12.79 -36.97 9.08
N ARG B 85 -12.95 -36.87 7.77
CA ARG B 85 -12.37 -35.76 7.01
C ARG B 85 -13.46 -34.70 6.91
N LEU B 86 -13.43 -33.79 7.87
CA LEU B 86 -14.50 -32.83 8.08
C LEU B 86 -14.20 -31.54 7.32
N ASN B 87 -15.12 -30.59 7.44
CA ASN B 87 -15.07 -29.35 6.70
C ASN B 87 -14.06 -28.41 7.37
N ASN B 88 -14.05 -27.15 6.92
CA ASN B 88 -13.24 -26.12 7.53
C ASN B 88 -14.03 -25.27 8.49
N LEU B 89 -15.28 -25.64 8.77
CA LEU B 89 -16.09 -24.95 9.76
C LEU B 89 -16.19 -25.72 11.07
N MET B 90 -15.81 -27.01 11.08
CA MET B 90 -15.70 -27.72 12.34
C MET B 90 -14.45 -27.30 13.10
N ALA B 91 -13.43 -26.80 12.39
CA ALA B 91 -12.21 -26.37 13.05
C ALA B 91 -12.42 -25.11 13.89
N SER B 92 -13.44 -24.31 13.58
CA SER B 92 -13.75 -23.13 14.37
C SER B 92 -14.63 -23.46 15.56
N LYS B 93 -15.06 -24.70 15.75
CA LYS B 93 -15.86 -25.09 16.88
C LYS B 93 -15.11 -25.97 17.87
N ILE B 94 -13.82 -26.20 17.64
CA ILE B 94 -12.97 -26.98 18.52
C ILE B 94 -11.74 -26.15 18.84
N TRP B 95 -10.93 -26.66 19.75
CA TRP B 95 -9.70 -25.96 20.09
C TRP B 95 -8.64 -26.31 19.07
N THR B 96 -8.04 -25.28 18.49
CA THR B 96 -6.94 -25.39 17.57
C THR B 96 -5.84 -24.49 18.13
N PRO B 97 -4.58 -24.84 17.92
CA PRO B 97 -3.51 -24.04 18.53
C PRO B 97 -3.40 -22.70 17.84
N ASP B 98 -2.94 -21.72 18.60
CA ASP B 98 -2.82 -20.36 18.11
C ASP B 98 -1.36 -20.11 17.75
N THR B 99 -0.99 -20.67 16.60
CA THR B 99 0.34 -20.53 16.06
C THR B 99 0.45 -19.22 15.30
N PHE B 100 1.51 -18.48 15.56
CA PHE B 100 1.78 -17.27 14.80
C PHE B 100 3.22 -17.34 14.37
N PHE B 101 3.59 -16.47 13.45
CA PHE B 101 4.94 -16.43 12.92
C PHE B 101 5.65 -15.23 13.54
N HIS B 102 6.74 -15.50 14.26
CA HIS B 102 7.42 -14.47 15.05
C HIS B 102 7.96 -13.36 14.16
N ASN B 103 8.37 -13.69 12.94
CA ASN B 103 8.97 -12.73 12.04
C ASN B 103 8.09 -12.49 10.82
N GLY B 104 6.78 -12.68 10.95
CA GLY B 104 5.90 -12.39 9.84
C GLY B 104 5.54 -10.91 9.76
N LYS B 105 5.39 -10.43 8.52
CA LYS B 105 5.08 -9.03 8.25
C LYS B 105 3.61 -8.84 7.93
N LYS B 106 3.12 -9.52 6.91
CA LYS B 106 1.72 -9.47 6.51
C LYS B 106 1.43 -10.81 5.85
N SER B 107 0.91 -11.73 6.62
CA SER B 107 0.60 -13.05 6.10
C SER B 107 -0.88 -13.09 5.80
N VAL B 108 -1.26 -14.04 4.96
CA VAL B 108 -2.66 -14.22 4.60
C VAL B 108 -2.96 -15.71 4.69
N ALA B 109 -4.10 -16.05 5.25
CA ALA B 109 -4.61 -17.40 5.24
C ALA B 109 -5.73 -17.41 4.21
N HIS B 110 -5.51 -18.14 3.12
CA HIS B 110 -6.41 -18.07 1.99
C HIS B 110 -7.75 -18.71 2.30
N ASN B 111 -8.80 -18.10 1.78
CA ASN B 111 -10.16 -18.59 1.96
C ASN B 111 -10.91 -18.50 0.63
N MET B 112 -10.24 -18.93 -0.43
CA MET B 112 -10.81 -19.00 -1.75
C MET B 112 -10.79 -20.46 -2.18
N THR B 113 -11.94 -21.04 -2.49
CA THR B 113 -13.26 -20.39 -2.53
C THR B 113 -13.96 -20.50 -1.19
N MET B 114 -13.47 -21.42 -0.38
CA MET B 114 -13.83 -21.66 1.00
C MET B 114 -12.55 -21.58 1.80
N PRO B 115 -12.61 -21.41 3.16
CA PRO B 115 -11.38 -21.41 3.96
C PRO B 115 -10.52 -22.64 3.73
N ASN B 116 -9.30 -22.41 3.23
CA ASN B 116 -8.39 -23.49 2.88
C ASN B 116 -7.83 -24.05 4.18
N LYS B 117 -8.65 -24.87 4.82
CA LYS B 117 -8.32 -25.51 6.06
C LYS B 117 -8.82 -26.93 5.98
N LEU B 118 -8.18 -27.82 6.72
CA LEU B 118 -8.42 -29.24 6.62
C LEU B 118 -8.47 -29.76 8.04
N LEU B 119 -9.47 -30.55 8.36
CA LEU B 119 -9.57 -31.13 9.68
C LEU B 119 -9.85 -32.62 9.55
N ARG B 120 -9.02 -33.43 10.18
CA ARG B 120 -9.19 -34.87 10.21
C ARG B 120 -9.11 -35.31 11.66
N ILE B 121 -10.12 -36.03 12.11
CA ILE B 121 -10.16 -36.56 13.46
C ILE B 121 -10.04 -38.08 13.36
N THR B 122 -9.11 -38.64 14.11
CA THR B 122 -8.91 -40.07 14.15
C THR B 122 -9.65 -40.61 15.38
N GLU B 123 -10.10 -41.88 15.30
CA GLU B 123 -11.00 -42.45 16.29
C GLU B 123 -10.43 -42.52 17.70
N ASP B 124 -9.12 -42.39 17.88
CA ASP B 124 -8.55 -42.39 19.22
C ASP B 124 -8.43 -40.98 19.78
N GLY B 125 -8.76 -39.97 19.00
CA GLY B 125 -8.75 -38.60 19.45
C GLY B 125 -7.69 -37.72 18.84
N THR B 126 -6.93 -38.22 17.87
CA THR B 126 -5.85 -37.46 17.27
C THR B 126 -6.40 -36.62 16.13
N LEU B 127 -6.01 -35.35 16.09
CA LEU B 127 -6.47 -34.42 15.08
C LEU B 127 -5.33 -34.00 14.17
N LEU B 128 -5.63 -33.92 12.89
CA LEU B 128 -4.73 -33.33 11.91
C LEU B 128 -5.38 -32.09 11.36
N TYR B 129 -4.68 -30.96 11.44
CA TYR B 129 -5.23 -29.67 11.08
C TYR B 129 -4.25 -29.01 10.16
N THR B 130 -4.66 -28.76 8.93
CA THR B 130 -3.79 -28.27 7.88
C THR B 130 -4.36 -26.96 7.36
N MET B 131 -3.49 -26.01 7.04
CA MET B 131 -3.89 -24.72 6.50
C MET B 131 -3.06 -24.44 5.28
N ARG B 132 -3.59 -23.62 4.38
CA ARG B 132 -2.83 -23.13 3.25
C ARG B 132 -2.76 -21.63 3.39
N LEU B 133 -1.55 -21.10 3.42
CA LEU B 133 -1.35 -19.72 3.76
C LEU B 133 -0.09 -19.20 3.11
N THR B 134 -0.07 -17.91 2.85
CA THR B 134 1.07 -17.24 2.26
C THR B 134 1.67 -16.37 3.35
N VAL B 135 2.94 -16.59 3.65
CA VAL B 135 3.61 -15.89 4.73
C VAL B 135 4.61 -14.93 4.11
N ARG B 136 4.63 -13.71 4.59
CA ARG B 136 5.60 -12.72 4.19
C ARG B 136 6.43 -12.45 5.43
N ALA B 137 7.64 -12.96 5.46
CA ALA B 137 8.43 -12.97 6.67
C ALA B 137 9.64 -12.08 6.51
N GLU B 138 10.28 -11.75 7.62
CA GLU B 138 11.45 -10.89 7.59
C GLU B 138 12.70 -11.73 7.48
N CYS B 139 13.63 -11.25 6.66
CA CYS B 139 14.92 -11.88 6.46
C CYS B 139 15.95 -10.78 6.60
N PRO B 140 16.51 -10.61 7.80
CA PRO B 140 17.56 -9.59 7.99
C PRO B 140 18.82 -10.04 7.27
N MET B 141 19.25 -9.25 6.30
CA MET B 141 20.38 -9.63 5.46
C MET B 141 21.57 -8.75 5.75
N HIS B 142 22.74 -9.33 5.57
CA HIS B 142 24.00 -8.60 5.68
C HIS B 142 24.59 -8.61 4.28
N LEU B 143 24.68 -7.43 3.68
CA LEU B 143 25.00 -7.28 2.27
C LEU B 143 26.43 -6.82 2.05
N GLU B 144 27.37 -7.35 2.84
CA GLU B 144 28.78 -7.02 2.64
C GLU B 144 29.25 -7.51 1.28
N ASP B 145 28.87 -8.73 0.91
CA ASP B 145 29.38 -9.39 -0.27
C ASP B 145 28.43 -9.28 -1.46
N PHE B 146 27.51 -8.31 -1.44
CA PHE B 146 26.60 -8.08 -2.55
C PHE B 146 27.35 -7.79 -3.85
N PRO B 147 27.02 -8.46 -4.97
CA PRO B 147 25.99 -9.46 -5.19
C PRO B 147 26.49 -10.90 -5.26
N MET B 148 27.35 -11.27 -4.33
CA MET B 148 27.91 -12.63 -4.23
C MET B 148 27.73 -13.10 -2.81
N ASP B 149 26.52 -12.91 -2.30
CA ASP B 149 26.21 -13.13 -0.89
C ASP B 149 25.31 -14.33 -0.75
N ALA B 150 25.42 -14.97 0.41
CA ALA B 150 24.60 -16.12 0.76
C ALA B 150 23.90 -15.79 2.07
N HIS B 151 22.61 -16.12 2.13
CA HIS B 151 21.78 -15.75 3.25
C HIS B 151 21.14 -17.00 3.82
N ALA B 152 20.58 -16.84 5.01
CA ALA B 152 19.80 -17.88 5.66
C ALA B 152 18.54 -17.17 6.11
N CYS B 153 17.52 -17.23 5.28
CA CYS B 153 16.29 -16.52 5.60
C CYS B 153 15.51 -17.33 6.62
N PRO B 154 15.10 -16.74 7.73
CA PRO B 154 14.46 -17.53 8.77
C PRO B 154 12.94 -17.53 8.62
N LEU B 155 12.33 -18.44 9.37
CA LEU B 155 10.88 -18.52 9.46
C LEU B 155 10.66 -19.14 10.83
N LYS B 156 10.32 -18.29 11.80
CA LYS B 156 10.17 -18.74 13.16
C LYS B 156 8.70 -18.69 13.51
N PHE B 157 8.20 -19.77 14.09
CA PHE B 157 6.83 -19.76 14.55
C PHE B 157 6.77 -20.41 15.91
N GLY B 158 5.65 -20.19 16.58
CA GLY B 158 5.44 -20.72 17.90
C GLY B 158 4.02 -20.40 18.28
N SER B 159 3.73 -20.55 19.56
CA SER B 159 2.38 -20.31 20.03
C SER B 159 2.29 -18.94 20.67
N TYR B 160 1.24 -18.22 20.35
CA TYR B 160 0.93 -16.96 20.99
C TYR B 160 0.10 -17.34 22.21
N ALA B 161 0.53 -16.89 23.38
CA ALA B 161 -0.09 -16.96 24.71
C ALA B 161 0.04 -18.30 25.40
N TYR B 162 0.55 -19.33 24.77
CA TYR B 162 0.71 -20.60 25.45
C TYR B 162 2.19 -20.87 25.65
N THR B 163 2.62 -20.85 26.90
CA THR B 163 4.02 -20.96 27.26
C THR B 163 4.46 -22.43 27.17
N ARG B 164 5.68 -22.71 27.64
CA ARG B 164 6.23 -24.04 27.48
C ARG B 164 5.56 -25.04 28.40
N ALA B 165 5.00 -24.57 29.52
CA ALA B 165 4.30 -25.47 30.42
C ALA B 165 2.87 -25.76 29.98
N GLU B 166 2.43 -25.21 28.85
CA GLU B 166 1.07 -25.43 28.36
C GLU B 166 1.05 -26.05 26.97
N VAL B 167 1.81 -25.52 26.03
CA VAL B 167 1.82 -26.00 24.65
C VAL B 167 3.26 -26.06 24.19
N VAL B 168 3.68 -27.22 23.70
CA VAL B 168 5.01 -27.40 23.13
C VAL B 168 4.84 -27.91 21.71
N TYR B 169 5.74 -27.49 20.85
CA TYR B 169 5.70 -27.86 19.45
C TYR B 169 6.71 -28.95 19.15
N GLU B 170 6.55 -29.58 18.00
CA GLU B 170 7.44 -30.65 17.59
C GLU B 170 7.24 -30.87 16.11
N TRP B 171 8.27 -31.40 15.47
CA TRP B 171 8.14 -31.80 14.08
C TRP B 171 7.54 -33.19 14.03
N THR B 172 6.70 -33.46 13.03
CA THR B 172 6.00 -34.74 13.05
C THR B 172 6.86 -35.87 12.50
N ARG B 173 7.78 -35.57 11.60
CA ARG B 173 8.75 -36.53 11.11
C ARG B 173 10.12 -36.07 11.57
N GLU B 174 11.16 -36.78 11.12
CA GLU B 174 12.53 -36.38 11.37
C GLU B 174 12.77 -34.93 10.95
N PRO B 175 13.43 -34.13 11.78
CA PRO B 175 13.63 -32.69 11.48
C PRO B 175 14.25 -32.39 10.12
N ALA B 176 15.09 -33.26 9.58
CA ALA B 176 15.63 -33.02 8.26
C ALA B 176 14.61 -33.29 7.16
N ARG B 177 13.48 -33.92 7.49
CA ARG B 177 12.47 -34.29 6.51
C ARG B 177 11.11 -33.69 6.84
N SER B 178 11.09 -32.63 7.66
CA SER B 178 9.81 -32.05 8.04
C SER B 178 9.42 -30.91 7.11
N VAL B 179 10.26 -29.88 7.02
CA VAL B 179 9.98 -28.80 6.08
C VAL B 179 10.38 -29.31 4.70
N VAL B 180 9.37 -29.54 3.85
CA VAL B 180 9.56 -30.13 2.54
C VAL B 180 9.16 -29.10 1.49
N VAL B 181 10.06 -28.82 0.57
CA VAL B 181 9.82 -27.87 -0.50
C VAL B 181 9.47 -28.66 -1.76
N ALA B 182 8.44 -28.22 -2.46
CA ALA B 182 8.04 -28.85 -3.70
C ALA B 182 9.10 -28.63 -4.79
N GLU B 183 9.00 -29.43 -5.85
CA GLU B 183 10.01 -29.36 -6.91
C GLU B 183 9.73 -28.19 -7.85
N ASP B 184 8.49 -28.07 -8.32
CA ASP B 184 8.10 -26.96 -9.18
C ASP B 184 7.85 -25.68 -8.37
N GLY B 185 7.93 -25.76 -7.04
CA GLY B 185 7.69 -24.64 -6.17
C GLY B 185 8.90 -23.76 -5.94
N SER B 186 9.22 -22.92 -6.92
CA SER B 186 10.31 -21.97 -6.76
C SER B 186 9.98 -20.75 -7.61
N ARG B 187 9.58 -19.66 -6.95
CA ARG B 187 9.32 -18.40 -7.61
C ARG B 187 10.48 -17.43 -7.45
N LEU B 188 11.69 -17.94 -7.36
CA LEU B 188 12.88 -17.12 -7.16
C LEU B 188 13.45 -16.70 -8.51
N ASN B 189 13.57 -15.40 -8.73
CA ASN B 189 14.20 -14.89 -9.94
C ASN B 189 15.68 -14.64 -9.74
N GLN B 190 16.04 -14.16 -8.56
CA GLN B 190 17.37 -13.62 -8.29
C GLN B 190 18.22 -14.53 -7.42
N TYR B 191 17.62 -15.45 -6.71
CA TYR B 191 18.33 -16.29 -5.74
C TYR B 191 18.29 -17.75 -6.18
N ASP B 192 18.86 -18.59 -5.32
CA ASP B 192 18.90 -20.03 -5.54
C ASP B 192 18.73 -20.72 -4.21
N LEU B 193 17.69 -21.55 -4.10
CA LEU B 193 17.43 -22.25 -2.85
C LEU B 193 18.32 -23.49 -2.81
N LEU B 194 19.19 -23.54 -1.82
CA LEU B 194 20.16 -24.63 -1.71
C LEU B 194 19.61 -25.77 -0.87
N GLY B 195 19.01 -25.44 0.26
CA GLY B 195 18.47 -26.45 1.14
C GLY B 195 17.68 -25.77 2.23
N GLN B 196 17.21 -26.58 3.17
CA GLN B 196 16.45 -26.07 4.28
C GLN B 196 17.18 -26.48 5.54
N THR B 197 16.76 -25.89 6.65
CA THR B 197 17.41 -26.12 7.93
C THR B 197 16.42 -25.75 9.01
N VAL B 198 16.03 -26.72 9.81
CA VAL B 198 15.05 -26.50 10.84
C VAL B 198 15.79 -26.34 12.16
N ASP B 199 15.10 -25.84 13.16
CA ASP B 199 15.70 -25.65 14.47
C ASP B 199 14.59 -25.47 15.49
N SER B 200 14.94 -25.65 16.75
CA SER B 200 14.01 -25.52 17.86
C SER B 200 14.68 -24.83 19.03
N GLY B 201 13.94 -23.96 19.70
CA GLY B 201 14.51 -23.27 20.83
C GLY B 201 13.43 -22.78 21.76
N ILE B 202 13.86 -22.02 22.76
CA ILE B 202 12.98 -21.46 23.77
C ILE B 202 13.33 -19.98 23.84
N VAL B 203 12.42 -19.12 23.41
CA VAL B 203 12.61 -17.70 23.56
C VAL B 203 11.89 -17.26 24.82
N GLN B 204 12.27 -16.10 25.32
CA GLN B 204 11.70 -15.57 26.56
C GLN B 204 11.30 -14.14 26.30
N SER B 205 10.03 -13.84 26.51
CA SER B 205 9.47 -12.52 26.31
C SER B 205 8.74 -12.11 27.58
N SER B 206 8.14 -10.93 27.56
CA SER B 206 7.50 -10.33 28.75
C SER B 206 6.32 -11.11 29.33
N THR B 207 5.91 -12.21 28.71
CA THR B 207 4.84 -13.04 29.23
C THR B 207 5.26 -14.46 29.58
N GLY B 208 6.51 -14.84 29.35
CA GLY B 208 6.99 -16.13 29.74
C GLY B 208 7.89 -16.73 28.67
N GLU B 209 8.15 -18.03 28.80
CA GLU B 209 9.00 -18.75 27.87
C GLU B 209 8.13 -19.55 26.91
N TYR B 210 8.38 -19.40 25.62
CA TYR B 210 7.60 -20.05 24.60
C TYR B 210 8.50 -20.94 23.76
N VAL B 211 7.92 -21.98 23.21
CA VAL B 211 8.66 -22.85 22.30
C VAL B 211 8.57 -22.23 20.93
N VAL B 212 9.69 -22.19 20.22
CA VAL B 212 9.78 -21.58 18.89
C VAL B 212 10.42 -22.58 17.96
N MET B 213 9.75 -22.84 16.86
CA MET B 213 10.27 -23.72 15.82
C MET B 213 10.81 -22.82 14.72
N THR B 214 12.08 -23.00 14.40
CA THR B 214 12.77 -22.14 13.47
C THR B 214 13.05 -22.95 12.23
N THR B 215 12.93 -22.30 11.08
CA THR B 215 13.33 -22.89 9.83
C THR B 215 14.22 -21.88 9.14
N HIS B 216 15.28 -22.36 8.50
CA HIS B 216 16.19 -21.51 7.76
C HIS B 216 16.23 -22.01 6.34
N PHE B 217 16.01 -21.12 5.40
CA PHE B 217 16.17 -21.44 3.99
C PHE B 217 17.42 -20.75 3.52
N HIS B 218 18.34 -21.51 2.96
CA HIS B 218 19.64 -20.98 2.59
C HIS B 218 19.59 -20.58 1.14
N LEU B 219 19.81 -19.30 0.88
CA LEU B 219 19.72 -18.73 -0.44
C LEU B 219 21.10 -18.25 -0.85
N LYS B 220 21.39 -18.37 -2.13
CA LYS B 220 22.66 -17.95 -2.70
C LYS B 220 22.30 -17.13 -3.93
N ARG B 221 22.70 -15.87 -3.93
CA ARG B 221 22.30 -14.97 -4.99
C ARG B 221 23.01 -15.37 -6.28
N LYS B 222 22.32 -15.16 -7.39
CA LYS B 222 22.86 -15.44 -8.71
C LYS B 222 23.44 -14.15 -9.29
N ILE B 223 24.67 -14.25 -9.80
CA ILE B 223 25.41 -13.07 -10.19
C ILE B 223 25.18 -12.72 -11.66
N GLY B 224 24.65 -13.66 -12.46
CA GLY B 224 24.49 -13.53 -13.90
C GLY B 224 23.75 -12.30 -14.40
N TYR B 225 23.01 -11.64 -13.52
CA TYR B 225 22.29 -10.43 -13.86
C TYR B 225 23.15 -9.21 -13.58
N PHE B 226 23.76 -9.18 -12.39
CA PHE B 226 24.60 -8.04 -12.02
C PHE B 226 25.87 -7.98 -12.85
N VAL B 227 26.38 -9.12 -13.32
CA VAL B 227 27.51 -9.15 -14.24
C VAL B 227 27.19 -8.32 -15.49
N ILE B 228 26.18 -8.75 -16.25
CA ILE B 228 25.78 -8.07 -17.48
C ILE B 228 25.26 -6.66 -17.21
N GLN B 229 24.64 -6.41 -16.05
CA GLN B 229 24.09 -5.10 -15.76
C GLN B 229 25.19 -4.08 -15.46
N THR B 230 26.13 -4.42 -14.57
CA THR B 230 27.07 -3.44 -14.06
C THR B 230 28.52 -3.85 -14.29
N TYR B 231 28.87 -5.12 -14.10
CA TYR B 231 30.27 -5.50 -14.09
C TYR B 231 30.86 -5.49 -15.49
N LEU B 232 30.07 -5.85 -16.49
CA LEU B 232 30.56 -5.83 -17.86
C LEU B 232 30.58 -4.40 -18.42
N PRO B 233 29.56 -3.53 -18.20
CA PRO B 233 29.75 -2.11 -18.60
C PRO B 233 30.91 -1.42 -17.91
N CYS B 234 31.17 -1.73 -16.64
CA CYS B 234 32.29 -1.09 -15.94
C CYS B 234 33.64 -1.51 -16.51
N ILE B 235 33.83 -2.80 -16.78
CA ILE B 235 35.09 -3.26 -17.37
C ILE B 235 35.22 -2.74 -18.80
N MET B 236 34.11 -2.68 -19.55
CA MET B 236 34.15 -2.11 -20.89
C MET B 236 34.51 -0.63 -20.86
N THR B 237 33.98 0.10 -19.89
CA THR B 237 34.29 1.52 -19.74
C THR B 237 35.75 1.73 -19.33
N VAL B 238 36.28 0.86 -18.47
CA VAL B 238 37.68 0.94 -18.07
C VAL B 238 38.60 0.67 -19.26
N ILE B 239 38.27 -0.35 -20.06
CA ILE B 239 39.06 -0.66 -21.26
C ILE B 239 38.97 0.48 -22.27
N LEU B 240 37.79 1.08 -22.42
CA LEU B 240 37.61 2.19 -23.35
C LEU B 240 38.34 3.44 -22.85
N SER B 241 38.53 3.57 -21.54
CA SER B 241 39.31 4.66 -20.97
C SER B 241 40.79 4.43 -21.22
N GLN B 242 41.20 3.17 -21.16
CA GLN B 242 42.59 2.77 -21.39
C GLN B 242 42.94 2.77 -22.87
N VAL B 243 41.93 2.84 -23.74
CA VAL B 243 42.13 3.01 -25.19
C VAL B 243 42.91 4.29 -25.48
N SER B 244 42.65 5.35 -24.68
CA SER B 244 43.22 6.67 -24.89
C SER B 244 44.74 6.70 -24.83
N PHE B 245 45.36 5.71 -24.19
CA PHE B 245 46.80 5.67 -24.02
C PHE B 245 47.55 5.36 -25.31
N TRP B 246 46.86 4.96 -26.37
CA TRP B 246 47.48 4.64 -27.65
C TRP B 246 47.29 5.74 -28.69
N LEU B 247 46.64 6.83 -28.33
CA LEU B 247 46.46 7.95 -29.26
C LEU B 247 47.60 8.94 -29.16
N ASN B 248 47.78 9.71 -30.24
CA ASN B 248 48.83 10.70 -30.31
C ASN B 248 48.38 11.97 -29.61
N ARG B 249 49.30 12.57 -28.85
CA ARG B 249 49.00 13.75 -28.02
C ARG B 249 48.62 14.99 -28.83
N GLU B 250 48.82 15.00 -30.15
CA GLU B 250 48.44 16.14 -30.99
C GLU B 250 46.94 16.34 -31.13
N SER B 251 46.12 15.43 -30.60
CA SER B 251 44.66 15.58 -30.60
C SER B 251 44.22 15.71 -29.15
N VAL B 252 44.24 16.94 -28.65
CA VAL B 252 43.85 17.27 -27.27
C VAL B 252 42.34 17.21 -27.07
N PRO B 253 41.46 17.80 -27.94
CA PRO B 253 40.01 17.64 -27.71
C PRO B 253 39.53 16.20 -27.73
N ALA B 254 40.18 15.34 -28.53
CA ALA B 254 39.81 13.93 -28.63
C ALA B 254 39.95 13.23 -27.28
N ARG B 255 41.13 13.31 -26.68
CA ARG B 255 41.36 12.67 -25.39
C ARG B 255 40.57 13.39 -24.29
N THR B 256 40.32 14.70 -24.44
CA THR B 256 39.51 15.42 -23.47
C THR B 256 38.08 14.89 -23.44
N VAL B 257 37.45 14.75 -24.63
CA VAL B 257 36.08 14.25 -24.68
C VAL B 257 36.06 12.77 -24.25
N PHE B 258 37.11 12.00 -24.58
CA PHE B 258 37.32 10.67 -24.01
C PHE B 258 37.16 10.67 -22.49
N GLY B 259 38.02 11.44 -21.81
CA GLY B 259 38.02 11.46 -20.36
C GLY B 259 36.68 11.88 -19.76
N VAL B 260 36.11 12.98 -20.26
CA VAL B 260 34.90 13.51 -19.63
C VAL B 260 33.71 12.58 -19.89
N THR B 261 33.63 11.97 -21.08
CA THR B 261 32.49 11.09 -21.35
C THR B 261 32.59 9.75 -20.64
N THR B 262 33.81 9.20 -20.48
CA THR B 262 33.92 8.00 -19.67
C THR B 262 33.67 8.26 -18.19
N VAL B 263 34.04 9.43 -17.68
CA VAL B 263 33.66 9.76 -16.31
C VAL B 263 32.15 9.93 -16.19
N LEU B 264 31.52 10.53 -17.22
CA LEU B 264 30.06 10.69 -17.25
C LEU B 264 29.33 9.34 -17.28
N THR B 265 29.78 8.40 -18.12
CA THR B 265 29.14 7.09 -18.13
C THR B 265 29.38 6.34 -16.82
N MET B 266 30.57 6.50 -16.22
CA MET B 266 30.81 5.87 -14.91
C MET B 266 29.88 6.43 -13.83
N THR B 267 29.63 7.74 -13.85
CA THR B 267 28.68 8.33 -12.90
C THR B 267 27.26 7.80 -13.11
N THR B 268 26.82 7.73 -14.37
CA THR B 268 25.49 7.22 -14.67
C THR B 268 25.36 5.76 -14.25
N LEU B 269 26.38 4.95 -14.54
CA LEU B 269 26.36 3.54 -14.14
C LEU B 269 26.34 3.37 -12.63
N SER B 270 27.09 4.19 -11.88
CA SER B 270 27.07 4.10 -10.42
C SER B 270 25.71 4.46 -9.83
N ILE B 271 25.13 5.58 -10.29
CA ILE B 271 23.76 5.94 -9.92
C ILE B 271 22.75 4.86 -10.35
N SER B 272 22.87 4.36 -11.58
CA SER B 272 21.92 3.37 -12.09
C SER B 272 22.12 2.00 -11.45
N ALA B 273 23.27 1.75 -10.85
CA ALA B 273 23.57 0.48 -10.20
C ALA B 273 23.19 0.49 -8.72
N ARG B 274 23.20 1.66 -8.07
CA ARG B 274 22.91 1.70 -6.65
C ARG B 274 21.39 1.66 -6.34
N ASN B 275 20.52 1.58 -7.34
CA ASN B 275 19.08 1.54 -7.08
C ASN B 275 18.57 0.11 -6.89
N SER B 276 19.44 -0.88 -7.07
CA SER B 276 19.06 -2.29 -7.06
C SER B 276 18.81 -2.79 -5.64
N LEU B 277 19.74 -2.57 -4.75
CA LEU B 277 19.80 -3.01 -3.37
C LEU B 277 19.15 -1.95 -2.48
N PRO B 278 18.79 -2.28 -1.19
CA PRO B 278 18.16 -1.26 -0.33
C PRO B 278 19.08 -0.13 0.05
N LYS B 279 18.57 0.79 0.87
CA LYS B 279 19.33 2.00 1.17
C LYS B 279 20.22 1.74 2.40
N VAL B 280 21.04 0.69 2.28
CA VAL B 280 21.93 0.28 3.35
C VAL B 280 23.03 1.34 3.54
N ALA B 281 23.56 1.42 4.76
CA ALA B 281 24.55 2.45 5.08
C ALA B 281 26.00 2.00 4.90
N TYR B 282 26.24 0.74 4.54
CA TYR B 282 27.60 0.25 4.34
C TYR B 282 27.91 0.02 2.87
N ALA B 283 29.18 -0.20 2.60
CA ALA B 283 29.68 -0.44 1.25
C ALA B 283 29.62 -1.93 0.93
N THR B 284 29.18 -2.24 -0.28
CA THR B 284 29.08 -3.60 -0.78
C THR B 284 30.26 -3.90 -1.68
N ALA B 285 30.25 -5.07 -2.32
CA ALA B 285 31.31 -5.41 -3.26
C ALA B 285 31.07 -4.89 -4.66
N MET B 286 29.83 -4.59 -5.02
CA MET B 286 29.62 -3.85 -6.25
C MET B 286 30.02 -2.40 -6.08
N ASP B 287 29.83 -1.83 -4.88
CA ASP B 287 30.26 -0.46 -4.65
C ASP B 287 31.79 -0.35 -4.66
N TRP B 288 32.49 -1.34 -4.09
CA TRP B 288 33.94 -1.36 -4.16
C TRP B 288 34.43 -1.53 -5.59
N PHE B 289 33.78 -2.42 -6.37
CA PHE B 289 34.16 -2.59 -7.77
C PHE B 289 33.96 -1.30 -8.57
N ILE B 290 32.81 -0.64 -8.39
CA ILE B 290 32.53 0.62 -9.09
C ILE B 290 33.51 1.70 -8.66
N ALA B 291 33.85 1.74 -7.36
CA ALA B 291 34.81 2.73 -6.87
C ALA B 291 36.20 2.52 -7.47
N VAL B 292 36.67 1.28 -7.53
CA VAL B 292 37.99 0.99 -8.10
C VAL B 292 37.99 1.28 -9.61
N CYS B 293 36.89 0.94 -10.30
CA CYS B 293 36.79 1.24 -11.73
C CYS B 293 36.78 2.74 -11.98
N TYR B 294 36.03 3.49 -11.16
CA TYR B 294 36.03 4.94 -11.23
C TYR B 294 37.42 5.51 -10.98
N ALA B 295 38.14 4.92 -10.02
CA ALA B 295 39.52 5.33 -9.75
C ALA B 295 40.40 5.10 -10.97
N PHE B 296 40.22 3.96 -11.64
CA PHE B 296 41.00 3.67 -12.85
C PHE B 296 40.71 4.66 -13.97
N VAL B 297 39.43 4.99 -14.17
CA VAL B 297 39.03 5.96 -15.19
C VAL B 297 39.61 7.35 -14.86
N PHE B 298 39.46 7.77 -13.61
CA PHE B 298 39.99 9.05 -13.16
C PHE B 298 41.52 9.08 -13.28
N SER B 299 42.17 7.95 -13.00
CA SER B 299 43.62 7.85 -13.14
C SER B 299 44.03 8.02 -14.59
N ALA B 300 43.24 7.43 -15.51
CA ALA B 300 43.49 7.63 -16.94
C ALA B 300 43.35 9.09 -17.33
N LEU B 301 42.30 9.77 -16.82
CA LEU B 301 42.10 11.18 -17.14
C LEU B 301 43.22 12.05 -16.57
N ILE B 302 43.64 11.83 -15.32
CA ILE B 302 44.73 12.63 -14.75
C ILE B 302 46.04 12.33 -15.48
N GLU B 303 46.24 11.08 -15.92
CA GLU B 303 47.42 10.75 -16.72
C GLU B 303 47.40 11.52 -18.03
N PHE B 304 46.23 11.61 -18.68
CA PHE B 304 46.07 12.46 -19.86
C PHE B 304 46.37 13.92 -19.54
N ALA B 305 45.88 14.41 -18.41
CA ALA B 305 46.14 15.79 -18.00
C ALA B 305 47.63 16.05 -17.83
N THR B 306 48.33 15.10 -17.21
CA THR B 306 49.76 15.22 -17.01
C THR B 306 50.54 15.20 -18.33
N VAL B 307 50.24 14.24 -19.21
CA VAL B 307 50.95 14.19 -20.50
C VAL B 307 50.63 15.41 -21.35
N ASN B 308 49.40 15.93 -21.27
CA ASN B 308 49.05 17.12 -22.04
C ASN B 308 49.74 18.36 -21.50
N TYR B 309 49.86 18.45 -20.17
CA TYR B 309 50.57 19.59 -19.59
C TYR B 309 52.06 19.50 -19.90
N PHE B 310 52.59 18.28 -20.00
CA PHE B 310 54.01 18.08 -20.23
C PHE B 310 54.40 18.10 -21.71
N THR B 311 53.44 18.15 -22.63
CA THR B 311 53.83 18.25 -24.04
C THR B 311 54.15 19.71 -24.35
N LYS B 312 54.89 19.89 -25.46
CA LYS B 312 55.40 21.15 -26.02
C LYS B 312 56.24 21.97 -25.04
N SER B 313 56.63 21.38 -23.91
CA SER B 313 57.64 21.89 -22.98
C SER B 313 58.77 20.91 -22.80
N GLN B 314 58.45 19.63 -22.56
CA GLN B 314 59.42 18.55 -22.55
C GLN B 314 58.81 17.35 -23.25
N PRO B 315 59.06 17.18 -24.55
CA PRO B 315 58.39 16.14 -25.33
C PRO B 315 58.89 14.72 -25.06
N ALA B 316 59.87 14.52 -24.18
CA ALA B 316 60.40 13.19 -23.91
C ALA B 316 59.65 12.47 -22.79
N ARG B 317 59.47 13.16 -21.65
CA ARG B 317 58.85 12.52 -20.48
C ARG B 317 57.38 12.18 -20.73
N ALA B 318 56.71 12.91 -21.62
CA ALA B 318 55.32 12.61 -21.96
C ALA B 318 55.22 11.24 -22.62
N ALA B 319 56.01 11.01 -23.68
CA ALA B 319 56.05 9.72 -24.34
C ALA B 319 56.54 8.63 -23.41
N LYS B 320 57.50 8.95 -22.53
CA LYS B 320 58.03 7.98 -21.57
C LYS B 320 56.95 7.47 -20.63
N ILE B 321 56.26 8.39 -19.94
CA ILE B 321 55.24 7.97 -18.97
C ILE B 321 54.01 7.42 -19.68
N ASP B 322 53.75 7.83 -20.93
CA ASP B 322 52.67 7.22 -21.71
C ASP B 322 52.97 5.76 -22.01
N ARG B 323 54.19 5.46 -22.48
CA ARG B 323 54.60 4.07 -22.72
C ARG B 323 54.59 3.26 -21.44
N LEU B 324 54.95 3.88 -20.31
CA LEU B 324 54.90 3.17 -19.03
C LEU B 324 53.46 2.86 -18.63
N SER B 325 52.58 3.85 -18.70
CA SER B 325 51.18 3.69 -18.28
C SER B 325 50.45 2.69 -19.18
N ARG B 326 50.78 2.68 -20.48
CA ARG B 326 50.17 1.79 -21.46
C ARG B 326 50.24 0.32 -21.03
N ILE B 327 51.32 -0.08 -20.38
CA ILE B 327 51.48 -1.44 -19.88
C ILE B 327 51.19 -1.52 -18.38
N ALA B 328 51.23 -0.39 -17.66
CA ALA B 328 50.98 -0.42 -16.22
C ALA B 328 49.50 -0.56 -15.90
N PHE B 329 48.63 0.12 -16.66
CA PHE B 329 47.20 0.09 -16.37
C PHE B 329 46.55 -1.29 -16.58
N PRO B 330 46.72 -2.00 -17.72
CA PRO B 330 46.02 -3.29 -17.85
C PRO B 330 46.50 -4.34 -16.86
N LEU B 331 47.78 -4.30 -16.50
CA LEU B 331 48.30 -5.24 -15.49
C LEU B 331 47.66 -4.98 -14.13
N LEU B 332 47.51 -3.70 -13.74
CA LEU B 332 46.85 -3.36 -12.48
C LEU B 332 45.39 -3.78 -12.49
N PHE B 333 44.68 -3.53 -13.60
CA PHE B 333 43.29 -3.98 -13.70
C PHE B 333 43.20 -5.49 -13.62
N GLY B 334 44.11 -6.20 -14.29
CA GLY B 334 44.08 -7.65 -14.26
C GLY B 334 44.34 -8.23 -12.88
N ILE B 335 45.34 -7.70 -12.17
CA ILE B 335 45.63 -8.20 -10.83
C ILE B 335 44.49 -7.84 -9.87
N PHE B 336 43.87 -6.67 -10.06
CA PHE B 336 42.72 -6.30 -9.24
C PHE B 336 41.55 -7.24 -9.48
N ASN B 337 41.28 -7.58 -10.75
CA ASN B 337 40.23 -8.54 -11.06
C ASN B 337 40.53 -9.90 -10.45
N LEU B 338 41.79 -10.35 -10.54
CA LEU B 338 42.18 -11.62 -9.95
C LEU B 338 41.95 -11.65 -8.45
N VAL B 339 42.46 -10.65 -7.71
CA VAL B 339 42.29 -10.61 -6.27
C VAL B 339 40.81 -10.48 -5.88
N TYR B 340 40.05 -9.63 -6.59
CA TYR B 340 38.63 -9.40 -6.29
C TYR B 340 37.80 -10.66 -6.52
N TRP B 341 37.83 -11.20 -7.74
CA TRP B 341 37.07 -12.39 -8.05
C TRP B 341 37.59 -13.63 -7.34
N ALA B 342 38.79 -13.58 -6.74
CA ALA B 342 39.24 -14.69 -5.92
C ALA B 342 38.79 -14.55 -4.47
N THR B 343 38.73 -13.32 -3.94
CA THR B 343 38.33 -13.19 -2.55
C THR B 343 36.82 -13.26 -2.39
N TYR B 344 36.07 -12.91 -3.44
CA TYR B 344 34.62 -12.88 -3.28
C TYR B 344 33.91 -14.14 -3.73
N LEU B 345 34.48 -14.91 -4.67
CA LEU B 345 33.87 -16.16 -5.07
C LEU B 345 34.25 -17.33 -4.17
N ASN B 346 34.79 -17.07 -2.98
CA ASN B 346 35.17 -18.12 -2.04
C ASN B 346 34.57 -17.92 -0.66
N ARG B 347 33.96 -16.79 -0.37
CA ARG B 347 33.35 -16.52 0.94
C ARG B 347 32.08 -17.35 1.13
N SER C 7 -13.79 -33.68 36.43
CA SER C 7 -12.54 -33.82 37.16
C SER C 7 -11.78 -32.49 37.21
N ASN C 8 -10.64 -32.42 36.52
CA ASN C 8 -9.87 -31.19 36.44
C ASN C 8 -10.19 -30.35 35.22
N MET C 9 -10.86 -30.91 34.21
CA MET C 9 -11.24 -30.15 33.03
C MET C 9 -12.63 -29.55 33.17
N SER C 10 -13.60 -30.37 33.59
CA SER C 10 -14.97 -29.88 33.75
C SER C 10 -15.09 -28.87 34.88
N LEU C 11 -14.20 -28.96 35.88
CA LEU C 11 -14.13 -27.94 36.93
C LEU C 11 -13.79 -26.57 36.35
N VAL C 12 -12.75 -26.51 35.50
CA VAL C 12 -12.37 -25.28 34.84
C VAL C 12 -13.46 -24.82 33.86
N LYS C 13 -14.12 -25.78 33.20
CA LYS C 13 -15.22 -25.45 32.29
C LYS C 13 -16.35 -24.76 33.05
N GLU C 14 -16.70 -25.29 34.22
CA GLU C 14 -17.73 -24.68 35.06
C GLU C 14 -17.28 -23.32 35.58
N THR C 15 -15.98 -23.19 35.91
CA THR C 15 -15.44 -21.90 36.37
C THR C 15 -15.58 -20.83 35.29
N VAL C 16 -15.18 -21.14 34.06
CA VAL C 16 -15.27 -20.17 32.97
C VAL C 16 -16.72 -19.87 32.61
N ASP C 17 -17.58 -20.89 32.62
CA ASP C 17 -19.01 -20.68 32.35
C ASP C 17 -19.65 -19.81 33.43
N ARG C 18 -19.20 -19.97 34.69
CA ARG C 18 -19.71 -19.13 35.78
C ARG C 18 -19.20 -17.70 35.66
N LEU C 19 -17.94 -17.54 35.22
CA LEU C 19 -17.36 -16.20 35.05
C LEU C 19 -18.11 -15.42 33.99
N LEU C 20 -18.45 -16.07 32.88
CA LEU C 20 -19.08 -15.42 31.74
C LEU C 20 -20.59 -15.39 31.83
N LYS C 21 -21.17 -15.91 32.91
CA LYS C 21 -22.61 -15.88 33.09
C LYS C 21 -22.98 -14.62 33.84
N GLY C 22 -23.88 -13.83 33.27
CA GLY C 22 -24.23 -12.55 33.85
C GLY C 22 -23.11 -11.55 33.73
N TYR C 23 -22.43 -11.52 32.59
CA TYR C 23 -21.29 -10.64 32.39
C TYR C 23 -21.68 -9.63 31.33
N ASP C 24 -21.72 -8.36 31.72
CA ASP C 24 -22.12 -7.28 30.83
C ASP C 24 -20.87 -6.73 30.16
N ILE C 25 -20.77 -6.89 28.84
CA ILE C 25 -19.60 -6.42 28.12
C ILE C 25 -19.70 -4.92 27.85
N ARG C 26 -20.89 -4.35 27.97
CA ARG C 26 -21.08 -2.92 27.76
C ARG C 26 -20.45 -2.09 28.88
N LEU C 27 -20.19 -2.68 30.04
CA LEU C 27 -19.77 -1.95 31.23
C LEU C 27 -18.34 -2.33 31.59
N ARG C 28 -17.52 -1.33 31.88
CA ARG C 28 -16.17 -1.53 32.34
C ARG C 28 -16.18 -2.02 33.79
N PRO C 29 -15.06 -2.53 34.31
CA PRO C 29 -14.99 -2.85 35.75
C PRO C 29 -15.11 -1.60 36.60
N ASP C 30 -15.98 -1.69 37.61
CA ASP C 30 -16.38 -0.58 38.49
C ASP C 30 -16.96 0.57 37.66
N PHE C 31 -18.07 0.26 36.96
CA PHE C 31 -18.63 1.18 35.99
C PHE C 31 -19.15 2.46 36.63
N GLY C 32 -19.66 2.38 37.85
CA GLY C 32 -20.17 3.56 38.52
C GLY C 32 -19.34 3.90 39.73
N GLY C 33 -18.06 3.51 39.68
CA GLY C 33 -17.16 3.68 40.79
C GLY C 33 -15.88 4.36 40.37
N PRO C 34 -14.77 4.00 41.00
CA PRO C 34 -13.48 4.62 40.69
C PRO C 34 -12.99 4.18 39.33
N PRO C 35 -12.07 4.91 38.71
CA PRO C 35 -11.59 4.52 37.38
C PRO C 35 -10.75 3.25 37.46
N VAL C 36 -10.70 2.56 36.34
CA VAL C 36 -9.94 1.32 36.24
C VAL C 36 -8.55 1.64 35.71
N ALA C 37 -7.55 1.00 36.28
CA ALA C 37 -6.17 1.26 35.90
C ALA C 37 -5.78 0.21 34.87
N VAL C 38 -5.13 0.66 33.80
CA VAL C 38 -4.72 -0.22 32.71
C VAL C 38 -3.24 -0.01 32.52
N GLY C 39 -2.46 -1.07 32.64
CA GLY C 39 -1.02 -1.01 32.48
C GLY C 39 -0.61 -1.54 31.12
N MET C 40 0.32 -0.85 30.49
CA MET C 40 0.71 -1.15 29.13
C MET C 40 2.11 -1.73 29.08
N ASN C 41 2.30 -2.62 28.12
CA ASN C 41 3.59 -3.19 27.80
C ASN C 41 3.67 -3.23 26.29
N ILE C 42 4.87 -3.03 25.77
CA ILE C 42 5.11 -3.09 24.33
C ILE C 42 6.42 -3.84 24.15
N ASP C 43 6.40 -4.88 23.34
CA ASP C 43 7.62 -5.55 22.92
C ASP C 43 7.72 -5.30 21.43
N ILE C 44 8.62 -4.41 21.04
CA ILE C 44 8.71 -4.02 19.64
C ILE C 44 9.46 -5.12 18.89
N ALA C 45 8.83 -5.64 17.83
CA ALA C 45 9.44 -6.73 17.09
C ALA C 45 10.28 -6.23 15.94
N SER C 46 9.86 -5.14 15.29
CA SER C 46 10.56 -4.53 14.18
C SER C 46 9.95 -3.18 13.88
N ILE C 47 10.78 -2.26 13.44
CA ILE C 47 10.34 -1.01 12.83
C ILE C 47 10.69 -1.16 11.36
N ASP C 48 9.69 -1.27 10.51
CA ASP C 48 9.90 -1.84 9.19
C ASP C 48 10.48 -0.79 8.24
N MET C 49 9.73 0.27 7.98
CA MET C 49 10.08 1.21 6.94
C MET C 49 9.71 2.62 7.37
N VAL C 50 10.71 3.46 7.52
CA VAL C 50 10.51 4.86 7.90
C VAL C 50 10.54 5.63 6.59
N SER C 51 9.36 5.99 6.10
CA SER C 51 9.22 6.63 4.80
C SER C 51 9.15 8.13 4.99
N GLU C 52 10.00 8.84 4.28
CA GLU C 52 9.94 10.29 4.30
C GLU C 52 8.95 10.84 3.30
N VAL C 53 8.63 10.08 2.26
CA VAL C 53 7.71 10.56 1.23
C VAL C 53 6.27 10.40 1.68
N ASN C 54 5.98 9.37 2.48
CA ASN C 54 4.66 9.19 3.02
C ASN C 54 4.51 9.81 4.40
N MET C 55 5.63 10.20 5.03
CA MET C 55 5.67 10.81 6.36
C MET C 55 5.07 9.86 7.40
N ASP C 56 5.55 8.63 7.36
CA ASP C 56 5.10 7.62 8.30
C ASP C 56 6.21 6.63 8.55
N TYR C 57 5.97 5.73 9.50
CA TYR C 57 6.90 4.67 9.83
C TYR C 57 6.06 3.50 10.27
N THR C 58 6.46 2.31 9.88
CA THR C 58 5.75 1.09 10.24
C THR C 58 6.47 0.43 11.40
N LEU C 59 5.70 -0.06 12.36
CA LEU C 59 6.32 -0.84 13.43
C LEU C 59 5.41 -2.00 13.79
N THR C 60 6.04 -3.14 14.04
CA THR C 60 5.37 -4.32 14.56
C THR C 60 5.69 -4.41 16.04
N MET C 61 4.70 -4.75 16.85
CA MET C 61 4.89 -4.75 18.28
C MET C 61 4.00 -5.82 18.89
N TYR C 62 4.41 -6.30 20.05
CA TYR C 62 3.54 -7.09 20.90
C TYR C 62 3.03 -6.10 21.93
N PHE C 63 1.76 -5.75 21.83
CA PHE C 63 1.18 -4.71 22.65
C PHE C 63 0.26 -5.37 23.66
N GLN C 64 0.57 -5.21 24.93
CA GLN C 64 -0.13 -5.90 25.99
C GLN C 64 -0.73 -4.88 26.95
N GLN C 65 -1.93 -5.19 27.42
CA GLN C 65 -2.62 -4.34 28.37
C GLN C 65 -2.98 -5.21 29.56
N ALA C 66 -2.92 -4.63 30.75
CA ALA C 66 -3.25 -5.36 31.96
C ALA C 66 -4.11 -4.47 32.84
N TRP C 67 -5.23 -5.01 33.29
CA TRP C 67 -6.13 -4.30 34.19
C TRP C 67 -6.70 -5.33 35.14
N ARG C 68 -7.65 -4.91 35.96
CA ARG C 68 -8.24 -5.79 36.95
C ARG C 68 -9.75 -5.70 36.82
N ASP C 69 -10.38 -6.85 36.60
CA ASP C 69 -11.83 -6.95 36.48
C ASP C 69 -12.29 -7.85 37.61
N LYS C 70 -13.01 -7.26 38.57
CA LYS C 70 -13.48 -8.00 39.74
C LYS C 70 -14.53 -9.05 39.40
N ARG C 71 -15.07 -9.04 38.18
CA ARG C 71 -16.05 -10.01 37.76
C ARG C 71 -15.38 -11.29 37.27
N LEU C 72 -14.17 -11.17 36.76
CA LEU C 72 -13.38 -12.33 36.31
C LEU C 72 -12.43 -12.78 37.41
N SER C 73 -13.00 -13.07 38.58
CA SER C 73 -12.24 -13.49 39.73
C SER C 73 -12.74 -14.86 40.17
N TYR C 74 -11.82 -15.81 40.32
CA TYR C 74 -12.18 -17.18 40.65
C TYR C 74 -11.24 -17.69 41.74
N ASN C 75 -11.72 -18.69 42.47
CA ASN C 75 -10.92 -19.29 43.52
C ASN C 75 -11.06 -20.81 43.62
N VAL C 76 -11.81 -21.43 42.70
CA VAL C 76 -11.98 -22.88 42.75
C VAL C 76 -10.70 -23.56 42.31
N ILE C 77 -10.08 -23.08 41.24
CA ILE C 77 -8.84 -23.63 40.73
C ILE C 77 -7.70 -22.67 41.09
N PRO C 78 -6.49 -23.16 41.33
CA PRO C 78 -5.39 -22.29 41.77
C PRO C 78 -4.47 -21.75 40.69
N LEU C 79 -4.62 -22.16 39.43
CA LEU C 79 -3.67 -21.78 38.40
C LEU C 79 -4.20 -20.64 37.55
N ASN C 80 -3.31 -20.06 36.75
CA ASN C 80 -3.68 -18.99 35.85
C ASN C 80 -4.25 -19.59 34.58
N LEU C 81 -5.19 -18.88 33.98
CA LEU C 81 -5.94 -19.42 32.85
C LEU C 81 -5.57 -18.67 31.60
N THR C 82 -4.97 -19.37 30.65
CA THR C 82 -4.81 -18.88 29.29
C THR C 82 -5.92 -19.48 28.46
N LEU C 83 -6.83 -18.64 28.00
CA LEU C 83 -7.97 -19.11 27.25
C LEU C 83 -7.71 -18.90 25.77
N ASP C 84 -8.53 -19.54 24.95
CA ASP C 84 -8.49 -19.35 23.51
C ASP C 84 -8.71 -17.88 23.19
N ASN C 85 -8.05 -17.40 22.14
CA ASN C 85 -8.07 -15.98 21.81
C ASN C 85 -9.41 -15.48 21.28
N ARG C 86 -10.42 -16.33 21.17
CA ARG C 86 -11.74 -15.92 20.74
C ARG C 86 -12.66 -15.56 21.90
N VAL C 87 -12.25 -15.81 23.15
CA VAL C 87 -13.04 -15.36 24.29
C VAL C 87 -12.80 -13.90 24.59
N ALA C 88 -11.82 -13.28 23.93
CA ALA C 88 -11.63 -11.83 24.09
C ALA C 88 -12.70 -11.02 23.39
N ASP C 89 -13.59 -11.67 22.64
CA ASP C 89 -14.76 -11.04 22.05
C ASP C 89 -15.95 -11.11 22.99
N GLN C 90 -15.80 -11.73 24.15
CA GLN C 90 -16.87 -11.86 25.13
C GLN C 90 -16.52 -11.19 26.45
N LEU C 91 -15.32 -10.66 26.60
CA LEU C 91 -14.92 -9.90 27.77
C LEU C 91 -14.88 -8.42 27.43
N TRP C 92 -14.76 -7.60 28.46
CA TRP C 92 -14.56 -6.17 28.24
C TRP C 92 -13.06 -5.95 28.14
N VAL C 93 -12.65 -5.29 27.06
CA VAL C 93 -11.26 -4.89 26.85
C VAL C 93 -11.33 -3.40 26.57
N PRO C 94 -10.33 -2.61 26.97
CA PRO C 94 -10.43 -1.16 26.76
C PRO C 94 -10.35 -0.78 25.30
N ASP C 95 -10.99 0.33 24.96
CA ASP C 95 -11.02 0.79 23.58
C ASP C 95 -9.85 1.75 23.38
N THR C 96 -8.68 1.14 23.34
CA THR C 96 -7.44 1.86 23.13
C THR C 96 -7.25 2.09 21.64
N TYR C 97 -6.70 3.25 21.29
CA TYR C 97 -6.42 3.56 19.90
C TYR C 97 -5.13 4.36 19.82
N PHE C 98 -4.62 4.45 18.61
CA PHE C 98 -3.41 5.20 18.32
C PHE C 98 -3.82 6.43 17.52
N LEU C 99 -3.52 7.62 18.05
CA LEU C 99 -4.04 8.84 17.46
C LEU C 99 -3.39 9.14 16.11
N ASN C 100 -2.12 8.77 15.95
CA ASN C 100 -1.34 9.19 14.81
C ASN C 100 -1.14 8.09 13.78
N ASP C 101 -1.93 7.02 13.83
CA ASP C 101 -1.76 5.97 12.84
C ASP C 101 -2.56 6.25 11.57
N LYS C 102 -2.17 5.58 10.50
CA LYS C 102 -2.85 5.70 9.21
C LYS C 102 -3.52 4.40 8.81
N LYS C 103 -2.87 3.27 9.06
CA LYS C 103 -3.47 1.97 8.83
C LYS C 103 -2.83 1.01 9.83
N SER C 104 -3.66 0.15 10.39
CA SER C 104 -3.17 -0.80 11.39
C SER C 104 -4.04 -2.04 11.34
N PHE C 105 -3.50 -3.12 11.90
CA PHE C 105 -4.20 -4.39 11.93
C PHE C 105 -3.58 -5.28 12.99
N VAL C 106 -4.37 -6.20 13.46
CA VAL C 106 -3.87 -7.30 14.29
C VAL C 106 -3.59 -8.42 13.32
N HIS C 107 -2.45 -9.09 13.49
CA HIS C 107 -2.12 -10.19 12.60
C HIS C 107 -3.10 -11.33 12.80
N GLY C 108 -3.45 -11.99 11.71
CA GLY C 108 -4.53 -12.95 11.73
C GLY C 108 -4.08 -14.27 11.15
N VAL C 109 -2.81 -14.57 11.41
CA VAL C 109 -2.17 -15.80 10.98
C VAL C 109 -1.43 -16.40 12.16
N THR C 110 -1.71 -17.67 12.49
CA THR C 110 -2.63 -18.56 11.76
C THR C 110 -4.07 -18.32 12.23
N VAL C 111 -4.19 -17.67 13.38
CA VAL C 111 -5.44 -17.17 13.91
C VAL C 111 -5.18 -15.72 14.29
N LYS C 112 -6.20 -15.04 14.81
CA LYS C 112 -6.05 -13.67 15.26
C LYS C 112 -5.02 -13.61 16.39
N ASN C 113 -3.90 -12.93 16.13
CA ASN C 113 -2.77 -12.89 17.05
C ASN C 113 -3.12 -11.99 18.22
N ARG C 114 -3.86 -12.56 19.16
CA ARG C 114 -4.18 -11.88 20.40
C ARG C 114 -4.12 -12.88 21.53
N MET C 115 -3.95 -12.35 22.74
CA MET C 115 -3.75 -13.18 23.92
C MET C 115 -4.66 -12.70 25.01
N ILE C 116 -5.34 -13.63 25.66
CA ILE C 116 -6.11 -13.34 26.86
C ILE C 116 -5.55 -14.23 27.96
N ARG C 117 -5.50 -13.71 29.18
CA ARG C 117 -4.94 -14.48 30.28
C ARG C 117 -5.61 -14.01 31.56
N LEU C 118 -6.19 -14.94 32.30
CA LEU C 118 -6.86 -14.57 33.54
C LEU C 118 -5.99 -14.96 34.72
N HIS C 119 -6.28 -14.35 35.86
CA HIS C 119 -5.56 -14.59 37.10
C HIS C 119 -6.58 -14.76 38.21
N PRO C 120 -6.27 -15.54 39.26
CA PRO C 120 -7.28 -15.85 40.29
C PRO C 120 -7.77 -14.64 41.08
N ASP C 121 -7.03 -13.54 41.10
CA ASP C 121 -7.47 -12.36 41.84
C ASP C 121 -8.34 -11.43 41.02
N GLY C 122 -8.30 -11.54 39.70
CA GLY C 122 -9.17 -10.74 38.86
C GLY C 122 -8.43 -10.08 37.73
N THR C 123 -7.09 -10.08 37.82
CA THR C 123 -6.26 -9.41 36.84
C THR C 123 -6.38 -10.09 35.48
N VAL C 124 -6.54 -9.28 34.44
CA VAL C 124 -6.65 -9.76 33.07
C VAL C 124 -5.47 -9.20 32.31
N LEU C 125 -4.78 -10.05 31.56
CA LEU C 125 -3.73 -9.61 30.66
C LEU C 125 -4.20 -9.84 29.24
N TYR C 126 -4.00 -8.85 28.38
CA TYR C 126 -4.58 -8.86 27.06
C TYR C 126 -3.54 -8.30 26.12
N GLY C 127 -3.02 -9.15 25.25
CA GLY C 127 -1.94 -8.79 24.36
C GLY C 127 -2.40 -8.92 22.92
N LEU C 128 -1.85 -8.08 22.07
CA LEU C 128 -2.10 -8.13 20.65
C LEU C 128 -0.77 -8.02 19.94
N ARG C 129 -0.74 -8.47 18.69
CA ARG C 129 0.45 -8.31 17.87
C ARG C 129 0.04 -7.42 16.72
N ILE C 130 0.50 -6.17 16.75
CA ILE C 130 -0.02 -5.11 15.92
C ILE C 130 1.09 -4.61 15.03
N THR C 131 0.79 -4.48 13.74
CA THR C 131 1.65 -3.77 12.81
C THR C 131 0.89 -2.53 12.41
N THR C 132 1.44 -1.37 12.71
CA THR C 132 0.74 -0.12 12.50
C THR C 132 1.64 0.84 11.76
N THR C 133 1.04 1.62 10.88
CA THR C 133 1.75 2.63 10.11
C THR C 133 1.34 3.95 10.74
N ALA C 134 2.20 4.48 11.59
CA ALA C 134 1.89 5.70 12.31
C ALA C 134 2.50 6.86 11.54
N ALA C 135 1.79 7.98 11.52
CA ALA C 135 2.20 9.14 10.74
C ALA C 135 2.97 10.07 11.64
N CYS C 136 4.18 10.42 11.23
CA CYS C 136 4.96 11.41 11.94
C CYS C 136 5.57 12.40 10.97
N MET C 137 5.28 13.68 11.17
CA MET C 137 5.79 14.70 10.28
C MET C 137 7.22 15.01 10.64
N MET C 138 8.09 14.99 9.64
CA MET C 138 9.51 15.14 9.87
C MET C 138 9.94 16.54 9.46
N ASP C 139 11.02 17.02 10.08
CA ASP C 139 11.59 18.31 9.75
C ASP C 139 12.86 18.02 8.96
N LEU C 140 12.77 18.20 7.65
CA LEU C 140 13.85 17.84 6.75
C LEU C 140 14.66 19.05 6.32
N ARG C 141 14.82 20.03 7.20
CA ARG C 141 15.64 21.19 6.86
C ARG C 141 17.13 20.87 6.94
N ARG C 142 17.49 19.75 7.56
CA ARG C 142 18.88 19.32 7.69
C ARG C 142 19.10 17.94 7.07
N TYR C 143 18.20 17.50 6.19
CA TYR C 143 18.34 16.21 5.53
C TYR C 143 19.60 16.16 4.66
N PRO C 144 20.37 15.07 4.71
CA PRO C 144 20.22 13.86 5.52
C PRO C 144 20.99 13.85 6.85
N LEU C 145 21.52 15.00 7.27
CA LEU C 145 22.22 15.11 8.55
C LEU C 145 21.27 15.55 9.65
N ASP C 146 20.16 14.85 9.78
CA ASP C 146 19.09 15.26 10.66
C ASP C 146 18.79 14.15 11.66
N GLU C 147 18.10 14.54 12.73
CA GLU C 147 17.63 13.62 13.80
C GLU C 147 16.16 13.96 14.06
N GLN C 148 15.24 13.03 13.76
CA GLN C 148 13.78 13.32 13.91
C GLN C 148 13.17 12.48 15.03
N ASN C 149 12.46 13.13 15.97
CA ASN C 149 11.75 12.37 17.03
C ASN C 149 10.27 12.30 16.65
N CYS C 150 9.77 11.10 16.32
CA CYS C 150 8.33 10.95 16.02
C CYS C 150 7.77 9.82 16.88
N THR C 151 6.53 9.98 17.37
CA THR C 151 6.02 9.04 18.40
C THR C 151 4.76 8.27 18.00
N LEU C 152 4.35 7.38 18.92
CA LEU C 152 3.12 6.61 18.88
C LEU C 152 2.36 7.04 20.12
N GLU C 153 1.17 7.58 19.93
CA GLU C 153 0.34 7.99 21.05
C GLU C 153 -0.66 6.90 21.32
N ILE C 154 -0.85 6.60 22.59
CA ILE C 154 -1.72 5.51 23.02
C ILE C 154 -2.76 6.16 23.92
N GLU C 155 -4.01 6.17 23.46
CA GLU C 155 -5.06 6.90 24.13
C GLU C 155 -6.27 5.99 24.28
N SER C 156 -7.21 6.41 25.13
CA SER C 156 -8.48 5.73 25.31
C SER C 156 -9.52 6.52 24.55
N TYR C 157 -10.36 5.84 23.78
CA TYR C 157 -11.31 6.59 22.97
C TYR C 157 -12.57 6.94 23.74
N GLY C 158 -13.24 5.96 24.33
CA GLY C 158 -14.54 6.24 24.87
C GLY C 158 -14.53 6.72 26.30
N TYR C 159 -13.62 6.19 27.09
CA TYR C 159 -13.59 6.42 28.53
C TYR C 159 -12.64 7.56 28.84
N THR C 160 -13.15 8.54 29.59
CA THR C 160 -12.38 9.72 29.98
C THR C 160 -11.41 9.36 31.10
N THR C 161 -10.72 10.36 31.63
CA THR C 161 -9.73 10.11 32.67
C THR C 161 -10.35 9.83 34.03
N ASP C 162 -11.67 9.99 34.16
CA ASP C 162 -12.39 9.60 35.36
C ASP C 162 -13.09 8.25 35.22
N ASP C 163 -12.82 7.53 34.13
CA ASP C 163 -13.28 6.17 33.92
C ASP C 163 -12.16 5.19 33.69
N ILE C 164 -10.96 5.65 33.34
CA ILE C 164 -9.87 4.76 32.98
C ILE C 164 -8.57 5.52 33.25
N GLU C 165 -7.51 4.76 33.52
CA GLU C 165 -6.20 5.34 33.78
C GLU C 165 -5.19 4.52 33.00
N PHE C 166 -4.30 5.20 32.29
CA PHE C 166 -3.24 4.53 31.56
C PHE C 166 -1.93 4.78 32.28
N TYR C 167 -1.07 3.78 32.29
CA TYR C 167 0.27 3.90 32.84
C TYR C 167 1.13 2.79 32.25
N TRP C 168 2.42 3.05 32.19
CA TRP C 168 3.37 2.05 31.73
C TRP C 168 3.64 1.06 32.85
N ARG C 169 3.49 -0.23 32.55
CA ARG C 169 3.67 -1.29 33.55
C ARG C 169 5.16 -1.52 33.78
N GLY C 170 5.70 -0.79 34.74
CA GLY C 170 7.13 -0.81 34.99
C GLY C 170 7.74 0.57 34.94
N ASP C 171 7.24 1.37 33.99
CA ASP C 171 7.48 2.80 33.74
C ASP C 171 8.88 3.07 33.18
N ASP C 172 9.74 2.07 33.18
CA ASP C 172 11.01 2.13 32.47
C ASP C 172 11.34 0.85 31.71
N ASN C 173 10.80 -0.29 32.12
CA ASN C 173 10.97 -1.55 31.42
C ASN C 173 9.66 -1.98 30.76
N ALA C 174 8.74 -1.04 30.55
CA ALA C 174 7.47 -1.37 29.93
C ALA C 174 7.64 -1.61 28.44
N VAL C 175 8.57 -0.90 27.81
CA VAL C 175 8.85 -1.04 26.39
C VAL C 175 10.21 -1.69 26.27
N THR C 176 10.24 -2.88 25.66
CA THR C 176 11.47 -3.64 25.49
C THR C 176 11.72 -3.89 24.03
N GLY C 177 12.96 -4.29 23.72
CA GLY C 177 13.32 -4.64 22.36
C GLY C 177 13.70 -3.48 21.48
N VAL C 178 13.98 -2.31 22.05
CA VAL C 178 14.31 -1.16 21.22
C VAL C 178 15.79 -1.19 20.83
N THR C 179 16.65 -1.64 21.74
CA THR C 179 18.08 -1.67 21.48
C THR C 179 18.47 -2.78 20.51
N LYS C 180 17.58 -3.74 20.26
CA LYS C 180 17.82 -4.85 19.35
C LYS C 180 17.25 -4.58 17.96
N ILE C 181 16.75 -3.38 17.72
CA ILE C 181 16.15 -3.02 16.44
C ILE C 181 17.25 -2.50 15.53
N GLU C 182 17.34 -3.06 14.33
CA GLU C 182 18.32 -2.64 13.34
C GLU C 182 17.58 -2.10 12.13
N LEU C 183 17.84 -0.85 11.81
CA LEU C 183 17.25 -0.18 10.67
C LEU C 183 18.29 -0.01 9.56
N PRO C 184 17.87 -0.03 8.28
CA PRO C 184 18.85 0.11 7.20
C PRO C 184 19.36 1.53 7.05
N GLN C 185 18.60 2.53 7.48
CA GLN C 185 18.93 3.93 7.24
C GLN C 185 19.14 4.73 8.52
N PHE C 186 18.45 4.42 9.60
CA PHE C 186 18.51 5.18 10.83
C PHE C 186 19.20 4.37 11.92
N SER C 187 19.25 4.96 13.12
CA SER C 187 19.78 4.28 14.29
C SER C 187 19.14 4.89 15.52
N ILE C 188 18.44 4.07 16.31
CA ILE C 188 17.73 4.55 17.49
C ILE C 188 18.75 4.99 18.53
N VAL C 189 18.80 6.29 18.82
CA VAL C 189 19.74 6.80 19.81
C VAL C 189 19.13 6.79 21.20
N ASP C 190 17.83 7.09 21.31
CA ASP C 190 17.16 7.22 22.59
C ASP C 190 15.67 7.03 22.38
N TYR C 191 14.99 6.64 23.45
CA TYR C 191 13.54 6.51 23.44
C TYR C 191 13.01 6.92 24.78
N LYS C 192 11.77 7.42 24.79
CA LYS C 192 11.19 7.98 26.00
C LYS C 192 9.75 7.53 26.14
N LEU C 193 9.31 7.40 27.38
CA LEU C 193 7.94 7.02 27.72
C LEU C 193 7.34 8.20 28.46
N ILE C 194 6.11 8.54 28.12
CA ILE C 194 5.45 9.73 28.62
C ILE C 194 4.03 9.38 29.02
N THR C 195 3.61 9.86 30.18
CA THR C 195 2.22 9.80 30.62
C THR C 195 1.67 11.21 30.54
N LYS C 196 0.38 11.31 30.22
CA LYS C 196 -0.18 12.61 29.91
C LYS C 196 -1.70 12.51 30.02
N LYS C 197 -2.35 13.67 30.00
CA LYS C 197 -3.80 13.76 29.91
C LYS C 197 -4.10 14.83 28.88
N VAL C 198 -4.86 14.48 27.86
CA VAL C 198 -5.23 15.45 26.84
C VAL C 198 -6.68 15.85 27.08
N VAL C 199 -7.05 17.03 26.57
CA VAL C 199 -8.36 17.60 26.81
C VAL C 199 -8.97 17.94 25.47
N PHE C 200 -10.11 17.32 25.16
CA PHE C 200 -10.90 17.59 23.98
C PHE C 200 -12.22 18.22 24.40
N SER C 201 -13.07 18.48 23.42
CA SER C 201 -14.39 19.04 23.70
C SER C 201 -15.35 18.06 24.37
N THR C 202 -14.99 16.78 24.47
CA THR C 202 -15.86 15.80 25.10
C THR C 202 -15.43 15.43 26.51
N GLY C 203 -14.18 15.69 26.87
CA GLY C 203 -13.70 15.37 28.20
C GLY C 203 -12.19 15.38 28.22
N SER C 204 -11.65 14.83 29.30
CA SER C 204 -10.22 14.70 29.49
C SER C 204 -9.85 13.23 29.39
N TYR C 205 -8.86 12.91 28.55
CA TYR C 205 -8.56 11.53 28.27
C TYR C 205 -7.11 11.22 28.61
N PRO C 206 -6.82 10.03 29.13
CA PRO C 206 -5.43 9.68 29.43
C PRO C 206 -4.70 9.35 28.14
N ARG C 207 -3.39 9.58 28.16
CA ARG C 207 -2.60 9.32 26.98
C ARG C 207 -1.24 8.83 27.42
N LEU C 208 -0.72 7.84 26.70
CA LEU C 208 0.66 7.46 26.79
C LEU C 208 1.31 7.75 25.45
N SER C 209 2.61 7.97 25.48
CA SER C 209 3.33 8.34 24.27
C SER C 209 4.66 7.64 24.30
N LEU C 210 4.98 6.97 23.19
CA LEU C 210 6.25 6.27 23.05
C LEU C 210 6.96 6.94 21.89
N SER C 211 8.09 7.58 22.20
CA SER C 211 8.88 8.38 21.21
C SER C 211 10.26 7.78 20.99
N PHE C 212 10.71 7.74 19.73
CA PHE C 212 12.06 7.24 19.39
C PHE C 212 12.85 8.33 18.65
N LYS C 213 14.06 8.63 19.11
CA LYS C 213 14.92 9.62 18.39
C LYS C 213 15.82 8.84 17.45
N LEU C 214 15.69 9.09 16.14
CA LEU C 214 16.43 8.35 15.14
C LEU C 214 17.43 9.29 14.50
N LYS C 215 18.69 8.92 14.54
CA LYS C 215 19.73 9.70 13.89
C LYS C 215 20.02 9.00 12.59
N ARG C 216 20.04 9.76 11.51
CA ARG C 216 20.16 9.15 10.19
C ARG C 216 21.61 8.83 9.90
N ASN C 217 21.83 7.69 9.27
CA ASN C 217 23.18 7.34 8.87
C ASN C 217 23.59 8.13 7.64
N ILE C 218 24.89 8.17 7.40
CA ILE C 218 25.44 9.07 6.40
C ILE C 218 26.18 8.34 5.27
N GLY C 219 26.65 7.10 5.51
CA GLY C 219 27.48 6.40 4.53
C GLY C 219 26.76 6.18 3.21
N TYR C 220 25.47 5.83 3.28
CA TYR C 220 24.64 5.67 2.10
C TYR C 220 24.58 6.97 1.30
N PHE C 221 24.28 8.06 2.00
CA PHE C 221 24.16 9.36 1.37
C PHE C 221 25.50 9.86 0.86
N ILE C 222 26.59 9.58 1.60
CA ILE C 222 27.94 9.88 1.11
C ILE C 222 28.17 9.25 -0.24
N LEU C 223 28.15 7.91 -0.31
CA LEU C 223 28.45 7.22 -1.56
C LEU C 223 27.40 7.45 -2.67
N GLN C 224 26.17 7.84 -2.32
CA GLN C 224 25.17 8.03 -3.36
C GLN C 224 25.16 9.45 -3.91
N THR C 225 25.32 10.46 -3.07
CA THR C 225 25.18 11.82 -3.59
C THR C 225 26.40 12.68 -3.31
N TYR C 226 27.06 12.51 -2.16
CA TYR C 226 28.11 13.46 -1.84
C TYR C 226 29.36 13.10 -2.62
N MET C 227 29.64 11.81 -2.76
CA MET C 227 30.78 11.38 -3.56
C MET C 227 30.60 11.71 -5.05
N PRO C 228 29.45 11.43 -5.71
CA PRO C 228 29.33 11.86 -7.13
C PRO C 228 29.43 13.36 -7.33
N SER C 229 28.82 14.17 -6.45
CA SER C 229 28.87 15.61 -6.63
C SER C 229 30.28 16.17 -6.45
N ILE C 230 30.99 15.71 -5.41
CA ILE C 230 32.39 16.12 -5.23
C ILE C 230 33.23 15.67 -6.42
N LEU C 231 32.98 14.46 -6.94
CA LEU C 231 33.75 13.97 -8.09
C LEU C 231 33.47 14.76 -9.35
N ILE C 232 32.21 15.16 -9.59
CA ILE C 232 31.91 16.01 -10.74
C ILE C 232 32.56 17.39 -10.58
N THR C 233 32.59 17.92 -9.35
CA THR C 233 33.23 19.21 -9.13
C THR C 233 34.75 19.12 -9.28
N ILE C 234 35.36 17.99 -8.90
CA ILE C 234 36.78 17.77 -9.17
C ILE C 234 37.02 17.67 -10.67
N LEU C 235 36.14 16.94 -11.38
CA LEU C 235 36.23 16.77 -12.82
C LEU C 235 36.14 18.11 -13.54
N SER C 236 35.28 19.01 -13.06
CA SER C 236 35.11 20.31 -13.69
C SER C 236 36.29 21.25 -13.48
N TRP C 237 37.36 20.81 -12.82
CA TRP C 237 38.54 21.65 -12.60
C TRP C 237 39.66 21.34 -13.57
N VAL C 238 39.61 20.22 -14.28
CA VAL C 238 40.62 19.92 -15.29
C VAL C 238 40.44 20.78 -16.53
N SER C 239 39.43 21.65 -16.56
CA SER C 239 39.25 22.59 -17.65
C SER C 239 40.31 23.66 -17.67
N PHE C 240 40.95 23.92 -16.53
CA PHE C 240 42.01 24.92 -16.46
C PHE C 240 43.35 24.34 -16.88
N TRP C 241 43.60 23.06 -16.58
CA TRP C 241 44.84 22.42 -16.99
C TRP C 241 44.95 22.31 -18.51
N ILE C 242 43.82 22.24 -19.21
CA ILE C 242 43.83 22.30 -20.66
C ILE C 242 44.13 23.74 -21.08
N ASN C 243 44.94 23.89 -22.13
CA ASN C 243 45.31 25.21 -22.63
C ASN C 243 44.09 25.97 -23.15
N TYR C 244 44.12 27.30 -23.00
CA TYR C 244 43.01 28.14 -23.43
C TYR C 244 42.88 28.28 -24.95
N ASP C 245 43.72 27.61 -25.75
CA ASP C 245 43.54 27.67 -27.20
C ASP C 245 42.45 26.71 -27.65
N ALA C 246 42.54 25.45 -27.23
CA ALA C 246 41.50 24.48 -27.51
C ALA C 246 40.24 24.88 -26.74
N SER C 247 39.23 25.36 -27.46
CA SER C 247 38.03 25.86 -26.80
C SER C 247 36.94 24.80 -26.68
N ALA C 248 36.73 24.03 -27.76
CA ALA C 248 35.65 23.04 -27.83
C ALA C 248 35.77 22.00 -26.73
N ALA C 249 37.01 21.59 -26.43
CA ALA C 249 37.27 20.60 -25.38
C ALA C 249 36.82 21.12 -24.03
N ARG C 250 37.19 22.36 -23.70
CA ARG C 250 36.84 22.94 -22.41
C ARG C 250 35.34 23.16 -22.29
N VAL C 251 34.70 23.56 -23.40
CA VAL C 251 33.24 23.73 -23.39
C VAL C 251 32.53 22.41 -23.15
N ALA C 252 32.92 21.37 -23.92
CA ALA C 252 32.34 20.03 -23.75
C ALA C 252 32.51 19.52 -22.34
N LEU C 253 33.71 19.69 -21.78
CA LEU C 253 34.01 19.23 -20.42
C LEU C 253 33.16 19.96 -19.38
N GLY C 254 33.21 21.30 -19.39
CA GLY C 254 32.47 22.08 -18.39
C GLY C 254 30.97 21.92 -18.50
N ILE C 255 30.43 21.95 -19.73
CA ILE C 255 29.00 21.77 -19.93
C ILE C 255 28.58 20.36 -19.51
N THR C 256 29.45 19.36 -19.73
CA THR C 256 29.11 18.00 -19.34
C THR C 256 29.03 17.88 -17.83
N THR C 257 29.90 18.60 -17.10
CA THR C 257 29.80 18.63 -15.65
C THR C 257 28.53 19.34 -15.18
N VAL C 258 28.18 20.46 -15.82
CA VAL C 258 26.95 21.18 -15.45
C VAL C 258 25.70 20.32 -15.71
N LEU C 259 25.66 19.64 -16.87
CA LEU C 259 24.52 18.77 -17.16
C LEU C 259 24.48 17.59 -16.21
N THR C 260 25.64 17.04 -15.86
CA THR C 260 25.69 15.93 -14.90
C THR C 260 25.19 16.37 -13.53
N MET C 261 25.50 17.62 -13.16
CA MET C 261 24.97 18.17 -11.91
C MET C 261 23.45 18.27 -11.97
N THR C 262 22.91 18.72 -13.11
CA THR C 262 21.45 18.77 -13.24
C THR C 262 20.83 17.36 -13.16
N THR C 263 21.44 16.37 -13.83
CA THR C 263 20.93 14.99 -13.77
C THR C 263 20.98 14.42 -12.37
N ILE C 264 22.11 14.60 -11.66
CA ILE C 264 22.22 14.14 -10.27
C ILE C 264 21.15 14.81 -9.40
N ASN C 265 20.93 16.12 -9.58
CA ASN C 265 19.95 16.83 -8.78
C ASN C 265 18.53 16.32 -9.07
N THR C 266 18.16 16.21 -10.35
CA THR C 266 16.83 15.73 -10.74
C THR C 266 16.56 14.27 -10.40
N HIS C 267 17.57 13.38 -10.43
CA HIS C 267 17.24 11.99 -10.14
C HIS C 267 17.04 11.73 -8.66
N LEU C 268 17.56 12.60 -7.80
CA LEU C 268 17.59 12.38 -6.36
C LEU C 268 16.54 13.19 -5.61
N ARG C 269 16.16 14.35 -6.15
CA ARG C 269 15.19 15.21 -5.50
C ARG C 269 13.81 14.56 -5.49
N GLU C 270 13.53 13.68 -6.46
CA GLU C 270 12.19 13.12 -6.69
C GLU C 270 11.81 12.09 -5.64
N THR C 271 12.75 11.75 -4.75
CA THR C 271 12.61 10.69 -3.76
C THR C 271 11.73 11.12 -2.60
N LEU C 272 12.08 12.24 -2.00
CA LEU C 272 11.44 12.75 -0.80
C LEU C 272 10.29 13.67 -1.19
N PRO C 273 9.41 14.06 -0.24
CA PRO C 273 8.29 14.96 -0.58
C PRO C 273 8.71 16.35 -1.01
N LYS C 274 7.71 17.04 -1.55
CA LYS C 274 7.85 18.29 -2.27
C LYS C 274 7.83 19.39 -1.21
N ILE C 275 8.90 19.42 -0.42
CA ILE C 275 9.05 20.34 0.70
C ILE C 275 9.66 21.65 0.25
N PRO C 276 9.12 22.77 0.74
CA PRO C 276 9.59 24.08 0.25
C PRO C 276 10.96 24.49 0.73
N TYR C 277 11.29 24.23 1.99
CA TYR C 277 12.53 24.70 2.57
C TYR C 277 13.73 24.03 1.91
N VAL C 278 14.90 24.64 2.10
CA VAL C 278 16.13 24.15 1.49
C VAL C 278 16.78 23.20 2.47
N LYS C 279 16.97 21.96 2.04
CA LYS C 279 17.62 20.94 2.84
C LYS C 279 19.13 21.13 2.84
N ALA C 280 19.82 20.26 3.59
CA ALA C 280 21.27 20.32 3.60
C ALA C 280 21.80 19.77 2.29
N ILE C 281 21.17 18.69 1.80
CA ILE C 281 21.56 18.10 0.54
C ILE C 281 21.29 19.05 -0.61
N ASP C 282 20.22 19.85 -0.51
CA ASP C 282 19.93 20.87 -1.52
C ASP C 282 20.95 22.00 -1.46
N MET C 283 21.36 22.39 -0.25
CA MET C 283 22.41 23.37 -0.09
C MET C 283 23.72 22.90 -0.74
N TYR C 284 24.08 21.64 -0.49
CA TYR C 284 25.30 21.09 -1.08
C TYR C 284 25.21 21.02 -2.60
N LEU C 285 24.06 20.58 -3.14
CA LEU C 285 23.91 20.50 -4.59
C LEU C 285 23.93 21.87 -5.23
N MET C 286 23.28 22.87 -4.61
CA MET C 286 23.35 24.22 -5.15
C MET C 286 24.75 24.80 -5.04
N GLY C 287 25.49 24.46 -3.98
CA GLY C 287 26.89 24.87 -3.88
C GLY C 287 27.74 24.28 -4.99
N CYS C 288 27.59 22.97 -5.23
CA CYS C 288 28.32 22.33 -6.32
C CYS C 288 27.91 22.92 -7.67
N PHE C 289 26.61 23.21 -7.84
CA PHE C 289 26.13 23.81 -9.09
C PHE C 289 26.69 25.21 -9.31
N VAL C 290 26.67 26.07 -8.28
CA VAL C 290 27.23 27.41 -8.45
C VAL C 290 28.73 27.32 -8.70
N PHE C 291 29.41 26.35 -8.08
CA PHE C 291 30.85 26.19 -8.32
C PHE C 291 31.14 25.81 -9.78
N VAL C 292 30.45 24.78 -10.31
CA VAL C 292 30.69 24.39 -11.70
C VAL C 292 30.21 25.50 -12.66
N PHE C 293 29.15 26.21 -12.30
CA PHE C 293 28.65 27.34 -13.09
C PHE C 293 29.70 28.45 -13.16
N MET C 294 30.27 28.81 -12.01
CA MET C 294 31.32 29.82 -11.96
C MET C 294 32.58 29.34 -12.66
N ALA C 295 32.85 28.03 -12.65
CA ALA C 295 33.98 27.51 -13.42
C ALA C 295 33.78 27.76 -14.90
N LEU C 296 32.55 27.52 -15.39
CA LEU C 296 32.24 27.80 -16.78
C LEU C 296 32.31 29.30 -17.08
N LEU C 297 31.84 30.14 -16.16
CA LEU C 297 31.95 31.59 -16.34
C LEU C 297 33.41 32.06 -16.36
N GLU C 298 34.26 31.49 -15.51
CA GLU C 298 35.68 31.83 -15.56
C GLU C 298 36.31 31.41 -16.88
N TYR C 299 35.93 30.23 -17.39
CA TYR C 299 36.40 29.84 -18.72
C TYR C 299 35.93 30.83 -19.78
N ALA C 300 34.66 31.27 -19.68
CA ALA C 300 34.11 32.25 -20.62
C ALA C 300 34.89 33.56 -20.56
N LEU C 301 35.26 33.98 -19.34
CA LEU C 301 36.04 35.20 -19.17
C LEU C 301 37.44 35.04 -19.76
N VAL C 302 38.04 33.84 -19.59
CA VAL C 302 39.34 33.55 -20.21
C VAL C 302 39.24 33.61 -21.73
N ASN C 303 38.15 33.07 -22.28
CA ASN C 303 37.95 33.08 -23.73
C ASN C 303 37.60 34.46 -24.26
N TYR C 304 37.04 35.33 -23.40
CA TYR C 304 36.65 36.67 -23.84
C TYR C 304 37.86 37.55 -24.08
N ILE C 305 38.91 37.39 -23.27
CA ILE C 305 40.09 38.24 -23.36
C ILE C 305 41.21 37.32 -23.87
N PHE C 306 40.83 36.32 -24.66
CA PHE C 306 41.84 35.42 -25.22
C PHE C 306 42.48 35.98 -26.47
N PHE C 307 41.71 36.66 -27.32
CA PHE C 307 42.27 37.23 -28.55
C PHE C 307 43.17 38.43 -28.28
N SER C 308 42.95 39.15 -27.19
CA SER C 308 43.66 40.40 -26.98
C SER C 308 45.00 40.20 -26.26
N GLN C 309 44.97 39.58 -25.07
CA GLN C 309 46.20 39.32 -24.35
C GLN C 309 46.21 37.91 -23.76
N PRO C 310 47.29 37.16 -23.93
CA PRO C 310 47.35 35.83 -23.32
C PRO C 310 47.88 35.88 -21.90
N ALA C 311 48.49 37.00 -21.53
CA ALA C 311 49.05 37.17 -20.19
C ALA C 311 47.96 37.15 -19.12
N ARG C 312 46.92 37.99 -19.31
CA ARG C 312 45.80 38.01 -18.37
C ARG C 312 45.04 36.69 -18.36
N ALA C 313 44.93 36.03 -19.51
CA ALA C 313 44.26 34.73 -19.59
C ALA C 313 45.01 33.67 -18.80
N ALA C 314 46.33 33.57 -19.02
CA ALA C 314 47.16 32.63 -18.29
C ALA C 314 47.18 32.95 -16.80
N ALA C 315 47.17 34.25 -16.44
CA ALA C 315 47.13 34.67 -15.05
C ALA C 315 45.84 34.22 -14.36
N ILE C 316 44.70 34.41 -15.03
CA ILE C 316 43.42 33.97 -14.49
C ILE C 316 43.37 32.45 -14.39
N ASP C 317 43.97 31.75 -15.35
CA ASP C 317 44.00 30.29 -15.33
C ASP C 317 44.83 29.76 -14.14
N ARG C 318 46.05 30.30 -13.96
CA ARG C 318 46.86 29.84 -12.84
C ARG C 318 46.34 30.35 -11.50
N TRP C 319 45.56 31.43 -11.50
CA TRP C 319 44.92 31.89 -10.28
C TRP C 319 43.77 30.97 -9.91
N SER C 320 43.00 30.53 -10.92
CA SER C 320 41.90 29.62 -10.70
C SER C 320 42.39 28.27 -10.21
N ARG C 321 43.45 27.73 -10.84
CA ARG C 321 44.03 26.44 -10.47
C ARG C 321 44.53 26.38 -9.03
N ILE C 322 44.75 27.53 -8.39
CA ILE C 322 45.24 27.61 -7.03
C ILE C 322 44.13 28.02 -6.07
N PHE C 323 43.22 28.89 -6.51
CA PHE C 323 42.24 29.48 -5.62
C PHE C 323 40.87 28.80 -5.67
N PHE C 324 40.63 27.90 -6.63
CA PHE C 324 39.36 27.18 -6.64
C PHE C 324 39.32 26.02 -5.64
N PRO C 325 40.32 25.11 -5.56
CA PRO C 325 40.23 24.06 -4.53
C PRO C 325 40.21 24.59 -3.10
N VAL C 326 40.91 25.69 -2.82
CA VAL C 326 40.90 26.23 -1.46
C VAL C 326 39.50 26.78 -1.10
N VAL C 327 38.85 27.52 -2.01
CA VAL C 327 37.51 28.05 -1.73
C VAL C 327 36.48 26.92 -1.67
N PHE C 328 36.63 25.89 -2.52
CA PHE C 328 35.75 24.73 -2.45
C PHE C 328 35.92 23.99 -1.14
N SER C 329 37.16 23.78 -0.70
CA SER C 329 37.41 23.10 0.57
C SER C 329 36.92 23.96 1.73
N PHE C 330 37.01 25.29 1.62
CA PHE C 330 36.47 26.16 2.66
C PHE C 330 34.96 26.01 2.76
N PHE C 331 34.26 26.03 1.62
CA PHE C 331 32.82 25.79 1.61
C PHE C 331 32.48 24.41 2.14
N ASN C 332 33.26 23.40 1.76
CA ASN C 332 33.03 22.02 2.18
C ASN C 332 33.19 21.89 3.70
N ILE C 333 34.21 22.55 4.27
CA ILE C 333 34.46 22.52 5.71
C ILE C 333 33.36 23.26 6.45
N VAL C 334 32.94 24.42 5.93
CA VAL C 334 31.82 25.18 6.50
C VAL C 334 30.55 24.33 6.52
N TYR C 335 30.31 23.60 5.43
CA TYR C 335 29.14 22.72 5.33
C TYR C 335 29.20 21.59 6.35
N TRP C 336 30.30 20.82 6.36
CA TRP C 336 30.39 19.68 7.25
C TRP C 336 30.69 20.06 8.69
N LEU C 337 30.91 21.33 9.01
CA LEU C 337 31.00 21.74 10.39
C LEU C 337 29.75 22.44 10.88
N TYR C 338 28.97 23.05 9.98
CA TYR C 338 27.73 23.69 10.40
C TYR C 338 26.58 22.69 10.49
N TYR C 339 26.59 21.65 9.67
CA TYR C 339 25.48 20.71 9.62
C TYR C 339 25.79 19.42 10.38
N VAL C 340 26.66 19.50 11.39
CA VAL C 340 26.98 18.36 12.25
C VAL C 340 26.99 18.83 13.70
N ASP D 10 -21.97 -4.98 44.58
CA ASP D 10 -22.42 -5.39 43.27
C ASP D 10 -23.17 -4.25 42.61
N ASN D 11 -22.42 -3.24 42.15
CA ASN D 11 -22.98 -2.09 41.46
C ASN D 11 -22.99 -2.25 39.95
N THR D 12 -22.80 -3.45 39.43
CA THR D 12 -22.84 -3.68 37.99
C THR D 12 -24.16 -4.28 37.52
N THR D 13 -24.94 -4.88 38.42
CA THR D 13 -26.21 -5.48 38.02
C THR D 13 -27.26 -4.41 37.78
N VAL D 14 -27.21 -3.31 38.55
CA VAL D 14 -28.16 -2.22 38.41
C VAL D 14 -28.04 -1.55 37.04
N PHE D 15 -26.81 -1.29 36.59
CA PHE D 15 -26.62 -0.67 35.27
C PHE D 15 -26.97 -1.64 34.15
N THR D 16 -26.77 -2.93 34.37
CA THR D 16 -27.22 -3.94 33.41
C THR D 16 -28.74 -3.92 33.28
N ARG D 17 -29.45 -3.79 34.41
CA ARG D 17 -30.90 -3.71 34.41
C ARG D 17 -31.37 -2.43 33.71
N ILE D 18 -30.65 -1.33 33.93
CA ILE D 18 -30.96 -0.06 33.25
C ILE D 18 -30.80 -0.22 31.74
N LEU D 19 -29.65 -0.73 31.30
CA LEU D 19 -29.38 -0.89 29.87
C LEU D 19 -30.33 -1.90 29.22
N ASP D 20 -30.82 -2.87 29.98
CA ASP D 20 -31.76 -3.82 29.44
C ASP D 20 -33.17 -3.23 29.38
N ARG D 21 -33.50 -2.31 30.30
CA ARG D 21 -34.79 -1.64 30.22
C ARG D 21 -34.80 -0.61 29.10
N LEU D 22 -33.65 0.01 28.81
CA LEU D 22 -33.56 0.94 27.69
C LEU D 22 -33.79 0.26 26.35
N LEU D 23 -33.35 -0.98 26.22
CA LEU D 23 -33.42 -1.70 24.95
C LEU D 23 -34.60 -2.65 24.89
N ASP D 24 -35.53 -2.55 25.83
CA ASP D 24 -36.70 -3.42 25.86
C ASP D 24 -37.78 -2.77 24.99
N GLY D 25 -37.99 -3.33 23.81
CA GLY D 25 -38.94 -2.75 22.89
C GLY D 25 -38.38 -1.62 22.07
N TYR D 26 -37.06 -1.55 21.91
CA TYR D 26 -36.43 -0.50 21.13
C TYR D 26 -36.27 -0.98 19.70
N ASP D 27 -36.69 -0.15 18.75
CA ASP D 27 -36.61 -0.48 17.34
C ASP D 27 -35.62 0.49 16.69
N ASN D 28 -34.44 -0.01 16.37
CA ASN D 28 -33.36 0.81 15.81
C ASN D 28 -33.49 1.03 14.30
N ARG D 29 -34.64 0.69 13.72
CA ARG D 29 -34.95 0.99 12.32
C ARG D 29 -35.73 2.28 12.18
N LEU D 30 -36.04 2.94 13.30
CA LEU D 30 -36.88 4.12 13.34
C LEU D 30 -36.12 5.27 13.97
N ARG D 31 -36.21 6.43 13.35
CA ARG D 31 -35.52 7.59 13.90
C ARG D 31 -36.32 8.12 15.08
N PRO D 32 -35.67 8.78 16.05
CA PRO D 32 -36.40 9.30 17.21
C PRO D 32 -37.37 10.40 16.82
N GLY D 33 -38.65 10.19 17.15
CA GLY D 33 -39.65 11.15 16.77
C GLY D 33 -40.15 10.98 15.36
N LEU D 34 -40.42 9.74 14.94
CA LEU D 34 -40.77 9.49 13.54
C LEU D 34 -42.13 10.07 13.18
N GLY D 35 -43.04 10.16 14.15
CA GLY D 35 -44.39 10.59 13.85
C GLY D 35 -44.74 11.96 14.39
N GLU D 36 -43.84 12.55 15.17
CA GLU D 36 -44.17 13.81 15.84
C GLU D 36 -43.30 14.98 15.44
N ARG D 37 -41.98 14.79 15.30
CA ARG D 37 -41.09 15.91 15.10
C ARG D 37 -40.05 15.53 14.05
N VAL D 38 -39.07 16.41 13.87
CA VAL D 38 -37.99 16.23 12.90
C VAL D 38 -36.75 15.94 13.72
N THR D 39 -36.04 14.87 13.36
CA THR D 39 -34.81 14.53 14.06
C THR D 39 -33.76 15.58 13.76
N GLU D 40 -33.21 16.18 14.81
CA GLU D 40 -32.25 17.26 14.65
C GLU D 40 -30.93 16.79 15.22
N VAL D 41 -29.93 16.67 14.36
CA VAL D 41 -28.64 16.12 14.73
C VAL D 41 -27.67 17.29 14.78
N LYS D 42 -26.93 17.40 15.87
CA LYS D 42 -25.94 18.45 16.03
C LYS D 42 -24.58 17.85 15.74
N THR D 43 -23.85 18.47 14.82
CA THR D 43 -22.64 17.89 14.28
C THR D 43 -21.43 18.70 14.73
N ASP D 44 -20.28 18.05 14.77
CA ASP D 44 -19.03 18.64 15.20
C ASP D 44 -17.91 17.85 14.56
N ILE D 45 -16.85 18.56 14.22
CA ILE D 45 -15.70 17.97 13.56
C ILE D 45 -14.46 18.49 14.26
N PHE D 46 -13.62 17.59 14.73
CA PHE D 46 -12.33 17.96 15.28
C PHE D 46 -11.28 17.32 14.38
N VAL D 47 -10.57 18.14 13.63
CA VAL D 47 -9.57 17.64 12.70
C VAL D 47 -8.30 17.40 13.51
N THR D 48 -7.93 16.12 13.66
CA THR D 48 -6.74 15.80 14.43
C THR D 48 -5.49 15.96 13.59
N SER D 49 -5.64 15.88 12.28
CA SER D 49 -4.54 16.08 11.34
C SER D 49 -5.14 16.31 9.97
N PHE D 50 -4.77 17.41 9.33
CA PHE D 50 -5.18 17.65 7.96
C PHE D 50 -4.15 16.97 7.10
N GLY D 51 -4.51 15.82 6.52
CA GLY D 51 -3.57 14.96 5.86
C GLY D 51 -3.06 15.57 4.58
N PRO D 52 -2.25 14.81 3.85
CA PRO D 52 -1.65 15.37 2.64
C PRO D 52 -2.68 15.50 1.54
N VAL D 53 -2.47 16.51 0.70
CA VAL D 53 -3.36 16.77 -0.42
C VAL D 53 -2.69 16.18 -1.65
N SER D 54 -3.32 15.18 -2.24
CA SER D 54 -2.77 14.56 -3.43
C SER D 54 -3.31 15.36 -4.60
N ASP D 55 -2.45 16.21 -5.18
CA ASP D 55 -2.87 17.06 -6.27
C ASP D 55 -3.00 16.24 -7.53
N HIS D 56 -2.19 15.19 -7.65
CA HIS D 56 -2.18 14.31 -8.81
C HIS D 56 -3.46 13.50 -8.93
N ASP D 57 -4.19 13.31 -7.84
CA ASP D 57 -5.44 12.57 -7.85
C ASP D 57 -6.66 13.45 -7.63
N MET D 58 -6.45 14.76 -7.41
CA MET D 58 -7.50 15.74 -7.09
C MET D 58 -8.31 15.27 -5.88
N GLU D 59 -7.60 15.10 -4.77
CA GLU D 59 -8.20 14.60 -3.55
C GLU D 59 -7.31 15.01 -2.40
N TYR D 60 -7.85 14.87 -1.19
CA TYR D 60 -7.09 15.16 0.01
C TYR D 60 -7.53 14.17 1.07
N THR D 61 -6.73 14.08 2.12
CA THR D 61 -6.99 13.18 3.22
C THR D 61 -7.17 14.02 4.46
N ILE D 62 -8.00 13.55 5.39
CA ILE D 62 -8.25 14.28 6.61
C ILE D 62 -8.66 13.30 7.70
N ASP D 63 -8.01 13.40 8.85
CA ASP D 63 -8.28 12.54 9.99
C ASP D 63 -9.07 13.35 11.00
N VAL D 64 -10.24 12.86 11.38
CA VAL D 64 -11.18 13.66 12.15
C VAL D 64 -11.76 12.85 13.29
N PHE D 65 -12.11 13.54 14.36
CA PHE D 65 -13.12 13.06 15.28
C PHE D 65 -14.44 13.63 14.79
N PHE D 66 -15.36 12.77 14.40
CA PHE D 66 -16.62 13.20 13.86
C PHE D 66 -17.68 12.96 14.92
N ARG D 67 -18.28 14.04 15.40
CA ARG D 67 -19.18 13.99 16.54
C ARG D 67 -20.59 14.34 16.09
N GLN D 68 -21.55 13.57 16.55
CA GLN D 68 -22.95 13.84 16.29
C GLN D 68 -23.70 13.80 17.60
N SER D 69 -24.79 14.54 17.67
CA SER D 69 -25.59 14.56 18.88
C SER D 69 -27.03 14.80 18.51
N TRP D 70 -27.93 14.03 19.09
CA TRP D 70 -29.36 14.19 18.86
C TRP D 70 -30.08 13.84 20.14
N LYS D 71 -31.41 13.79 20.07
CA LYS D 71 -32.26 13.54 21.22
C LYS D 71 -33.16 12.37 20.91
N ASP D 72 -33.07 11.33 21.72
CA ASP D 72 -33.87 10.12 21.57
C ASP D 72 -34.66 9.93 22.86
N GLU D 73 -35.97 10.14 22.79
CA GLU D 73 -36.83 10.06 23.96
C GLU D 73 -37.04 8.62 24.44
N ARG D 74 -36.52 7.62 23.73
CA ARG D 74 -36.65 6.23 24.14
C ARG D 74 -35.49 5.79 25.02
N LEU D 75 -34.48 6.62 25.18
CA LEU D 75 -33.29 6.28 25.97
C LEU D 75 -33.18 7.18 27.20
N LYS D 76 -34.32 7.51 27.79
CA LYS D 76 -34.34 8.21 29.06
C LYS D 76 -34.19 7.20 30.18
N PHE D 77 -33.46 7.58 31.22
CA PHE D 77 -33.26 6.68 32.35
C PHE D 77 -33.17 7.49 33.63
N LYS D 78 -33.09 6.75 34.75
CA LYS D 78 -32.92 7.35 36.07
C LYS D 78 -32.07 6.38 36.88
N GLY D 79 -30.80 6.72 37.07
CA GLY D 79 -29.90 5.90 37.84
C GLY D 79 -28.97 6.76 38.67
N PRO D 80 -28.01 6.11 39.34
CA PRO D 80 -27.02 6.88 40.13
C PRO D 80 -26.13 7.77 39.28
N MET D 81 -25.82 7.36 38.06
CA MET D 81 -25.04 8.18 37.15
C MET D 81 -25.97 9.01 36.28
N THR D 82 -25.51 10.20 35.92
CA THR D 82 -26.31 11.09 35.08
C THR D 82 -25.92 11.00 33.61
N VAL D 83 -24.77 10.41 33.30
CA VAL D 83 -24.31 10.21 31.93
C VAL D 83 -23.69 8.82 31.88
N LEU D 84 -24.16 8.00 30.94
CA LEU D 84 -23.57 6.68 30.72
C LEU D 84 -22.59 6.79 29.56
N ARG D 85 -21.31 6.63 29.86
CA ARG D 85 -20.28 6.61 28.82
C ARG D 85 -20.06 5.15 28.46
N LEU D 86 -20.84 4.70 27.49
CA LEU D 86 -20.96 3.29 27.16
C LEU D 86 -19.89 2.88 26.15
N ASN D 87 -20.03 1.67 25.61
CA ASN D 87 -19.04 1.10 24.72
C ASN D 87 -19.36 1.46 23.28
N ASN D 88 -18.53 0.98 22.37
CA ASN D 88 -18.75 1.15 20.95
C ASN D 88 -19.54 0.01 20.33
N LEU D 89 -20.02 -0.92 21.14
CA LEU D 89 -20.90 -1.99 20.69
C LEU D 89 -22.34 -1.78 21.13
N MET D 90 -22.62 -0.73 21.89
CA MET D 90 -23.98 -0.33 22.18
C MET D 90 -24.56 0.56 21.10
N ALA D 91 -23.70 1.27 20.38
CA ALA D 91 -24.13 2.15 19.30
C ALA D 91 -24.63 1.42 18.07
N SER D 92 -24.43 0.11 17.98
CA SER D 92 -24.95 -0.66 16.85
C SER D 92 -26.35 -1.20 17.10
N LYS D 93 -26.80 -1.22 18.35
CA LYS D 93 -28.13 -1.70 18.69
C LYS D 93 -29.17 -0.60 18.71
N ILE D 94 -28.77 0.66 18.57
CA ILE D 94 -29.68 1.78 18.67
C ILE D 94 -29.61 2.55 17.36
N TRP D 95 -30.48 3.54 17.23
CA TRP D 95 -30.50 4.33 16.01
C TRP D 95 -29.39 5.35 16.07
N THR D 96 -28.65 5.46 14.97
CA THR D 96 -27.60 6.45 14.78
C THR D 96 -27.81 6.98 13.38
N PRO D 97 -27.53 8.27 13.14
CA PRO D 97 -27.76 8.82 11.81
C PRO D 97 -26.75 8.27 10.82
N ASP D 98 -27.21 8.12 9.59
CA ASP D 98 -26.39 7.56 8.54
C ASP D 98 -25.82 8.68 7.68
N THR D 99 -24.87 9.37 8.30
CA THR D 99 -24.16 10.44 7.64
C THR D 99 -23.18 9.86 6.66
N PHE D 100 -23.14 10.44 5.46
CA PHE D 100 -22.16 10.05 4.46
C PHE D 100 -21.59 11.30 3.86
N PHE D 101 -20.40 11.18 3.29
CA PHE D 101 -19.73 12.32 2.72
C PHE D 101 -20.03 12.38 1.24
N HIS D 102 -20.62 13.50 0.81
CA HIS D 102 -21.08 13.64 -0.58
C HIS D 102 -19.93 13.64 -1.56
N ASN D 103 -18.74 14.04 -1.12
CA ASN D 103 -17.58 14.09 -2.00
C ASN D 103 -16.48 13.18 -1.47
N GLY D 104 -16.80 12.28 -0.55
CA GLY D 104 -15.82 11.35 -0.06
C GLY D 104 -15.59 10.25 -1.07
N LYS D 105 -14.32 9.89 -1.25
CA LYS D 105 -13.96 8.89 -2.25
C LYS D 105 -13.86 7.51 -1.63
N LYS D 106 -12.94 7.33 -0.68
CA LYS D 106 -12.80 6.04 -0.01
C LYS D 106 -12.30 6.33 1.41
N SER D 107 -13.25 6.40 2.33
CA SER D 107 -12.94 6.70 3.71
C SER D 107 -12.86 5.41 4.50
N VAL D 108 -12.16 5.46 5.62
CA VAL D 108 -12.04 4.32 6.51
C VAL D 108 -12.45 4.77 7.89
N ALA D 109 -12.95 3.81 8.67
CA ALA D 109 -13.30 4.02 10.07
C ALA D 109 -12.42 3.10 10.86
N HIS D 110 -11.60 3.67 11.74
CA HIS D 110 -10.57 2.91 12.40
C HIS D 110 -11.16 1.92 13.39
N ASN D 111 -10.51 0.76 13.48
CA ASN D 111 -10.96 -0.40 14.22
C ASN D 111 -9.85 -0.91 15.12
N MET D 112 -8.95 -0.03 15.51
CA MET D 112 -7.76 -0.39 16.25
C MET D 112 -7.74 0.36 17.57
N THR D 113 -7.69 -0.36 18.69
CA THR D 113 -7.69 -1.83 18.79
C THR D 113 -9.12 -2.35 18.80
N MET D 114 -10.00 -1.54 19.36
CA MET D 114 -11.44 -1.69 19.34
C MET D 114 -12.02 -0.67 18.37
N PRO D 115 -13.28 -0.81 17.94
CA PRO D 115 -13.88 0.22 17.07
C PRO D 115 -13.82 1.60 17.70
N ASN D 116 -13.16 2.54 17.01
CA ASN D 116 -12.97 3.89 17.54
C ASN D 116 -14.28 4.64 17.39
N LYS D 117 -15.18 4.35 18.32
CA LYS D 117 -16.49 4.96 18.40
C LYS D 117 -16.73 5.27 19.86
N LEU D 118 -17.68 6.16 20.10
CA LEU D 118 -17.92 6.68 21.43
C LEU D 118 -19.40 6.93 21.55
N LEU D 119 -20.01 6.42 22.59
CA LEU D 119 -21.44 6.63 22.81
C LEU D 119 -21.64 7.10 24.23
N ARG D 120 -22.33 8.22 24.39
CA ARG D 120 -22.68 8.76 25.69
C ARG D 120 -24.16 9.06 25.69
N ILE D 121 -24.84 8.62 26.74
CA ILE D 121 -26.28 8.82 26.88
C ILE D 121 -26.48 9.68 28.12
N THR D 122 -27.15 10.81 27.94
CA THR D 122 -27.42 11.71 29.04
C THR D 122 -28.79 11.33 29.64
N GLU D 123 -28.99 11.70 30.91
CA GLU D 123 -30.14 11.27 31.70
C GLU D 123 -31.46 11.72 31.09
N ASP D 124 -31.47 12.85 30.40
CA ASP D 124 -32.68 13.40 29.81
C ASP D 124 -32.98 12.84 28.43
N GLY D 125 -32.09 12.01 27.88
CA GLY D 125 -32.32 11.37 26.60
C GLY D 125 -31.39 11.79 25.50
N THR D 126 -30.44 12.68 25.78
CA THR D 126 -29.52 13.16 24.77
C THR D 126 -28.43 12.12 24.54
N LEU D 127 -28.05 11.93 23.27
CA LEU D 127 -27.01 10.99 22.88
C LEU D 127 -25.88 11.74 22.21
N LEU D 128 -24.66 11.47 22.64
CA LEU D 128 -23.47 11.96 21.96
C LEU D 128 -22.77 10.78 21.33
N TYR D 129 -22.49 10.88 20.04
CA TYR D 129 -21.94 9.79 19.28
C TYR D 129 -20.76 10.32 18.49
N THR D 130 -19.58 9.78 18.76
CA THR D 130 -18.36 10.27 18.17
C THR D 130 -17.69 9.11 17.46
N MET D 131 -17.12 9.39 16.30
CA MET D 131 -16.37 8.41 15.55
C MET D 131 -15.03 9.01 15.22
N ARG D 132 -14.04 8.16 15.01
CA ARG D 132 -12.75 8.63 14.52
C ARG D 132 -12.56 7.92 13.21
N LEU D 133 -12.34 8.69 12.16
CA LEU D 133 -12.31 8.14 10.84
C LEU D 133 -11.47 9.04 9.96
N THR D 134 -11.01 8.47 8.86
CA THR D 134 -10.13 9.15 7.92
C THR D 134 -10.92 9.36 6.65
N VAL D 135 -11.28 10.59 6.36
CA VAL D 135 -12.01 10.86 5.14
C VAL D 135 -11.01 11.10 4.04
N ARG D 136 -11.27 10.52 2.88
CA ARG D 136 -10.48 10.78 1.69
C ARG D 136 -11.49 11.39 0.73
N ALA D 137 -11.49 12.71 0.64
CA ALA D 137 -12.52 13.44 -0.06
C ALA D 137 -11.93 14.01 -1.34
N GLU D 138 -12.79 14.44 -2.23
CA GLU D 138 -12.38 14.91 -3.54
C GLU D 138 -12.38 16.43 -3.54
N CYS D 139 -11.31 17.00 -4.06
CA CYS D 139 -11.11 18.45 -4.09
C CYS D 139 -10.90 18.84 -5.54
N PRO D 140 -11.92 19.40 -6.20
CA PRO D 140 -11.73 19.82 -7.59
C PRO D 140 -10.90 21.08 -7.64
N MET D 141 -9.83 21.04 -8.42
CA MET D 141 -8.88 22.13 -8.46
C MET D 141 -8.88 22.76 -9.84
N HIS D 142 -8.68 24.07 -9.85
CA HIS D 142 -8.54 24.82 -11.08
C HIS D 142 -7.07 25.24 -11.09
N LEU D 143 -6.26 24.45 -11.78
CA LEU D 143 -4.81 24.66 -11.80
C LEU D 143 -4.41 25.61 -12.92
N GLU D 144 -5.03 26.77 -12.98
CA GLU D 144 -4.65 27.73 -14.00
C GLU D 144 -3.47 28.57 -13.55
N ASP D 145 -3.32 28.77 -12.24
CA ASP D 145 -2.24 29.56 -11.68
C ASP D 145 -1.18 28.71 -10.99
N PHE D 146 -1.11 27.42 -11.31
CA PHE D 146 -0.11 26.53 -10.73
C PHE D 146 1.30 27.01 -11.05
N PRO D 147 2.22 27.02 -10.08
CA PRO D 147 2.08 26.62 -8.68
C PRO D 147 1.91 27.77 -7.72
N MET D 148 1.14 28.77 -8.12
CA MET D 148 0.90 29.95 -7.28
C MET D 148 -0.61 30.04 -7.09
N ASP D 149 -1.22 28.91 -6.80
CA ASP D 149 -2.67 28.79 -6.77
C ASP D 149 -3.15 28.60 -5.35
N ALA D 150 -4.41 28.96 -5.14
CA ALA D 150 -5.09 28.75 -3.89
C ALA D 150 -6.33 27.91 -4.15
N HIS D 151 -6.72 27.13 -3.16
CA HIS D 151 -7.83 26.20 -3.30
C HIS D 151 -8.74 26.31 -2.09
N ALA D 152 -9.93 25.77 -2.26
CA ALA D 152 -10.90 25.65 -1.18
C ALA D 152 -11.40 24.22 -1.29
N CYS D 153 -10.82 23.34 -0.50
CA CYS D 153 -11.19 21.94 -0.62
C CYS D 153 -12.44 21.69 0.19
N PRO D 154 -13.49 21.14 -0.39
CA PRO D 154 -14.73 21.00 0.34
C PRO D 154 -14.83 19.66 1.06
N LEU D 155 -15.79 19.59 1.96
CA LEU D 155 -16.13 18.35 2.65
C LEU D 155 -17.63 18.46 2.91
N LYS D 156 -18.41 17.88 2.02
CA LYS D 156 -19.85 17.93 2.12
C LYS D 156 -20.33 16.65 2.75
N PHE D 157 -21.14 16.75 3.78
CA PHE D 157 -21.76 15.58 4.37
C PHE D 157 -23.22 15.88 4.62
N GLY D 158 -24.02 14.84 4.62
CA GLY D 158 -25.43 14.99 4.83
C GLY D 158 -25.97 13.65 5.20
N SER D 159 -27.27 13.51 5.09
CA SER D 159 -27.92 12.27 5.47
C SER D 159 -28.28 11.48 4.23
N TYR D 160 -27.90 10.21 4.23
CA TYR D 160 -28.37 9.27 3.23
C TYR D 160 -29.65 8.69 3.81
N ALA D 161 -30.67 8.53 2.96
CA ALA D 161 -31.94 7.87 3.21
C ALA D 161 -32.91 8.72 4.02
N TYR D 162 -32.51 9.87 4.52
CA TYR D 162 -33.39 10.72 5.32
C TYR D 162 -33.48 12.10 4.71
N THR D 163 -34.67 12.48 4.27
CA THR D 163 -34.89 13.74 3.60
C THR D 163 -34.89 14.90 4.61
N ARG D 164 -35.23 16.09 4.14
CA ARG D 164 -35.18 17.27 5.00
C ARG D 164 -36.33 17.28 5.99
N ALA D 165 -37.44 16.63 5.66
CA ALA D 165 -38.57 16.55 6.57
C ALA D 165 -38.40 15.46 7.63
N GLU D 166 -37.28 14.76 7.65
CA GLU D 166 -37.06 13.69 8.62
C GLU D 166 -35.85 13.94 9.50
N VAL D 167 -34.70 14.25 8.92
CA VAL D 167 -33.46 14.44 9.64
C VAL D 167 -32.82 15.71 9.13
N VAL D 168 -32.53 16.64 10.03
CA VAL D 168 -31.83 17.86 9.69
C VAL D 168 -30.55 17.90 10.51
N TYR D 169 -29.53 18.50 9.93
CA TYR D 169 -28.24 18.65 10.59
C TYR D 169 -28.03 20.09 10.99
N GLU D 170 -27.16 20.28 11.96
CA GLU D 170 -26.84 21.61 12.46
C GLU D 170 -25.51 21.49 13.18
N TRP D 171 -24.81 22.60 13.29
CA TRP D 171 -23.55 22.60 14.01
C TRP D 171 -23.85 22.73 15.51
N THR D 172 -23.06 22.03 16.33
CA THR D 172 -23.39 22.00 17.76
C THR D 172 -22.96 23.27 18.47
N ARG D 173 -21.92 23.94 17.98
CA ARG D 173 -21.50 25.23 18.50
C ARG D 173 -21.69 26.23 17.38
N GLU D 174 -21.23 27.46 17.61
CA GLU D 174 -21.18 28.49 16.58
C GLU D 174 -20.48 27.97 15.32
N PRO D 175 -21.06 28.19 14.14
CA PRO D 175 -20.47 27.70 12.87
C PRO D 175 -19.01 28.07 12.65
N ALA D 176 -18.55 29.23 13.12
CA ALA D 176 -17.14 29.55 12.95
C ALA D 176 -16.27 28.73 13.88
N ARG D 177 -16.85 28.14 14.91
CA ARG D 177 -16.11 27.41 15.94
C ARG D 177 -16.45 25.93 15.96
N SER D 178 -17.11 25.42 14.93
CA SER D 178 -17.53 24.02 14.97
C SER D 178 -16.46 23.09 14.42
N VAL D 179 -15.97 23.37 13.22
CA VAL D 179 -14.84 22.59 12.70
C VAL D 179 -13.58 23.18 13.30
N VAL D 180 -12.87 22.36 14.08
CA VAL D 180 -11.69 22.80 14.80
C VAL D 180 -10.51 21.96 14.35
N VAL D 181 -9.48 22.62 13.83
CA VAL D 181 -8.26 21.95 13.39
C VAL D 181 -7.26 22.08 14.51
N ALA D 182 -6.56 20.98 14.82
CA ALA D 182 -5.56 20.99 15.88
C ALA D 182 -4.35 21.83 15.47
N GLU D 183 -3.52 22.15 16.46
CA GLU D 183 -2.34 22.97 16.19
C GLU D 183 -1.28 22.16 15.47
N ASP D 184 -0.85 21.04 16.05
CA ASP D 184 0.08 20.14 15.39
C ASP D 184 -0.58 19.25 14.34
N GLY D 185 -1.86 19.48 14.06
CA GLY D 185 -2.61 18.69 13.11
C GLY D 185 -2.47 19.23 11.70
N SER D 186 -1.32 19.00 11.11
CA SER D 186 -1.05 19.43 9.74
C SER D 186 -0.01 18.48 9.18
N ARG D 187 -0.45 17.59 8.29
CA ARG D 187 0.45 16.71 7.57
C ARG D 187 0.73 17.21 6.17
N LEU D 188 0.54 18.51 5.95
CA LEU D 188 0.74 19.11 4.64
C LEU D 188 2.21 19.38 4.41
N ASN D 189 2.70 19.01 3.23
CA ASN D 189 4.07 19.30 2.81
C ASN D 189 4.14 20.34 1.73
N GLN D 190 3.10 20.43 0.91
CA GLN D 190 3.09 21.27 -0.28
C GLN D 190 2.16 22.46 -0.17
N TYR D 191 1.22 22.44 0.77
CA TYR D 191 0.23 23.49 0.93
C TYR D 191 0.34 24.11 2.31
N ASP D 192 -0.53 25.08 2.56
CA ASP D 192 -0.57 25.79 3.82
C ASP D 192 -2.02 26.06 4.16
N LEU D 193 -2.49 25.46 5.26
CA LEU D 193 -3.88 25.63 5.65
C LEU D 193 -4.07 27.03 6.21
N LEU D 194 -5.01 27.77 5.65
CA LEU D 194 -5.24 29.15 6.03
C LEU D 194 -6.40 29.32 6.98
N GLY D 195 -7.40 28.44 6.89
CA GLY D 195 -8.55 28.54 7.75
C GLY D 195 -9.61 27.59 7.24
N GLN D 196 -10.74 27.62 7.93
CA GLN D 196 -11.86 26.77 7.59
C GLN D 196 -13.05 27.64 7.28
N THR D 197 -14.07 27.02 6.72
CA THR D 197 -15.27 27.74 6.28
C THR D 197 -16.40 26.75 6.17
N VAL D 198 -17.43 26.93 6.97
CA VAL D 198 -18.54 26.01 6.99
C VAL D 198 -19.72 26.66 6.28
N ASP D 199 -20.69 25.84 5.90
CA ASP D 199 -21.92 26.30 5.27
C ASP D 199 -22.92 25.17 5.40
N SER D 200 -24.18 25.48 5.16
CA SER D 200 -25.24 24.51 5.21
C SER D 200 -26.24 24.84 4.12
N GLY D 201 -26.75 23.81 3.48
CA GLY D 201 -27.69 24.03 2.40
C GLY D 201 -28.55 22.82 2.17
N ILE D 202 -29.23 22.83 1.04
CA ILE D 202 -30.18 21.78 0.66
C ILE D 202 -29.87 21.40 -0.78
N VAL D 203 -29.79 20.11 -1.06
CA VAL D 203 -29.63 19.61 -2.42
C VAL D 203 -30.91 18.91 -2.82
N GLN D 204 -31.29 19.08 -4.08
CA GLN D 204 -32.51 18.50 -4.61
C GLN D 204 -32.11 17.29 -5.45
N SER D 205 -32.35 16.10 -4.94
CA SER D 205 -31.99 14.87 -5.62
C SER D 205 -33.23 14.25 -6.26
N SER D 206 -33.04 13.06 -6.83
CA SER D 206 -34.14 12.34 -7.46
C SER D 206 -35.12 11.74 -6.46
N THR D 207 -34.77 11.71 -5.17
CA THR D 207 -35.61 11.10 -4.15
C THR D 207 -36.12 12.09 -3.11
N GLY D 208 -35.74 13.35 -3.20
CA GLY D 208 -36.19 14.35 -2.26
C GLY D 208 -35.11 15.37 -2.00
N GLU D 209 -35.38 16.23 -1.02
CA GLU D 209 -34.43 17.25 -0.60
C GLU D 209 -33.67 16.74 0.61
N TYR D 210 -32.37 17.01 0.65
CA TYR D 210 -31.52 16.52 1.72
C TYR D 210 -30.70 17.68 2.28
N VAL D 211 -30.55 17.69 3.59
CA VAL D 211 -29.70 18.70 4.22
C VAL D 211 -28.27 18.30 3.97
N VAL D 212 -27.44 19.27 3.61
CA VAL D 212 -26.03 19.04 3.31
C VAL D 212 -25.23 20.09 4.05
N MET D 213 -24.29 19.64 4.85
CA MET D 213 -23.39 20.52 5.58
C MET D 213 -22.06 20.53 4.87
N THR D 214 -21.59 21.72 4.55
CA THR D 214 -20.40 21.88 3.75
C THR D 214 -19.33 22.48 4.63
N THR D 215 -18.08 22.09 4.35
CA THR D 215 -16.94 22.63 5.06
C THR D 215 -15.86 22.83 4.03
N HIS D 216 -15.31 24.03 3.97
CA HIS D 216 -14.26 24.35 3.03
C HIS D 216 -12.99 24.61 3.81
N PHE D 217 -11.92 23.97 3.41
CA PHE D 217 -10.61 24.26 3.96
C PHE D 217 -9.85 25.00 2.89
N HIS D 218 -9.31 26.16 3.24
CA HIS D 218 -8.65 27.01 2.28
C HIS D 218 -7.16 26.75 2.34
N LEU D 219 -6.59 26.48 1.17
CA LEU D 219 -5.21 26.07 1.05
C LEU D 219 -4.51 27.01 0.10
N LYS D 220 -3.23 27.20 0.33
CA LYS D 220 -2.39 28.05 -0.48
C LYS D 220 -1.13 27.27 -0.72
N ARG D 221 -0.74 27.14 -1.98
CA ARG D 221 0.39 26.29 -2.30
C ARG D 221 1.68 27.02 -1.98
N LYS D 222 2.63 26.28 -1.44
CA LYS D 222 3.93 26.82 -1.08
C LYS D 222 4.83 26.69 -2.29
N ILE D 223 5.51 27.79 -2.65
CA ILE D 223 6.26 27.86 -3.90
C ILE D 223 7.70 27.39 -3.74
N GLY D 224 8.14 27.12 -2.50
CA GLY D 224 9.54 26.84 -2.23
C GLY D 224 10.09 25.63 -2.96
N TYR D 225 9.24 24.64 -3.21
CA TYR D 225 9.68 23.45 -3.93
C TYR D 225 9.83 23.76 -5.41
N PHE D 226 8.81 24.37 -6.00
CA PHE D 226 8.80 24.63 -7.43
C PHE D 226 9.82 25.67 -7.85
N VAL D 227 10.19 26.59 -6.97
CA VAL D 227 11.30 27.52 -7.24
C VAL D 227 12.56 26.74 -7.57
N ILE D 228 13.06 25.96 -6.60
CA ILE D 228 14.28 25.17 -6.76
C ILE D 228 14.11 24.09 -7.84
N GLN D 229 12.89 23.62 -8.07
CA GLN D 229 12.67 22.58 -9.06
C GLN D 229 12.70 23.11 -10.48
N THR D 230 12.02 24.22 -10.74
CA THR D 230 11.81 24.69 -12.09
C THR D 230 12.26 26.12 -12.31
N TYR D 231 12.00 27.02 -11.37
CA TYR D 231 12.18 28.44 -11.66
C TYR D 231 13.63 28.84 -11.54
N LEU D 232 14.38 28.17 -10.69
CA LEU D 232 15.82 28.41 -10.56
C LEU D 232 16.53 27.72 -11.73
N PRO D 233 16.26 26.44 -12.08
CA PRO D 233 16.90 25.90 -13.29
C PRO D 233 16.53 26.64 -14.58
N CYS D 234 15.29 27.11 -14.75
CA CYS D 234 14.95 27.85 -15.97
C CYS D 234 15.73 29.16 -16.08
N ILE D 235 15.81 29.91 -14.97
CA ILE D 235 16.54 31.18 -14.98
C ILE D 235 18.03 30.94 -15.18
N MET D 236 18.58 29.93 -14.50
CA MET D 236 20.00 29.62 -14.64
C MET D 236 20.34 29.08 -16.03
N THR D 237 19.43 28.31 -16.63
CA THR D 237 19.64 27.80 -17.98
C THR D 237 19.54 28.93 -19.00
N VAL D 238 18.63 29.88 -18.78
CA VAL D 238 18.52 31.06 -19.63
C VAL D 238 19.80 31.89 -19.54
N ILE D 239 20.35 32.05 -18.33
CA ILE D 239 21.61 32.76 -18.13
C ILE D 239 22.74 32.03 -18.84
N LEU D 240 22.74 30.69 -18.77
CA LEU D 240 23.73 29.88 -19.46
C LEU D 240 23.63 30.03 -20.97
N SER D 241 22.41 30.23 -21.48
CA SER D 241 22.26 30.50 -22.91
C SER D 241 22.77 31.89 -23.27
N GLN D 242 22.48 32.87 -22.41
CA GLN D 242 22.85 34.26 -22.69
C GLN D 242 24.34 34.51 -22.51
N VAL D 243 25.05 33.68 -21.75
CA VAL D 243 26.50 33.87 -21.60
C VAL D 243 27.25 33.53 -22.87
N SER D 244 26.59 32.87 -23.83
CA SER D 244 27.24 32.52 -25.09
C SER D 244 27.47 33.74 -25.97
N PHE D 245 26.73 34.82 -25.73
CA PHE D 245 26.83 36.02 -26.55
C PHE D 245 28.12 36.79 -26.31
N TRP D 246 28.87 36.44 -25.27
CA TRP D 246 30.09 37.14 -24.93
C TRP D 246 31.32 36.48 -25.52
N LEU D 247 31.20 35.23 -25.98
CA LEU D 247 32.29 34.56 -26.66
C LEU D 247 32.44 35.13 -28.07
N ASN D 248 33.67 35.05 -28.58
CA ASN D 248 33.97 35.58 -29.90
C ASN D 248 33.31 34.75 -31.00
N ARG D 249 33.11 35.38 -32.16
CA ARG D 249 32.43 34.76 -33.29
C ARG D 249 33.30 33.77 -34.05
N GLU D 250 34.58 33.65 -33.70
CA GLU D 250 35.48 32.75 -34.41
C GLU D 250 35.51 31.35 -33.84
N SER D 251 34.92 31.11 -32.67
CA SER D 251 34.82 29.78 -32.08
C SER D 251 33.38 29.29 -32.22
N VAL D 252 33.06 28.74 -33.37
CA VAL D 252 31.71 28.27 -33.67
C VAL D 252 31.32 26.92 -33.04
N PRO D 253 32.19 25.87 -32.94
CA PRO D 253 31.71 24.65 -32.26
C PRO D 253 31.41 24.83 -30.79
N ALA D 254 32.21 25.67 -30.12
CA ALA D 254 32.03 25.97 -28.70
C ALA D 254 30.65 26.54 -28.40
N ARG D 255 30.28 27.61 -29.10
CA ARG D 255 28.99 28.25 -28.86
C ARG D 255 27.86 27.36 -29.37
N THR D 256 28.10 26.59 -30.43
CA THR D 256 27.10 25.65 -30.92
C THR D 256 26.74 24.60 -29.86
N VAL D 257 27.76 23.97 -29.26
CA VAL D 257 27.47 22.95 -28.25
C VAL D 257 26.91 23.60 -26.98
N PHE D 258 27.34 24.83 -26.66
CA PHE D 258 26.68 25.63 -25.61
C PHE D 258 25.18 25.72 -25.82
N GLY D 259 24.78 26.24 -26.99
CA GLY D 259 23.36 26.40 -27.29
C GLY D 259 22.60 25.10 -27.28
N VAL D 260 23.14 24.07 -27.95
CA VAL D 260 22.37 22.82 -28.09
C VAL D 260 22.27 22.08 -26.76
N THR D 261 23.30 22.14 -25.91
CA THR D 261 23.21 21.48 -24.63
C THR D 261 22.36 22.29 -23.65
N THR D 262 22.30 23.61 -23.84
CA THR D 262 21.35 24.42 -23.10
C THR D 262 19.91 24.05 -23.47
N VAL D 263 19.66 23.82 -24.77
CA VAL D 263 18.35 23.32 -25.22
C VAL D 263 18.07 21.95 -24.61
N LEU D 264 19.10 21.09 -24.56
CA LEU D 264 18.98 19.76 -23.94
C LEU D 264 18.58 19.88 -22.47
N THR D 265 19.20 20.83 -21.77
CA THR D 265 18.88 21.08 -20.36
C THR D 265 17.45 21.56 -20.21
N MET D 266 17.00 22.44 -21.11
CA MET D 266 15.61 22.91 -21.07
C MET D 266 14.62 21.77 -21.34
N THR D 267 14.95 20.86 -22.25
CA THR D 267 14.05 19.75 -22.54
C THR D 267 13.95 18.78 -21.37
N THR D 268 15.09 18.39 -20.78
CA THR D 268 15.04 17.48 -19.64
C THR D 268 14.42 18.18 -18.42
N LEU D 269 14.62 19.49 -18.30
CA LEU D 269 13.98 20.27 -17.25
C LEU D 269 12.46 20.26 -17.40
N SER D 270 11.98 20.53 -18.62
CA SER D 270 10.54 20.53 -18.87
C SER D 270 9.92 19.16 -18.66
N ILE D 271 10.66 18.10 -19.03
CA ILE D 271 10.17 16.75 -18.81
C ILE D 271 10.08 16.44 -17.32
N SER D 272 11.14 16.76 -16.56
CA SER D 272 11.14 16.51 -15.12
C SER D 272 10.15 17.40 -14.38
N ALA D 273 9.84 18.57 -14.91
CA ALA D 273 8.93 19.50 -14.24
C ALA D 273 7.47 19.23 -14.59
N ARG D 274 7.22 18.65 -15.75
CA ARG D 274 5.87 18.33 -16.16
C ARG D 274 5.35 17.08 -15.46
N ASN D 275 6.25 16.18 -15.06
CA ASN D 275 5.84 14.93 -14.43
C ASN D 275 5.37 15.09 -12.99
N SER D 276 5.53 16.28 -12.39
CA SER D 276 5.09 16.49 -11.02
C SER D 276 3.60 16.79 -10.99
N LEU D 277 3.19 17.78 -11.77
CA LEU D 277 1.80 18.20 -11.87
C LEU D 277 0.99 17.10 -12.55
N PRO D 278 -0.26 16.87 -12.13
CA PRO D 278 -1.14 15.94 -12.86
C PRO D 278 -1.37 16.35 -14.30
N LYS D 279 -1.95 15.42 -15.05
CA LYS D 279 -2.05 15.58 -16.49
C LYS D 279 -3.28 16.44 -16.79
N VAL D 280 -3.17 17.73 -16.54
CA VAL D 280 -4.25 18.64 -16.89
C VAL D 280 -4.17 18.99 -18.38
N ALA D 281 -5.30 19.45 -18.92
CA ALA D 281 -5.44 19.69 -20.35
C ALA D 281 -5.42 21.18 -20.68
N TYR D 282 -4.77 21.98 -19.84
CA TYR D 282 -4.64 23.41 -20.10
C TYR D 282 -3.25 23.83 -19.67
N ALA D 283 -2.99 25.12 -19.76
CA ALA D 283 -1.67 25.67 -19.49
C ALA D 283 -1.70 26.36 -18.13
N THR D 284 -0.73 26.03 -17.29
CA THR D 284 -0.59 26.63 -15.98
C THR D 284 0.43 27.76 -16.07
N ALA D 285 0.81 28.30 -14.92
CA ALA D 285 1.80 29.39 -14.93
C ALA D 285 3.19 28.83 -15.14
N MET D 286 3.48 27.68 -14.54
CA MET D 286 4.78 27.04 -14.74
C MET D 286 4.97 26.62 -16.20
N ASP D 287 3.91 26.20 -16.87
CA ASP D 287 3.99 25.87 -18.30
C ASP D 287 4.31 27.11 -19.12
N TRP D 288 3.69 28.25 -18.81
CA TRP D 288 4.01 29.48 -19.52
C TRP D 288 5.43 29.92 -19.26
N PHE D 289 5.90 29.79 -18.02
CA PHE D 289 7.28 30.13 -17.69
C PHE D 289 8.28 29.27 -18.46
N ILE D 290 8.05 27.94 -18.49
CA ILE D 290 8.94 27.03 -19.21
C ILE D 290 8.88 27.33 -20.71
N ALA D 291 7.69 27.66 -21.23
CA ALA D 291 7.55 27.98 -22.64
C ALA D 291 8.30 29.25 -23.01
N VAL D 292 8.19 30.31 -22.19
CA VAL D 292 8.88 31.56 -22.50
C VAL D 292 10.39 31.39 -22.33
N CYS D 293 10.84 30.65 -21.30
CA CYS D 293 12.27 30.39 -21.14
C CYS D 293 12.82 29.56 -22.30
N TYR D 294 12.08 28.55 -22.74
CA TYR D 294 12.45 27.78 -23.92
C TYR D 294 12.52 28.68 -25.15
N ALA D 295 11.56 29.61 -25.27
CA ALA D 295 11.57 30.56 -26.37
C ALA D 295 12.82 31.44 -26.32
N PHE D 296 13.20 31.89 -25.14
CA PHE D 296 14.41 32.70 -24.98
C PHE D 296 15.67 31.92 -25.32
N VAL D 297 15.77 30.67 -24.85
CA VAL D 297 16.94 29.84 -25.15
C VAL D 297 17.01 29.55 -26.64
N PHE D 298 15.89 29.15 -27.25
CA PHE D 298 15.83 28.88 -28.68
C PHE D 298 16.11 30.14 -29.49
N SER D 299 15.64 31.29 -29.02
CA SER D 299 15.90 32.55 -29.68
C SER D 299 17.38 32.90 -29.62
N ALA D 300 18.02 32.60 -28.48
CA ALA D 300 19.45 32.78 -28.35
C ALA D 300 20.22 31.91 -29.33
N LEU D 301 19.84 30.63 -29.44
CA LEU D 301 20.52 29.72 -30.35
C LEU D 301 20.30 30.09 -31.82
N ILE D 302 19.07 30.44 -32.19
CA ILE D 302 18.81 30.86 -33.58
C ILE D 302 19.52 32.18 -33.88
N GLU D 303 19.58 33.09 -32.90
CA GLU D 303 20.30 34.34 -33.07
C GLU D 303 21.79 34.08 -33.28
N PHE D 304 22.35 33.14 -32.53
CA PHE D 304 23.74 32.73 -32.74
C PHE D 304 23.94 32.15 -34.14
N ALA D 305 22.99 31.32 -34.58
CA ALA D 305 23.07 30.75 -35.93
C ALA D 305 23.05 31.85 -36.98
N THR D 306 22.23 32.87 -36.77
CA THR D 306 22.19 34.03 -37.66
C THR D 306 23.52 34.78 -37.66
N VAL D 307 24.09 35.02 -36.46
CA VAL D 307 25.37 35.69 -36.32
C VAL D 307 26.48 34.91 -37.03
N ASN D 308 26.49 33.59 -36.87
CA ASN D 308 27.50 32.75 -37.52
C ASN D 308 27.31 32.74 -39.03
N TYR D 309 26.06 32.74 -39.49
CA TYR D 309 25.76 32.75 -40.92
C TYR D 309 26.19 34.06 -41.54
N PHE D 310 26.11 35.16 -40.79
CA PHE D 310 26.53 36.45 -41.30
C PHE D 310 28.04 36.65 -41.22
N THR D 311 28.78 35.73 -40.60
CA THR D 311 30.23 35.81 -40.64
C THR D 311 30.73 35.42 -42.02
N LYS D 312 31.94 35.88 -42.34
CA LYS D 312 32.73 35.70 -43.57
C LYS D 312 32.09 36.37 -44.80
N SER D 313 30.92 36.99 -44.65
CA SER D 313 30.29 37.76 -45.71
C SER D 313 30.07 39.21 -45.28
N GLN D 314 29.50 39.43 -44.10
CA GLN D 314 29.29 40.79 -43.57
C GLN D 314 29.68 40.76 -42.10
N PRO D 315 30.96 41.04 -41.79
CA PRO D 315 31.39 41.03 -40.39
C PRO D 315 30.81 42.16 -39.55
N ALA D 316 30.59 43.34 -40.16
CA ALA D 316 30.03 44.47 -39.43
C ALA D 316 28.60 44.22 -38.99
N ARG D 317 27.80 43.59 -39.87
CA ARG D 317 26.41 43.29 -39.51
C ARG D 317 26.33 42.27 -38.39
N ALA D 318 27.16 41.22 -38.46
CA ALA D 318 27.21 40.22 -37.39
C ALA D 318 27.67 40.83 -36.07
N ALA D 319 28.69 41.69 -36.11
CA ALA D 319 29.17 42.38 -34.91
C ALA D 319 28.07 43.27 -34.32
N LYS D 320 27.35 44.00 -35.19
CA LYS D 320 26.29 44.88 -34.74
C LYS D 320 25.16 44.10 -34.08
N ILE D 321 24.74 43.00 -34.71
CA ILE D 321 23.60 42.26 -34.17
C ILE D 321 24.02 41.43 -32.95
N ASP D 322 25.31 41.11 -32.80
CA ASP D 322 25.72 40.41 -31.58
C ASP D 322 25.93 41.39 -30.43
N ARG D 323 26.21 42.66 -30.75
CA ARG D 323 26.35 43.64 -29.69
C ARG D 323 24.97 44.10 -29.25
N LEU D 324 24.03 44.16 -30.20
CA LEU D 324 22.66 44.55 -29.85
C LEU D 324 21.99 43.43 -29.08
N SER D 325 22.17 42.17 -29.51
CA SER D 325 21.56 41.06 -28.79
C SER D 325 22.34 40.67 -27.54
N ARG D 326 23.47 41.32 -27.25
CA ARG D 326 24.16 41.04 -26.01
C ARG D 326 23.49 41.77 -24.86
N ILE D 327 22.73 42.81 -25.17
CA ILE D 327 22.06 43.62 -24.16
C ILE D 327 20.54 43.60 -24.31
N ALA D 328 20.00 43.21 -25.47
CA ALA D 328 18.55 43.19 -25.62
C ALA D 328 17.93 41.99 -24.92
N PHE D 329 18.66 40.88 -24.86
CA PHE D 329 18.14 39.66 -24.22
C PHE D 329 17.94 39.81 -22.71
N PRO D 330 18.91 40.33 -21.90
CA PRO D 330 18.60 40.50 -20.46
C PRO D 330 17.47 41.47 -20.16
N LEU D 331 17.34 42.55 -20.94
CA LEU D 331 16.24 43.50 -20.74
C LEU D 331 14.89 42.83 -20.93
N LEU D 332 14.71 42.10 -22.04
CA LEU D 332 13.45 41.39 -22.29
C LEU D 332 13.19 40.30 -21.26
N PHE D 333 14.24 39.57 -20.87
CA PHE D 333 14.03 38.52 -19.86
C PHE D 333 13.66 39.12 -18.50
N GLY D 334 14.31 40.22 -18.12
CA GLY D 334 13.96 40.89 -16.87
C GLY D 334 12.56 41.49 -16.86
N ILE D 335 12.15 42.12 -17.97
CA ILE D 335 10.78 42.64 -18.04
C ILE D 335 9.77 41.49 -17.98
N PHE D 336 10.05 40.37 -18.68
CA PHE D 336 9.15 39.23 -18.62
C PHE D 336 9.03 38.68 -17.21
N ASN D 337 10.17 38.57 -16.50
CA ASN D 337 10.14 38.11 -15.12
C ASN D 337 9.32 39.04 -14.25
N LEU D 338 9.52 40.36 -14.39
CA LEU D 338 8.77 41.33 -13.61
C LEU D 338 7.26 41.22 -13.85
N VAL D 339 6.83 41.18 -15.13
CA VAL D 339 5.40 41.12 -15.42
C VAL D 339 4.81 39.78 -14.95
N TYR D 340 5.53 38.66 -15.18
CA TYR D 340 5.02 37.34 -14.78
C TYR D 340 4.85 37.23 -13.27
N TRP D 341 5.88 37.59 -12.51
CA TRP D 341 5.79 37.50 -11.05
C TRP D 341 4.77 38.50 -10.51
N ALA D 342 4.65 39.68 -11.12
CA ALA D 342 3.66 40.65 -10.68
C ALA D 342 2.23 40.16 -10.93
N THR D 343 1.99 39.54 -12.09
CA THR D 343 0.63 39.11 -12.39
C THR D 343 0.27 37.80 -11.70
N TYR D 344 1.25 37.00 -11.26
CA TYR D 344 0.93 35.75 -10.63
C TYR D 344 1.17 35.74 -9.12
N LEU D 345 1.71 36.82 -8.55
CA LEU D 345 1.81 36.96 -7.10
C LEU D 345 0.73 37.86 -6.52
N ASN D 346 0.22 38.81 -7.30
CA ASN D 346 -0.88 39.67 -6.88
C ASN D 346 -2.23 39.16 -7.31
N ARG D 347 -2.29 38.06 -8.06
CA ARG D 347 -3.54 37.47 -8.52
C ARG D 347 -4.41 36.98 -7.38
N GLY E 62 -44.28 2.28 18.68
CA GLY E 62 -45.32 2.93 17.91
C GLY E 62 -46.02 1.98 16.94
N ASP E 63 -46.57 2.53 15.87
CA ASP E 63 -47.26 1.72 14.88
C ASP E 63 -46.35 1.27 13.75
N VAL E 64 -45.31 2.05 13.44
CA VAL E 64 -44.34 1.66 12.41
C VAL E 64 -43.59 0.40 12.82
N THR E 65 -43.33 0.24 14.12
CA THR E 65 -42.73 -0.99 14.62
C THR E 65 -43.64 -2.19 14.38
N VAL E 66 -44.94 -2.00 14.61
CA VAL E 66 -45.93 -3.05 14.37
C VAL E 66 -45.98 -3.41 12.88
N ILE E 67 -45.96 -2.40 12.01
CA ILE E 67 -45.97 -2.63 10.57
C ILE E 67 -44.73 -3.40 10.13
N LEU E 68 -43.55 -2.96 10.59
CA LEU E 68 -42.29 -3.60 10.20
C LEU E 68 -42.20 -5.02 10.74
N ASN E 69 -42.71 -5.27 11.94
CA ASN E 69 -42.66 -6.61 12.49
C ASN E 69 -43.69 -7.52 11.83
N ASN E 70 -44.82 -6.98 11.39
CA ASN E 70 -45.81 -7.79 10.71
C ASN E 70 -45.41 -8.09 9.26
N LEU E 71 -44.62 -7.22 8.63
CA LEU E 71 -44.18 -7.48 7.28
C LEU E 71 -43.18 -8.63 7.23
N LEU E 72 -42.39 -8.78 8.30
CA LEU E 72 -41.31 -9.75 8.33
C LEU E 72 -41.72 -11.06 8.97
N GLU E 73 -42.99 -11.24 9.30
CA GLU E 73 -43.46 -12.50 9.85
C GLU E 73 -43.80 -13.43 8.68
N GLY E 74 -43.30 -14.66 8.75
CA GLY E 74 -43.48 -15.60 7.66
C GLY E 74 -42.83 -15.15 6.38
N TYR E 75 -41.79 -14.34 6.48
CA TYR E 75 -41.08 -13.79 5.33
C TYR E 75 -39.83 -14.60 5.07
N ASP E 76 -39.59 -14.90 3.81
CA ASP E 76 -38.42 -15.66 3.39
C ASP E 76 -37.66 -14.79 2.39
N ASN E 77 -36.54 -14.24 2.81
CA ASN E 77 -35.70 -13.38 1.97
C ASN E 77 -34.83 -14.17 1.01
N LYS E 78 -35.02 -15.47 0.94
CA LYS E 78 -34.30 -16.34 0.01
C LYS E 78 -35.04 -16.53 -1.30
N LEU E 79 -36.29 -16.08 -1.36
CA LEU E 79 -37.16 -16.25 -2.51
C LEU E 79 -37.57 -14.90 -3.06
N ARG E 80 -37.39 -14.71 -4.37
CA ARG E 80 -37.83 -13.48 -5.00
C ARG E 80 -39.36 -13.44 -5.01
N PRO E 81 -39.96 -12.25 -5.13
CA PRO E 81 -41.42 -12.20 -5.30
C PRO E 81 -41.83 -12.84 -6.61
N ASP E 82 -42.97 -13.55 -6.57
CA ASP E 82 -43.49 -14.33 -7.70
C ASP E 82 -42.48 -15.39 -8.15
N ILE E 83 -42.07 -16.23 -7.20
CA ILE E 83 -41.01 -17.21 -7.42
C ILE E 83 -41.42 -18.29 -8.42
N GLY E 84 -42.72 -18.49 -8.63
CA GLY E 84 -43.17 -19.47 -9.60
C GLY E 84 -44.36 -18.95 -10.38
N VAL E 85 -44.44 -17.63 -10.54
CA VAL E 85 -45.60 -16.99 -11.15
C VAL E 85 -45.16 -16.25 -12.40
N LYS E 86 -44.26 -15.28 -12.24
CA LYS E 86 -43.85 -14.41 -13.32
C LYS E 86 -42.48 -13.84 -12.96
N PRO E 87 -41.74 -13.31 -13.93
CA PRO E 87 -40.48 -12.64 -13.59
C PRO E 87 -40.75 -11.33 -12.87
N THR E 88 -39.77 -10.88 -12.10
CA THR E 88 -39.89 -9.62 -11.40
C THR E 88 -39.33 -8.52 -12.28
N LEU E 89 -40.06 -7.42 -12.38
CA LEU E 89 -39.63 -6.30 -13.18
C LEU E 89 -38.94 -5.33 -12.25
N ILE E 90 -37.71 -4.97 -12.59
CA ILE E 90 -36.90 -4.10 -11.76
C ILE E 90 -36.58 -2.87 -12.60
N HIS E 91 -36.91 -1.71 -12.07
CA HIS E 91 -36.61 -0.46 -12.75
C HIS E 91 -35.36 0.13 -12.12
N THR E 92 -34.42 0.52 -12.97
CA THR E 92 -33.11 0.94 -12.49
C THR E 92 -32.86 2.38 -12.92
N ASP E 93 -32.24 3.14 -12.03
CA ASP E 93 -31.84 4.50 -12.27
C ASP E 93 -30.41 4.66 -11.75
N MET E 94 -29.70 5.61 -12.35
CA MET E 94 -28.36 5.92 -11.93
C MET E 94 -28.25 7.42 -11.76
N TYR E 95 -27.29 7.84 -10.94
CA TYR E 95 -26.96 9.25 -10.82
C TYR E 95 -25.44 9.30 -10.70
N VAL E 96 -24.79 9.74 -11.76
CA VAL E 96 -23.33 9.71 -11.82
C VAL E 96 -22.80 10.93 -11.07
N ASN E 97 -22.11 10.69 -9.96
CA ASN E 97 -21.49 11.77 -9.23
C ASN E 97 -20.25 12.25 -9.95
N SER E 98 -19.46 11.31 -10.47
CA SER E 98 -18.23 11.63 -11.17
C SER E 98 -17.79 10.42 -11.95
N ILE E 99 -17.13 10.67 -13.07
CA ILE E 99 -16.46 9.65 -13.85
C ILE E 99 -14.98 9.91 -13.62
N GLY E 100 -14.31 8.98 -12.95
CA GLY E 100 -12.96 9.17 -12.52
C GLY E 100 -11.96 9.15 -13.65
N PRO E 101 -10.68 8.96 -13.32
CA PRO E 101 -9.64 9.01 -14.35
C PRO E 101 -9.75 7.83 -15.29
N VAL E 102 -9.66 8.10 -16.58
CA VAL E 102 -9.75 7.05 -17.59
C VAL E 102 -8.30 6.78 -17.96
N ASN E 103 -7.67 5.87 -17.23
CA ASN E 103 -6.31 5.49 -17.51
C ASN E 103 -6.35 4.35 -18.51
N ALA E 104 -5.51 4.44 -19.53
CA ALA E 104 -5.51 3.45 -20.58
C ALA E 104 -4.56 2.30 -20.31
N ILE E 105 -3.73 2.41 -19.25
CA ILE E 105 -2.74 1.40 -18.94
C ILE E 105 -3.40 0.07 -18.59
N ASN E 106 -4.34 0.11 -17.66
CA ASN E 106 -5.03 -1.11 -17.26
C ASN E 106 -6.33 -1.31 -18.01
N MET E 107 -6.67 -0.42 -18.96
CA MET E 107 -7.90 -0.46 -19.76
C MET E 107 -9.11 -0.46 -18.83
N GLU E 108 -9.24 0.64 -18.10
CA GLU E 108 -10.29 0.75 -17.11
C GLU E 108 -10.57 2.22 -16.86
N TYR E 109 -11.59 2.46 -16.05
CA TYR E 109 -11.98 3.81 -15.66
C TYR E 109 -12.82 3.69 -14.40
N THR E 110 -12.75 4.71 -13.57
CA THR E 110 -13.47 4.73 -12.31
C THR E 110 -14.75 5.54 -12.49
N ILE E 111 -15.79 5.18 -11.73
CA ILE E 111 -17.05 5.89 -11.78
C ILE E 111 -17.67 5.81 -10.39
N ASP E 112 -18.38 6.86 -10.01
CA ASP E 112 -19.08 6.95 -8.74
C ASP E 112 -20.53 7.25 -9.04
N ILE E 113 -21.43 6.42 -8.54
CA ILE E 113 -22.84 6.51 -8.90
C ILE E 113 -23.69 6.31 -7.65
N PHE E 114 -24.95 6.73 -7.76
CA PHE E 114 -25.97 6.39 -6.81
C PHE E 114 -26.87 5.44 -7.58
N PHE E 115 -26.74 4.15 -7.32
CA PHE E 115 -27.48 3.15 -8.07
C PHE E 115 -28.80 2.90 -7.34
N ALA E 116 -29.90 3.07 -8.06
CA ALA E 116 -31.22 2.92 -7.48
C ALA E 116 -31.98 1.86 -8.26
N GLN E 117 -32.59 0.94 -7.54
CA GLN E 117 -33.43 -0.08 -8.13
C GLN E 117 -34.79 -0.02 -7.45
N THR E 118 -35.82 -0.39 -8.21
CA THR E 118 -37.15 -0.42 -7.65
C THR E 118 -37.92 -1.54 -8.32
N TRP E 119 -38.72 -2.25 -7.53
CA TRP E 119 -39.47 -3.39 -7.99
C TRP E 119 -40.69 -3.52 -7.12
N TYR E 120 -41.44 -4.61 -7.30
CA TYR E 120 -42.68 -4.83 -6.59
C TYR E 120 -42.55 -6.12 -5.82
N ASP E 121 -42.85 -6.07 -4.53
CA ASP E 121 -42.82 -7.25 -3.67
C ASP E 121 -44.15 -7.30 -2.95
N ARG E 122 -44.99 -8.27 -3.33
CA ARG E 122 -46.33 -8.36 -2.77
C ARG E 122 -46.36 -8.85 -1.33
N ARG E 123 -45.22 -9.23 -0.75
CA ARG E 123 -45.17 -9.63 0.64
C ARG E 123 -44.98 -8.43 1.56
N LEU E 124 -44.37 -7.37 1.06
CA LEU E 124 -44.17 -6.13 1.82
C LEU E 124 -45.32 -5.16 1.57
N LYS E 125 -46.54 -5.64 1.76
CA LYS E 125 -47.74 -4.86 1.52
C LYS E 125 -48.46 -4.71 2.85
N PHE E 126 -48.69 -3.48 3.27
CA PHE E 126 -49.30 -3.19 4.55
C PHE E 126 -50.45 -2.22 4.37
N ASN E 127 -51.39 -2.26 5.29
CA ASN E 127 -52.52 -1.34 5.31
C ASN E 127 -52.34 -0.39 6.48
N SER E 128 -52.24 0.90 6.19
CA SER E 128 -52.03 1.92 7.22
C SER E 128 -52.36 3.28 6.62
N THR E 129 -52.35 4.29 7.49
CA THR E 129 -52.59 5.67 7.07
C THR E 129 -51.34 6.37 6.58
N ILE E 130 -50.16 5.81 6.82
CA ILE E 130 -48.92 6.31 6.23
C ILE E 130 -48.67 5.57 4.92
N LYS E 131 -48.11 6.29 3.94
CA LYS E 131 -47.95 5.77 2.59
C LYS E 131 -46.60 5.12 2.35
N VAL E 132 -45.54 5.61 3.00
CA VAL E 132 -44.19 5.17 2.71
C VAL E 132 -43.42 4.99 4.01
N LEU E 133 -42.67 3.90 4.10
CA LEU E 133 -41.72 3.68 5.18
C LEU E 133 -40.33 4.02 4.64
N ARG E 134 -39.67 4.96 5.28
CA ARG E 134 -38.32 5.37 4.91
C ARG E 134 -37.36 4.84 5.95
N LEU E 135 -36.45 3.96 5.53
CA LEU E 135 -35.63 3.16 6.42
C LEU E 135 -34.15 3.34 6.12
N ASN E 136 -33.34 2.77 7.01
CA ASN E 136 -31.88 2.76 6.89
C ASN E 136 -31.46 1.54 6.09
N SER E 137 -30.17 1.23 6.14
CA SER E 137 -29.64 -0.02 5.62
C SER E 137 -29.83 -1.18 6.57
N ASN E 138 -30.48 -0.95 7.72
CA ASN E 138 -30.68 -2.00 8.72
C ASN E 138 -31.59 -3.10 8.21
N MET E 139 -32.58 -2.75 7.39
CA MET E 139 -33.55 -3.73 6.91
C MET E 139 -33.23 -4.20 5.49
N VAL E 140 -32.12 -3.74 4.91
CA VAL E 140 -31.75 -4.17 3.56
C VAL E 140 -31.42 -5.67 3.56
N GLY E 141 -30.73 -6.13 4.59
CA GLY E 141 -30.40 -7.53 4.67
C GLY E 141 -31.49 -8.43 5.18
N LYS E 142 -32.69 -7.91 5.43
CA LYS E 142 -33.78 -8.72 5.95
C LYS E 142 -34.88 -8.98 4.94
N ILE E 143 -34.86 -8.31 3.79
CA ILE E 143 -35.87 -8.57 2.77
C ILE E 143 -35.12 -9.05 1.53
N TRP E 144 -35.85 -9.37 0.48
CA TRP E 144 -35.21 -9.84 -0.74
C TRP E 144 -34.65 -8.65 -1.50
N ILE E 145 -33.40 -8.76 -1.90
CA ILE E 145 -32.68 -7.73 -2.66
C ILE E 145 -32.14 -8.43 -3.89
N PRO E 146 -32.31 -7.87 -5.09
CA PRO E 146 -31.79 -8.51 -6.29
C PRO E 146 -30.28 -8.56 -6.30
N ASP E 147 -29.75 -9.56 -6.99
CA ASP E 147 -28.32 -9.75 -7.03
C ASP E 147 -27.75 -9.14 -8.31
N THR E 148 -27.86 -7.82 -8.36
CA THR E 148 -27.33 -7.07 -9.47
C THR E 148 -25.81 -7.00 -9.33
N PHE E 149 -25.11 -7.17 -10.43
CA PHE E 149 -23.67 -7.11 -10.44
C PHE E 149 -23.22 -6.51 -11.75
N PHE E 150 -22.07 -5.87 -11.74
CA PHE E 150 -21.57 -5.19 -12.92
C PHE E 150 -20.60 -6.11 -13.66
N ARG E 151 -20.94 -6.40 -14.92
CA ARG E 151 -20.26 -7.45 -15.67
C ARG E 151 -18.89 -7.02 -16.13
N ASN E 152 -18.64 -5.73 -16.23
CA ASN E 152 -17.40 -5.22 -16.79
C ASN E 152 -16.61 -4.46 -15.73
N SER E 153 -16.77 -4.83 -14.47
CA SER E 153 -16.07 -4.17 -13.38
C SER E 153 -14.87 -5.03 -12.98
N LYS E 154 -13.72 -4.37 -12.81
CA LYS E 154 -12.54 -5.09 -12.32
C LYS E 154 -12.52 -5.09 -10.80
N LYS E 155 -12.96 -3.98 -10.20
CA LYS E 155 -13.08 -3.80 -8.77
C LYS E 155 -14.29 -2.92 -8.55
N ALA E 156 -15.08 -3.23 -7.53
CA ALA E 156 -16.24 -2.42 -7.21
C ALA E 156 -16.51 -2.58 -5.72
N ASP E 157 -16.79 -1.46 -5.07
CA ASP E 157 -17.09 -1.48 -3.65
C ASP E 157 -18.21 -0.50 -3.38
N ALA E 158 -18.98 -0.78 -2.35
CA ALA E 158 -19.99 0.15 -1.89
C ALA E 158 -19.34 1.09 -0.88
N HIS E 159 -20.14 1.90 -0.21
CA HIS E 159 -19.62 2.84 0.76
C HIS E 159 -20.22 2.55 2.12
N TRP E 160 -19.40 2.64 3.15
CA TRP E 160 -19.77 2.20 4.48
C TRP E 160 -19.51 3.26 5.53
N ILE E 161 -19.06 4.45 5.14
CA ILE E 161 -18.74 5.54 6.05
C ILE E 161 -19.85 6.57 5.94
N THR E 162 -20.46 6.94 7.07
CA THR E 162 -20.12 6.47 8.42
C THR E 162 -20.96 5.26 8.82
N THR E 163 -22.04 5.07 8.09
CA THR E 163 -23.02 4.01 8.20
C THR E 163 -23.24 3.56 6.77
N PRO E 164 -23.49 2.23 6.50
CA PRO E 164 -23.70 1.74 5.13
C PRO E 164 -24.63 2.58 4.25
N ASN E 165 -24.06 3.13 3.19
CA ASN E 165 -24.77 4.07 2.33
C ASN E 165 -25.74 3.31 1.44
N ARG E 166 -26.88 2.97 2.03
CA ARG E 166 -27.96 2.27 1.38
C ARG E 166 -29.25 2.91 1.85
N MET E 167 -30.30 2.71 1.07
CA MET E 167 -31.59 3.32 1.36
C MET E 167 -32.65 2.33 0.95
N LEU E 168 -33.66 2.18 1.77
CA LEU E 168 -34.76 1.29 1.48
C LEU E 168 -36.04 2.07 1.72
N ARG E 169 -36.98 1.99 0.80
CA ARG E 169 -38.27 2.65 0.97
C ARG E 169 -39.34 1.70 0.47
N ILE E 170 -40.30 1.40 1.33
CA ILE E 170 -41.41 0.52 1.01
C ILE E 170 -42.67 1.37 0.98
N TRP E 171 -43.53 1.11 0.01
CA TRP E 171 -44.73 1.92 -0.18
C TRP E 171 -45.97 1.15 0.27
N ASN E 172 -47.12 1.79 0.08
CA ASN E 172 -48.38 1.28 0.60
C ASN E 172 -48.86 0.06 -0.18
N ASP E 173 -48.49 -0.02 -1.45
CA ASP E 173 -48.94 -1.10 -2.33
C ASP E 173 -47.89 -2.17 -2.53
N GLY E 174 -46.77 -2.09 -1.82
CA GLY E 174 -45.75 -3.12 -1.90
C GLY E 174 -44.58 -2.77 -2.77
N ARG E 175 -44.51 -1.56 -3.30
CA ARG E 175 -43.41 -1.15 -4.15
C ARG E 175 -42.21 -0.79 -3.31
N VAL E 176 -41.09 -1.45 -3.59
CA VAL E 176 -39.87 -1.28 -2.81
C VAL E 176 -38.88 -0.51 -3.68
N LEU E 177 -38.23 0.49 -3.11
CA LEU E 177 -37.16 1.21 -3.77
C LEU E 177 -35.90 1.08 -2.95
N TYR E 178 -34.82 0.66 -3.59
CA TYR E 178 -33.58 0.36 -2.90
C TYR E 178 -32.46 1.08 -3.64
N THR E 179 -31.78 1.97 -2.95
CA THR E 179 -30.75 2.81 -3.53
C THR E 179 -29.49 2.59 -2.72
N LEU E 180 -28.34 2.59 -3.40
CA LEU E 180 -27.07 2.51 -2.68
C LEU E 180 -26.01 3.21 -3.50
N ARG E 181 -24.98 3.67 -2.81
CA ARG E 181 -23.91 4.41 -3.44
C ARG E 181 -22.75 3.47 -3.70
N LEU E 182 -22.23 3.51 -4.93
CA LEU E 182 -21.20 2.59 -5.37
C LEU E 182 -20.08 3.38 -6.00
N THR E 183 -18.87 2.85 -5.87
CA THR E 183 -17.73 3.36 -6.61
C THR E 183 -17.18 2.17 -7.37
N ILE E 184 -17.28 2.23 -8.68
CA ILE E 184 -16.94 1.10 -9.53
C ILE E 184 -15.69 1.46 -10.29
N ASP E 185 -14.85 0.45 -10.51
CA ASP E 185 -13.66 0.59 -11.32
C ASP E 185 -13.93 -0.37 -12.46
N ALA E 186 -14.63 0.13 -13.48
CA ALA E 186 -15.08 -0.69 -14.58
C ALA E 186 -14.01 -0.72 -15.64
N GLU E 187 -14.12 -1.69 -16.54
CA GLU E 187 -13.14 -1.84 -17.61
C GLU E 187 -13.81 -1.64 -18.95
N CYS E 188 -13.10 -0.99 -19.84
CA CYS E 188 -13.55 -0.88 -21.22
C CYS E 188 -12.32 -0.91 -22.09
N GLN E 189 -12.28 -1.86 -23.03
CA GLN E 189 -11.15 -1.99 -23.93
C GLN E 189 -11.13 -0.78 -24.85
N LEU E 190 -10.04 -0.02 -24.83
CA LEU E 190 -9.92 1.16 -25.66
C LEU E 190 -9.10 0.81 -26.88
N GLN E 191 -9.71 0.89 -28.05
CA GLN E 191 -8.96 0.70 -29.28
C GLN E 191 -8.12 1.94 -29.49
N LEU E 192 -6.87 1.89 -29.05
CA LEU E 192 -6.01 3.07 -29.08
C LEU E 192 -5.31 3.26 -30.43
N HIS E 193 -6.09 3.20 -31.49
CA HIS E 193 -5.66 3.79 -32.73
C HIS E 193 -6.16 5.22 -32.70
N ASN E 194 -5.59 6.05 -33.58
CA ASN E 194 -5.86 7.48 -33.71
C ASN E 194 -5.51 8.26 -32.44
N PHE E 195 -4.77 7.66 -31.51
CA PHE E 195 -4.40 8.32 -30.26
C PHE E 195 -3.37 9.42 -30.52
N PRO E 196 -3.53 10.60 -29.91
CA PRO E 196 -4.53 11.02 -28.92
C PRO E 196 -5.71 11.79 -29.52
N MET E 197 -5.91 11.71 -30.83
CA MET E 197 -7.05 12.34 -31.49
C MET E 197 -8.17 11.32 -31.67
N ASP E 198 -8.56 10.70 -30.56
CA ASP E 198 -9.49 9.58 -30.57
C ASP E 198 -10.77 9.94 -29.84
N GLU E 199 -11.79 9.14 -30.12
CA GLU E 199 -13.08 9.23 -29.46
C GLU E 199 -13.48 7.82 -29.05
N HIS E 200 -13.98 7.68 -27.83
CA HIS E 200 -14.39 6.40 -27.31
C HIS E 200 -15.82 6.46 -26.80
N SER E 201 -16.38 5.27 -26.61
CA SER E 201 -17.69 5.11 -26.00
C SER E 201 -17.63 3.75 -25.31
N CYS E 202 -17.30 3.77 -24.02
CA CYS E 202 -17.03 2.48 -23.43
C CYS E 202 -17.93 2.30 -22.21
N PRO E 203 -18.39 1.08 -21.94
CA PRO E 203 -19.62 0.93 -21.16
C PRO E 203 -19.48 0.67 -19.67
N LEU E 204 -20.65 0.66 -19.06
CA LEU E 204 -20.86 0.15 -17.71
C LEU E 204 -22.09 -0.74 -17.84
N GLU E 205 -21.90 -2.04 -17.68
CA GLU E 205 -22.96 -2.99 -17.88
C GLU E 205 -23.30 -3.64 -16.55
N PHE E 206 -24.55 -4.08 -16.41
CA PHE E 206 -24.95 -4.79 -15.20
C PHE E 206 -26.12 -5.69 -15.53
N SER E 207 -26.31 -6.70 -14.67
CA SER E 207 -27.37 -7.68 -14.80
C SER E 207 -27.46 -8.44 -13.50
N SER E 208 -28.41 -9.36 -13.44
CA SER E 208 -28.52 -10.22 -12.27
C SER E 208 -27.51 -11.35 -12.40
N TYR E 209 -27.06 -11.86 -11.26
CA TYR E 209 -26.06 -12.92 -11.36
C TYR E 209 -26.71 -14.29 -11.48
N GLY E 210 -27.70 -14.58 -10.65
CA GLY E 210 -28.20 -15.93 -10.63
C GLY E 210 -29.56 -16.12 -11.27
N TYR E 211 -30.28 -15.03 -11.48
CA TYR E 211 -31.64 -15.13 -11.97
C TYR E 211 -31.66 -14.86 -13.46
N PRO E 212 -32.06 -15.83 -14.28
CA PRO E 212 -32.09 -15.61 -15.73
C PRO E 212 -33.26 -14.75 -16.18
N ARG E 213 -33.44 -14.62 -17.50
CA ARG E 213 -34.47 -13.76 -18.07
C ARG E 213 -35.87 -14.15 -17.61
N GLU E 214 -36.10 -15.44 -17.38
CA GLU E 214 -37.40 -15.94 -16.96
C GLU E 214 -37.70 -15.69 -15.49
N GLU E 215 -36.77 -15.10 -14.74
CA GLU E 215 -36.94 -14.87 -13.31
C GLU E 215 -36.80 -13.41 -12.93
N ILE E 216 -35.89 -12.66 -13.56
CA ILE E 216 -35.72 -11.24 -13.29
C ILE E 216 -35.56 -10.54 -14.63
N VAL E 217 -36.36 -9.51 -14.86
CA VAL E 217 -36.30 -8.70 -16.06
C VAL E 217 -36.02 -7.28 -15.61
N TYR E 218 -35.04 -6.66 -16.24
CA TYR E 218 -34.69 -5.27 -15.96
C TYR E 218 -35.30 -4.36 -17.02
N GLN E 219 -35.43 -3.08 -16.66
CA GLN E 219 -36.04 -2.09 -17.54
C GLN E 219 -35.67 -0.70 -17.06
N TRP E 220 -35.20 0.14 -17.98
CA TRP E 220 -34.88 1.52 -17.63
C TRP E 220 -36.16 2.31 -17.36
N LYS E 221 -36.02 3.40 -16.62
CA LYS E 221 -37.12 4.35 -16.51
C LYS E 221 -36.99 5.37 -17.65
N ARG E 222 -37.86 6.38 -17.65
CA ARG E 222 -37.78 7.41 -18.68
C ARG E 222 -36.76 8.49 -18.36
N SER E 223 -36.28 8.53 -17.13
CA SER E 223 -35.27 9.47 -16.64
C SER E 223 -34.12 8.70 -16.02
N SER E 224 -33.63 7.71 -16.77
CA SER E 224 -32.76 6.65 -16.28
C SER E 224 -31.43 7.13 -15.71
N VAL E 225 -30.57 7.69 -16.55
CA VAL E 225 -29.23 8.05 -16.15
C VAL E 225 -29.13 9.57 -16.14
N GLU E 226 -28.71 10.13 -15.01
CA GLU E 226 -28.58 11.57 -14.83
C GLU E 226 -27.18 11.88 -14.35
N VAL E 227 -26.48 12.73 -15.07
CA VAL E 227 -25.17 13.17 -14.65
C VAL E 227 -25.32 14.42 -13.80
N GLY E 228 -24.25 14.74 -13.06
CA GLY E 228 -24.32 15.87 -12.17
C GLY E 228 -23.91 17.16 -12.86
N ASP E 229 -22.82 17.76 -12.39
CA ASP E 229 -22.37 19.04 -12.92
C ASP E 229 -21.41 18.90 -14.10
N THR E 230 -20.71 17.77 -14.20
CA THR E 230 -19.75 17.38 -15.25
C THR E 230 -18.47 18.23 -15.20
N ARG E 231 -18.39 19.21 -14.30
CA ARG E 231 -17.21 20.05 -14.14
C ARG E 231 -16.36 19.64 -12.95
N SER E 232 -16.96 19.08 -11.91
CA SER E 232 -16.26 18.54 -10.76
C SER E 232 -15.78 17.11 -10.97
N TRP E 233 -15.76 16.63 -12.20
CA TRP E 233 -15.35 15.27 -12.51
C TRP E 233 -13.85 15.19 -12.76
N ARG E 234 -13.32 13.98 -12.58
CA ARG E 234 -11.90 13.73 -12.64
C ARG E 234 -11.44 13.41 -14.06
N LEU E 235 -12.17 13.86 -15.08
CA LEU E 235 -11.78 13.62 -16.46
C LEU E 235 -10.74 14.67 -16.81
N TYR E 236 -9.47 14.27 -16.75
CA TYR E 236 -8.42 15.19 -17.14
C TYR E 236 -8.24 15.22 -18.65
N GLN E 237 -7.91 14.07 -19.22
CA GLN E 237 -7.57 13.99 -20.63
C GLN E 237 -8.79 13.81 -21.53
N PHE E 238 -9.95 13.53 -20.97
CA PHE E 238 -11.14 13.28 -21.76
C PHE E 238 -12.20 14.31 -21.43
N SER E 239 -13.26 14.32 -22.24
CA SER E 239 -14.34 15.27 -22.07
C SER E 239 -15.65 14.54 -22.32
N PHE E 240 -16.56 14.61 -21.36
CA PHE E 240 -17.84 13.94 -21.49
C PHE E 240 -18.69 14.67 -22.51
N VAL E 241 -19.35 13.92 -23.38
CA VAL E 241 -20.20 14.51 -24.42
C VAL E 241 -21.63 13.98 -24.40
N GLY E 242 -21.88 12.79 -23.87
CA GLY E 242 -23.24 12.28 -23.83
C GLY E 242 -23.24 10.83 -23.41
N LEU E 243 -24.44 10.27 -23.35
CA LEU E 243 -24.61 8.88 -22.96
C LEU E 243 -25.83 8.32 -23.65
N ARG E 244 -25.94 6.99 -23.58
CA ARG E 244 -27.10 6.29 -24.12
C ARG E 244 -27.23 4.95 -23.41
N ASN E 245 -28.49 4.57 -23.18
CA ASN E 245 -28.83 3.31 -22.48
C ASN E 245 -29.15 2.23 -23.52
N THR E 246 -29.04 0.96 -23.13
CA THR E 246 -29.30 -0.18 -23.99
C THR E 246 -29.66 -1.36 -23.10
N THR E 247 -30.51 -2.23 -23.62
CA THR E 247 -30.88 -3.47 -22.97
C THR E 247 -30.68 -4.59 -23.98
N GLU E 248 -30.24 -5.75 -23.51
CA GLU E 248 -30.00 -6.88 -24.39
C GLU E 248 -30.10 -8.16 -23.58
N VAL E 249 -30.00 -9.29 -24.26
CA VAL E 249 -30.02 -10.61 -23.64
C VAL E 249 -28.76 -11.34 -24.09
N VAL E 250 -28.03 -11.92 -23.15
CA VAL E 250 -26.73 -12.54 -23.42
C VAL E 250 -26.81 -14.02 -23.09
N LYS E 251 -26.21 -14.83 -23.94
CA LYS E 251 -26.14 -16.26 -23.70
C LYS E 251 -25.01 -16.55 -22.73
N THR E 252 -25.32 -17.33 -21.69
CA THR E 252 -24.36 -17.70 -20.66
C THR E 252 -24.57 -19.19 -20.43
N THR E 253 -23.57 -19.86 -19.85
CA THR E 253 -23.67 -21.29 -19.55
C THR E 253 -24.84 -21.63 -18.62
N SER E 254 -25.27 -20.69 -17.78
CA SER E 254 -26.38 -20.94 -16.87
C SER E 254 -27.73 -20.53 -17.46
N GLY E 255 -27.77 -19.63 -18.43
CA GLY E 255 -29.03 -19.25 -19.05
C GLY E 255 -28.94 -17.88 -19.68
N ASP E 256 -30.11 -17.39 -20.11
CA ASP E 256 -30.23 -16.09 -20.74
C ASP E 256 -30.44 -15.02 -19.69
N TYR E 257 -29.64 -13.96 -19.74
CA TYR E 257 -29.70 -12.91 -18.74
C TYR E 257 -30.01 -11.57 -19.39
N VAL E 258 -30.87 -10.80 -18.75
CA VAL E 258 -31.18 -9.45 -19.24
C VAL E 258 -30.08 -8.53 -18.75
N VAL E 259 -29.33 -7.96 -19.67
CA VAL E 259 -28.17 -7.12 -19.38
C VAL E 259 -28.50 -5.70 -19.80
N MET E 260 -28.14 -4.75 -18.94
CA MET E 260 -28.38 -3.34 -19.22
C MET E 260 -27.04 -2.65 -19.27
N SER E 261 -26.84 -1.81 -20.26
CA SER E 261 -25.56 -1.17 -20.47
C SER E 261 -25.76 0.32 -20.51
N VAL E 262 -24.77 1.05 -20.00
CA VAL E 262 -24.73 2.50 -20.12
C VAL E 262 -23.42 2.82 -20.79
N TYR E 263 -23.48 3.42 -21.96
CA TYR E 263 -22.31 3.81 -22.72
C TYR E 263 -22.11 5.29 -22.49
N PHE E 264 -20.95 5.66 -21.97
CA PHE E 264 -20.58 7.05 -21.88
C PHE E 264 -19.68 7.33 -23.05
N ASP E 265 -19.98 8.38 -23.80
CA ASP E 265 -19.20 8.74 -24.97
C ASP E 265 -18.21 9.80 -24.55
N LEU E 266 -16.94 9.53 -24.79
CA LEU E 266 -15.88 10.43 -24.41
C LEU E 266 -15.05 10.79 -25.63
N SER E 267 -14.51 12.00 -25.60
CA SER E 267 -13.63 12.48 -26.65
C SER E 267 -12.41 13.01 -25.94
N ARG E 268 -11.22 12.64 -26.42
CA ARG E 268 -10.02 13.04 -25.74
C ARG E 268 -9.68 14.48 -26.13
N ARG E 269 -9.49 15.32 -25.12
CA ARG E 269 -9.12 16.70 -25.34
C ARG E 269 -7.60 16.79 -25.39
N MET E 270 -7.08 17.21 -26.54
CA MET E 270 -5.64 17.30 -26.75
C MET E 270 -5.13 18.65 -26.24
N GLY E 271 -5.08 18.74 -24.91
CA GLY E 271 -4.59 19.93 -24.25
C GLY E 271 -3.41 19.52 -23.40
N TYR E 272 -3.38 18.24 -23.06
CA TYR E 272 -2.26 17.67 -22.32
C TYR E 272 -1.23 17.05 -23.23
N PHE E 273 -1.67 16.26 -24.21
CA PHE E 273 -0.73 15.64 -25.13
C PHE E 273 -0.06 16.66 -26.02
N THR E 274 -0.70 17.80 -26.27
CA THR E 274 -0.12 18.90 -27.04
C THR E 274 1.14 19.41 -26.35
N ILE E 275 0.99 20.02 -25.17
CA ILE E 275 2.13 20.58 -24.44
C ILE E 275 2.99 19.51 -23.79
N GLN E 276 2.59 18.25 -23.85
CA GLN E 276 3.36 17.12 -23.36
C GLN E 276 4.30 16.56 -24.40
N THR E 277 3.82 16.37 -25.62
CA THR E 277 4.60 15.70 -26.65
C THR E 277 4.67 16.44 -27.97
N TYR E 278 3.59 17.11 -28.40
CA TYR E 278 3.57 17.66 -29.75
C TYR E 278 4.46 18.88 -29.82
N ILE E 279 4.41 19.72 -28.79
CA ILE E 279 5.24 20.92 -28.71
C ILE E 279 6.71 20.52 -28.57
N PRO E 280 7.15 19.67 -27.59
CA PRO E 280 8.60 19.39 -27.53
C PRO E 280 9.19 18.67 -28.74
N CYS E 281 8.44 17.74 -29.35
CA CYS E 281 8.95 17.07 -30.55
C CYS E 281 9.11 18.02 -31.72
N THR E 282 8.12 18.90 -31.94
CA THR E 282 8.23 19.91 -32.98
C THR E 282 9.37 20.88 -32.69
N LEU E 283 9.56 21.24 -31.42
CA LEU E 283 10.68 22.09 -31.03
C LEU E 283 12.02 21.40 -31.32
N ILE E 284 12.11 20.09 -31.09
CA ILE E 284 13.36 19.39 -31.38
C ILE E 284 13.59 19.33 -32.89
N VAL E 285 12.51 19.19 -33.67
CA VAL E 285 12.64 19.19 -35.13
C VAL E 285 13.11 20.55 -35.65
N VAL E 286 12.46 21.64 -35.19
CA VAL E 286 12.89 23.00 -35.59
C VAL E 286 14.31 23.26 -35.09
N LEU E 287 14.68 22.68 -33.95
CA LEU E 287 16.05 22.78 -33.44
C LEU E 287 17.01 22.10 -34.41
N SER E 288 16.66 20.90 -34.87
CA SER E 288 17.46 20.18 -35.86
C SER E 288 17.56 20.96 -37.16
N TRP E 289 16.56 21.80 -37.46
CA TRP E 289 16.60 22.61 -38.68
C TRP E 289 17.76 23.61 -38.66
N VAL E 290 18.13 24.12 -37.49
CA VAL E 290 19.10 25.22 -37.42
C VAL E 290 20.50 24.76 -37.77
N SER E 291 20.73 23.44 -37.85
CA SER E 291 22.04 22.90 -38.20
C SER E 291 22.45 23.27 -39.61
N PHE E 292 21.49 23.60 -40.47
CA PHE E 292 21.77 23.95 -41.85
C PHE E 292 22.32 25.36 -41.95
N TRP E 293 21.92 26.24 -41.02
CA TRP E 293 22.37 27.62 -41.02
C TRP E 293 23.74 27.78 -40.40
N ILE E 294 24.28 26.71 -39.81
CA ILE E 294 25.62 26.71 -39.25
C ILE E 294 26.59 26.51 -40.40
N ASN E 295 27.77 27.15 -40.31
CA ASN E 295 28.78 27.01 -41.34
C ASN E 295 29.23 25.55 -41.48
N LYS E 296 29.39 25.12 -42.73
CA LYS E 296 29.71 23.73 -43.05
C LYS E 296 31.14 23.34 -42.72
N ASP E 297 31.97 24.27 -42.25
CA ASP E 297 33.35 23.96 -41.89
C ASP E 297 33.47 23.45 -40.47
N ALA E 298 32.61 23.93 -39.57
CA ALA E 298 32.62 23.49 -38.18
C ALA E 298 31.99 22.11 -38.12
N VAL E 299 32.82 21.09 -38.34
CA VAL E 299 32.38 19.69 -38.31
C VAL E 299 31.96 19.24 -36.91
N PRO E 300 32.73 19.46 -35.81
CA PRO E 300 32.24 19.01 -34.48
C PRO E 300 30.93 19.65 -34.07
N ALA E 301 30.69 20.90 -34.50
CA ALA E 301 29.45 21.60 -34.18
C ALA E 301 28.24 20.85 -34.73
N ARG E 302 28.24 20.56 -36.02
CA ARG E 302 27.12 19.87 -36.66
C ARG E 302 26.98 18.43 -36.16
N THR E 303 28.11 17.74 -35.91
CA THR E 303 28.02 16.39 -35.32
C THR E 303 27.37 16.43 -33.95
N SER E 304 27.77 17.41 -33.11
CA SER E 304 27.20 17.56 -31.77
C SER E 304 25.70 17.86 -31.85
N LEU E 305 25.32 18.74 -32.78
CA LEU E 305 23.92 19.05 -33.04
C LEU E 305 23.13 17.77 -33.35
N GLY E 306 23.65 16.97 -34.30
CA GLY E 306 22.97 15.74 -34.69
C GLY E 306 22.82 14.75 -33.55
N ILE E 307 23.90 14.50 -32.81
CA ILE E 307 23.85 13.46 -31.78
C ILE E 307 22.98 13.91 -30.59
N THR E 308 23.01 15.21 -30.25
CA THR E 308 22.16 15.68 -29.17
C THR E 308 20.69 15.67 -29.57
N THR E 309 20.38 16.02 -30.81
CA THR E 309 19.00 15.93 -31.27
C THR E 309 18.48 14.49 -31.33
N VAL E 310 19.29 13.53 -31.79
CA VAL E 310 18.84 12.13 -31.78
C VAL E 310 18.62 11.64 -30.35
N LEU E 311 19.56 11.94 -29.44
CA LEU E 311 19.39 11.64 -28.01
C LEU E 311 18.10 12.21 -27.45
N THR E 312 17.85 13.51 -27.67
CA THR E 312 16.68 14.16 -27.10
C THR E 312 15.40 13.60 -27.71
N MET E 313 15.41 13.28 -29.01
CA MET E 313 14.24 12.68 -29.66
C MET E 313 13.96 11.29 -29.10
N THR E 314 15.01 10.50 -28.86
CA THR E 314 14.86 9.17 -28.25
C THR E 314 14.26 9.30 -26.85
N THR E 315 14.80 10.23 -26.05
CA THR E 315 14.29 10.48 -24.71
C THR E 315 12.83 10.90 -24.74
N LEU E 316 12.47 11.77 -25.70
CA LEU E 316 11.10 12.25 -25.80
C LEU E 316 10.16 11.13 -26.24
N SER E 317 10.61 10.28 -27.16
CA SER E 317 9.82 9.12 -27.58
C SER E 317 9.59 8.15 -26.42
N THR E 318 10.66 7.87 -25.64
CA THR E 318 10.55 7.00 -24.48
C THR E 318 9.59 7.57 -23.44
N ILE E 319 9.72 8.87 -23.14
CA ILE E 319 8.91 9.52 -22.11
C ILE E 319 7.48 9.71 -22.63
N ALA E 320 7.29 9.65 -23.95
CA ALA E 320 6.00 9.84 -24.56
C ALA E 320 5.24 8.53 -24.70
N ARG E 321 5.96 7.42 -24.83
CA ARG E 321 5.33 6.13 -24.98
C ARG E 321 4.63 5.70 -23.69
N LYS E 322 5.10 6.22 -22.54
CA LYS E 322 4.70 5.73 -21.22
C LYS E 322 3.26 6.10 -20.87
N SER E 323 2.58 6.89 -21.70
CA SER E 323 1.25 7.38 -21.35
C SER E 323 0.24 6.26 -21.54
N LEU E 324 0.23 5.68 -22.72
CA LEU E 324 -0.67 4.65 -23.18
C LEU E 324 -0.05 3.29 -22.87
N PRO E 325 -0.84 2.17 -22.89
CA PRO E 325 -0.26 0.86 -22.59
C PRO E 325 0.71 0.34 -23.63
N LYS E 326 1.21 -0.86 -23.39
CA LYS E 326 2.26 -1.46 -24.21
C LYS E 326 1.64 -2.21 -25.38
N VAL E 327 0.77 -1.50 -26.12
CA VAL E 327 0.12 -2.05 -27.30
C VAL E 327 1.12 -2.28 -28.43
N SER E 328 0.78 -3.22 -29.31
CA SER E 328 1.69 -3.68 -30.35
C SER E 328 1.47 -3.01 -31.69
N TYR E 329 0.42 -2.22 -31.86
CA TYR E 329 0.16 -1.54 -33.11
C TYR E 329 0.68 -0.11 -33.04
N VAL E 330 0.76 0.53 -34.19
CA VAL E 330 1.22 1.90 -34.27
C VAL E 330 0.02 2.80 -34.07
N THR E 331 0.19 3.83 -33.27
CA THR E 331 -0.86 4.80 -33.00
C THR E 331 -0.63 6.05 -33.84
N ALA E 332 -1.44 7.08 -33.60
CA ALA E 332 -1.20 8.34 -34.28
C ALA E 332 -0.20 9.21 -33.55
N MET E 333 0.31 8.72 -32.42
CA MET E 333 1.29 9.47 -31.65
C MET E 333 2.67 8.86 -31.79
N ASP E 334 2.75 7.55 -31.94
CA ASP E 334 4.02 6.91 -32.19
C ASP E 334 4.40 7.10 -33.65
N LEU E 335 3.41 7.28 -34.52
CA LEU E 335 3.68 7.68 -35.90
C LEU E 335 4.34 9.05 -35.96
N PHE E 336 3.85 10.00 -35.16
CA PHE E 336 4.42 11.35 -35.14
C PHE E 336 5.86 11.35 -34.64
N VAL E 337 6.11 10.71 -33.49
CA VAL E 337 7.47 10.70 -32.94
C VAL E 337 8.40 9.86 -33.81
N SER E 338 7.86 8.81 -34.47
CA SER E 338 8.66 8.02 -35.39
C SER E 338 9.06 8.82 -36.62
N VAL E 339 8.13 9.61 -37.17
CA VAL E 339 8.45 10.44 -38.34
C VAL E 339 9.43 11.54 -37.95
N CYS E 340 9.27 12.13 -36.76
CA CYS E 340 10.24 13.13 -36.29
C CYS E 340 11.62 12.52 -36.09
N PHE E 341 11.70 11.34 -35.49
CA PHE E 341 12.97 10.64 -35.32
C PHE E 341 13.62 10.34 -36.66
N ILE E 342 12.82 9.91 -37.64
CA ILE E 342 13.31 9.66 -39.00
C ILE E 342 13.80 10.96 -39.63
N PHE E 343 13.11 12.07 -39.36
CA PHE E 343 13.52 13.38 -39.87
C PHE E 343 14.88 13.80 -39.31
N VAL E 344 15.07 13.65 -38.00
CA VAL E 344 16.34 14.00 -37.37
C VAL E 344 17.47 13.12 -37.92
N PHE E 345 17.22 11.80 -37.97
CA PHE E 345 18.21 10.87 -38.54
C PHE E 345 18.51 11.21 -40.00
N SER E 346 17.51 11.62 -40.76
CA SER E 346 17.68 11.96 -42.16
C SER E 346 18.54 13.21 -42.31
N ALA E 347 18.31 14.20 -41.43
CA ALA E 347 19.14 15.40 -41.41
C ALA E 347 20.59 15.06 -41.11
N LEU E 348 20.81 14.19 -40.13
CA LEU E 348 22.16 13.80 -39.74
C LEU E 348 22.88 13.04 -40.86
N VAL E 349 22.19 12.07 -41.49
CA VAL E 349 22.84 11.32 -42.57
C VAL E 349 23.02 12.21 -43.80
N GLU E 350 22.15 13.20 -44.00
CA GLU E 350 22.32 14.15 -45.09
C GLU E 350 23.58 14.97 -44.88
N TYR E 351 23.81 15.43 -43.65
CA TYR E 351 25.07 16.11 -43.33
C TYR E 351 26.26 15.16 -43.50
N GLY E 352 26.09 13.89 -43.15
CA GLY E 352 27.14 12.90 -43.35
C GLY E 352 27.55 12.78 -44.80
N THR E 353 26.56 12.62 -45.69
CA THR E 353 26.84 12.56 -47.12
C THR E 353 27.40 13.89 -47.64
N LEU E 354 26.98 15.01 -47.05
CA LEU E 354 27.54 16.32 -47.40
C LEU E 354 29.02 16.39 -47.09
N HIS E 355 29.41 15.99 -45.88
CA HIS E 355 30.82 16.00 -45.48
C HIS E 355 31.63 14.97 -46.27
N TYR E 356 31.00 13.86 -46.67
CA TYR E 356 31.72 12.90 -47.50
C TYR E 356 31.92 13.44 -48.91
N PHE E 357 30.92 14.16 -49.43
CA PHE E 357 30.96 14.61 -50.81
C PHE E 357 31.70 15.92 -51.02
N VAL E 358 31.93 16.71 -49.96
CA VAL E 358 32.67 17.97 -50.13
C VAL E 358 34.13 17.69 -50.51
N SER E 359 34.66 16.52 -50.15
CA SER E 359 36.03 16.19 -50.49
C SER E 359 36.12 15.63 -51.89
N SER E 360 35.11 14.85 -52.30
CA SER E 360 35.11 14.23 -53.62
C SER E 360 34.88 15.26 -54.71
N GLN E 361 33.70 15.90 -54.69
CA GLN E 361 33.45 16.99 -55.62
C GLN E 361 32.69 18.13 -54.93
N PRO E 362 33.28 19.32 -54.85
CA PRO E 362 32.57 20.44 -54.20
C PRO E 362 31.41 20.98 -55.01
N ALA E 363 31.40 20.75 -56.33
CA ALA E 363 30.31 21.25 -57.18
C ALA E 363 28.97 20.62 -56.83
N ARG E 364 28.98 19.37 -56.37
CA ARG E 364 27.74 18.72 -55.96
C ARG E 364 27.37 19.02 -54.52
N ALA E 365 28.37 19.21 -53.66
CA ALA E 365 28.16 19.47 -52.24
C ALA E 365 27.93 20.94 -51.92
N ALA E 366 28.05 21.83 -52.90
CA ALA E 366 27.85 23.25 -52.63
C ALA E 366 26.38 23.55 -52.39
N LYS E 367 25.51 23.08 -53.27
CA LYS E 367 24.10 23.40 -53.19
C LYS E 367 23.30 22.38 -52.37
N MET E 368 23.98 21.53 -51.59
CA MET E 368 23.24 20.56 -50.78
C MET E 368 22.59 21.25 -49.58
N ASP E 369 23.32 22.14 -48.92
CA ASP E 369 22.78 22.83 -47.77
C ASP E 369 21.71 23.83 -48.18
N SER E 370 21.92 24.53 -49.30
CA SER E 370 20.90 25.44 -49.82
C SER E 370 19.64 24.71 -50.24
N TYR E 371 19.77 23.45 -50.67
CA TYR E 371 18.59 22.65 -50.97
C TYR E 371 17.91 22.20 -49.69
N ALA E 372 18.70 21.79 -48.68
CA ALA E 372 18.14 21.29 -47.43
C ALA E 372 17.37 22.37 -46.68
N ARG E 373 17.91 23.60 -46.66
CA ARG E 373 17.30 24.75 -45.96
C ARG E 373 15.89 25.05 -46.44
N ILE E 374 15.54 24.68 -47.67
CA ILE E 374 14.19 24.88 -48.18
C ILE E 374 13.43 23.56 -48.28
N PHE E 375 14.13 22.42 -48.33
CA PHE E 375 13.45 21.13 -48.51
C PHE E 375 12.93 20.58 -47.18
N PHE E 376 13.67 20.80 -46.09
CA PHE E 376 13.25 20.24 -44.81
C PHE E 376 11.99 20.90 -44.26
N PRO E 377 11.88 22.26 -44.15
CA PRO E 377 10.62 22.83 -43.63
C PRO E 377 9.39 22.53 -44.48
N THR E 378 9.50 22.52 -45.82
CA THR E 378 8.33 22.20 -46.63
C THR E 378 7.88 20.76 -46.41
N ALA E 379 8.83 19.81 -46.32
CA ALA E 379 8.48 18.42 -46.07
C ALA E 379 7.82 18.25 -44.70
N PHE E 380 8.34 18.93 -43.68
CA PHE E 380 7.73 18.86 -42.36
C PHE E 380 6.35 19.51 -42.33
N CYS E 381 6.20 20.64 -43.01
CA CYS E 381 4.89 21.30 -43.05
C CYS E 381 3.86 20.48 -43.83
N LEU E 382 4.28 19.87 -44.96
CA LEU E 382 3.37 19.02 -45.72
C LEU E 382 2.98 17.78 -44.93
N PHE E 383 3.95 17.17 -44.22
CA PHE E 383 3.66 16.03 -43.36
C PHE E 383 2.68 16.40 -42.27
N ASN E 384 2.91 17.55 -41.61
CA ASN E 384 2.00 18.03 -40.57
C ASN E 384 0.61 18.27 -41.13
N LEU E 385 0.52 18.86 -42.33
CA LEU E 385 -0.77 19.13 -42.95
C LEU E 385 -1.54 17.83 -43.20
N VAL E 386 -0.91 16.86 -43.88
CA VAL E 386 -1.60 15.60 -44.22
C VAL E 386 -1.93 14.81 -42.96
N TYR E 387 -1.01 14.81 -41.98
CA TYR E 387 -1.20 14.10 -40.71
C TYR E 387 -2.38 14.67 -39.94
N TRP E 388 -2.40 15.99 -39.76
CA TRP E 388 -3.44 16.62 -38.97
C TRP E 388 -4.81 16.51 -39.64
N VAL E 389 -4.90 16.69 -40.98
CA VAL E 389 -6.20 16.53 -41.65
C VAL E 389 -6.67 15.09 -41.59
N SER E 390 -5.77 14.11 -41.87
CA SER E 390 -6.17 12.71 -41.91
C SER E 390 -6.53 12.18 -40.54
N TYR E 391 -5.94 12.71 -39.48
CA TYR E 391 -6.25 12.19 -38.16
C TYR E 391 -7.29 13.03 -37.41
N LEU E 392 -7.61 14.22 -37.89
CA LEU E 392 -8.71 14.99 -37.34
C LEU E 392 -10.00 14.86 -38.14
N TYR E 393 -9.94 14.24 -39.32
CA TYR E 393 -11.16 13.90 -40.03
C TYR E 393 -11.85 12.70 -39.39
N LEU E 394 -11.07 11.75 -38.86
CA LEU E 394 -11.64 10.58 -38.19
C LEU E 394 -12.23 10.95 -36.84
N ASN F 1 24.24 -39.82 5.63
CA ASN F 1 24.36 -40.39 6.97
C ASN F 1 25.25 -39.54 7.86
N ILE F 2 24.64 -38.82 8.79
CA ILE F 2 25.39 -37.92 9.67
C ILE F 2 26.17 -38.76 10.66
N VAL F 3 27.47 -38.52 10.74
CA VAL F 3 28.32 -39.28 11.66
C VAL F 3 28.64 -38.39 12.84
N MET F 4 28.72 -38.99 14.03
CA MET F 4 29.02 -38.27 15.25
C MET F 4 30.33 -38.80 15.80
N THR F 5 31.29 -37.91 15.98
CA THR F 5 32.60 -38.27 16.50
C THR F 5 32.69 -37.79 17.94
N GLN F 6 32.85 -38.73 18.86
CA GLN F 6 32.87 -38.43 20.27
C GLN F 6 34.31 -38.48 20.77
N SER F 7 34.63 -37.63 21.74
CA SER F 7 35.98 -37.59 22.24
C SER F 7 35.96 -37.28 23.72
N PRO F 8 36.81 -37.94 24.52
CA PRO F 8 37.73 -39.00 24.12
C PRO F 8 37.05 -40.36 24.22
N LYS F 9 37.72 -41.40 23.72
CA LYS F 9 37.19 -42.75 23.80
C LYS F 9 37.11 -43.22 25.25
N SER F 10 38.06 -42.81 26.09
CA SER F 10 38.06 -43.15 27.49
C SER F 10 38.72 -42.03 28.28
N MET F 11 38.38 -41.97 29.57
CA MET F 11 38.93 -40.93 30.44
C MET F 11 38.90 -41.44 31.87
N SER F 12 40.03 -41.37 32.55
CA SER F 12 40.16 -41.81 33.93
C SER F 12 40.37 -40.59 34.81
N MET F 13 39.55 -40.47 35.85
CA MET F 13 39.60 -39.33 36.75
C MET F 13 38.98 -39.71 38.08
N SER F 14 39.26 -38.90 39.10
CA SER F 14 38.84 -39.18 40.47
C SER F 14 37.47 -38.55 40.73
N VAL F 15 37.06 -38.52 42.00
CA VAL F 15 35.75 -38.03 42.40
C VAL F 15 35.88 -36.57 42.80
N GLY F 16 34.94 -35.73 42.34
CA GLY F 16 34.79 -34.37 42.81
C GLY F 16 35.17 -33.30 41.81
N GLU F 17 35.97 -33.62 40.80
CA GLU F 17 36.42 -32.60 39.86
C GLU F 17 35.41 -32.44 38.72
N ARG F 18 35.70 -31.51 37.83
CA ARG F 18 34.84 -31.20 36.70
C ARG F 18 35.38 -31.95 35.48
N VAL F 19 34.47 -32.51 34.69
CA VAL F 19 34.82 -33.29 33.52
C VAL F 19 33.96 -32.82 32.36
N THR F 20 34.49 -32.98 31.15
CA THR F 20 33.84 -32.47 29.95
C THR F 20 34.03 -33.50 28.83
N LEU F 21 32.95 -33.76 28.11
CA LEU F 21 32.95 -34.66 26.98
C LEU F 21 32.53 -33.89 25.75
N SER F 22 33.10 -34.22 24.61
CA SER F 22 32.83 -33.48 23.38
C SER F 22 32.26 -34.41 22.33
N CYS F 23 31.45 -33.85 21.45
CA CYS F 23 30.84 -34.58 20.35
C CYS F 23 30.79 -33.64 19.15
N LYS F 24 31.12 -34.15 17.99
CA LYS F 24 31.16 -33.36 16.76
C LYS F 24 30.40 -34.08 15.67
N ALA F 25 29.71 -33.31 14.84
CA ALA F 25 28.95 -33.86 13.74
C ALA F 25 29.59 -33.50 12.41
N SER F 26 29.35 -34.34 11.40
CA SER F 26 29.84 -34.02 10.07
C SER F 26 28.95 -32.98 9.42
N GLU F 27 27.65 -33.24 9.39
CA GLU F 27 26.67 -32.32 8.84
C GLU F 27 26.10 -31.45 9.96
N TYR F 28 25.03 -30.74 9.66
CA TYR F 28 24.36 -29.87 10.60
C TYR F 28 23.35 -30.66 11.42
N VAL F 29 23.40 -30.52 12.74
CA VAL F 29 22.38 -31.04 13.66
C VAL F 29 22.06 -29.90 14.62
N GLY F 30 20.95 -29.23 14.41
CA GLY F 30 20.71 -28.03 15.18
C GLY F 30 20.00 -28.31 16.49
N THR F 31 20.78 -28.43 17.59
CA THR F 31 20.33 -28.65 18.98
C THR F 31 19.36 -29.82 19.07
N TYR F 32 19.63 -30.87 18.30
CA TYR F 32 18.87 -32.11 18.39
C TYR F 32 19.81 -33.26 18.74
N VAL F 33 20.67 -33.05 19.72
CA VAL F 33 21.68 -34.03 20.09
C VAL F 33 21.46 -34.39 21.54
N SER F 34 21.24 -35.67 21.80
CA SER F 34 20.95 -36.16 23.14
C SER F 34 22.15 -36.92 23.69
N TRP F 35 22.25 -36.91 25.01
CA TRP F 35 23.32 -37.56 25.74
C TRP F 35 22.74 -38.64 26.62
N TYR F 36 23.18 -39.87 26.43
CA TYR F 36 22.71 -41.02 27.20
C TYR F 36 23.83 -41.58 28.08
N GLN F 37 23.42 -42.17 29.18
CA GLN F 37 24.31 -42.81 30.13
C GLN F 37 23.91 -44.28 30.23
N GLN F 38 24.88 -45.17 30.05
CA GLN F 38 24.62 -46.61 30.12
C GLN F 38 25.62 -47.21 31.10
N LYS F 39 25.11 -47.75 32.19
CA LYS F 39 25.89 -48.49 33.15
C LYS F 39 26.09 -49.92 32.67
N PRO F 40 27.11 -50.64 33.17
CA PRO F 40 27.33 -52.02 32.72
C PRO F 40 26.16 -52.93 33.05
N GLU F 41 25.71 -53.67 32.02
CA GLU F 41 24.59 -54.61 32.09
C GLU F 41 23.31 -53.88 32.47
N GLN F 42 23.04 -52.80 31.75
CA GLN F 42 21.83 -52.00 31.91
C GLN F 42 21.49 -51.36 30.58
N SER F 43 20.37 -50.70 30.55
CA SER F 43 19.88 -50.00 29.38
C SER F 43 20.26 -48.52 29.45
N PRO F 44 20.47 -47.88 28.30
CA PRO F 44 20.82 -46.45 28.30
C PRO F 44 19.67 -45.61 28.84
N LYS F 45 20.03 -44.58 29.59
CA LYS F 45 19.06 -43.66 30.17
C LYS F 45 19.31 -42.27 29.60
N LEU F 46 18.22 -41.57 29.26
CA LEU F 46 18.35 -40.24 28.69
C LEU F 46 18.78 -39.29 29.79
N LEU F 47 19.88 -38.57 29.58
CA LEU F 47 20.33 -37.55 30.51
C LEU F 47 19.93 -36.16 30.04
N ILE F 48 20.34 -35.81 28.83
CA ILE F 48 20.16 -34.47 28.26
C ILE F 48 19.45 -34.64 26.93
N TYR F 49 18.40 -33.86 26.71
CA TYR F 49 17.73 -33.82 25.41
C TYR F 49 17.89 -32.43 24.82
N GLY F 50 17.33 -32.23 23.63
CA GLY F 50 17.58 -31.00 22.89
C GLY F 50 19.06 -30.94 22.59
N ALA F 51 19.72 -29.96 23.15
CA ALA F 51 21.16 -29.92 23.35
C ALA F 51 21.49 -29.57 24.78
N SER F 52 20.69 -28.69 25.39
CA SER F 52 20.82 -28.31 26.80
C SER F 52 19.42 -28.31 27.41
N ASN F 53 18.98 -29.48 27.87
CA ASN F 53 17.67 -29.65 28.49
C ASN F 53 17.77 -30.87 29.39
N ARG F 54 17.78 -30.64 30.70
CA ARG F 54 17.90 -31.75 31.64
C ARG F 54 16.60 -32.54 31.68
N TYR F 55 16.73 -33.86 31.59
CA TYR F 55 15.59 -34.76 31.68
C TYR F 55 15.00 -34.75 33.08
N THR F 56 13.69 -34.95 33.16
CA THR F 56 12.96 -34.87 34.43
C THR F 56 13.36 -36.06 35.29
N GLY F 57 14.29 -35.85 36.21
CA GLY F 57 14.70 -36.90 37.11
C GLY F 57 16.20 -37.04 37.19
N VAL F 58 16.93 -36.08 36.61
CA VAL F 58 18.38 -36.14 36.60
C VAL F 58 18.89 -35.07 37.57
N PRO F 59 20.06 -35.23 38.19
CA PRO F 59 20.60 -34.18 39.05
C PRO F 59 20.99 -32.93 38.26
N ASP F 60 21.35 -31.91 39.01
CA ASP F 60 21.70 -30.62 38.43
C ASP F 60 23.18 -30.54 38.03
N ARG F 61 23.97 -31.57 38.34
CA ARG F 61 25.39 -31.53 38.02
C ARG F 61 25.68 -31.82 36.55
N PHE F 62 24.71 -32.34 35.80
CA PHE F 62 24.87 -32.50 34.36
C PHE F 62 24.44 -31.23 33.66
N THR F 63 25.23 -30.82 32.67
CA THR F 63 24.92 -29.64 31.89
C THR F 63 25.33 -29.89 30.44
N GLY F 64 24.47 -29.49 29.52
CA GLY F 64 24.72 -29.60 28.10
C GLY F 64 24.97 -28.24 27.50
N SER F 65 25.81 -28.19 26.47
CA SER F 65 26.05 -26.95 25.75
C SER F 65 26.05 -27.26 24.27
N GLY F 66 25.24 -26.54 23.52
CA GLY F 66 25.02 -26.91 22.14
C GLY F 66 25.31 -25.84 21.11
N SER F 67 25.43 -26.26 19.87
CA SER F 67 25.69 -25.38 18.73
C SER F 67 25.08 -26.05 17.50
N ALA F 68 25.55 -25.64 16.32
CA ALA F 68 25.15 -26.34 15.11
C ALA F 68 25.99 -27.57 14.83
N THR F 69 27.22 -27.59 15.30
CA THR F 69 28.10 -28.74 15.05
C THR F 69 28.81 -29.25 16.29
N ASP F 70 29.20 -28.39 17.23
CA ASP F 70 29.98 -28.77 18.39
C ASP F 70 29.12 -28.77 19.64
N PHE F 71 29.08 -29.90 20.32
CA PHE F 71 28.28 -30.07 21.53
C PHE F 71 29.19 -30.55 22.64
N THR F 72 28.80 -30.29 23.89
CA THR F 72 29.60 -30.67 25.04
C THR F 72 28.69 -31.01 26.20
N LEU F 73 29.17 -31.89 27.06
CA LEU F 73 28.48 -32.29 28.27
C LEU F 73 29.45 -32.09 29.43
N THR F 74 29.08 -31.25 30.38
CA THR F 74 29.93 -30.94 31.52
C THR F 74 29.31 -31.49 32.79
N ILE F 75 30.09 -32.23 33.56
CA ILE F 75 29.65 -32.77 34.84
C ILE F 75 30.54 -32.16 35.91
N GLY F 76 29.97 -31.31 36.77
CA GLY F 76 30.71 -30.69 37.84
C GLY F 76 30.44 -31.43 39.15
N SER F 77 31.52 -31.71 39.87
CA SER F 77 31.50 -32.41 41.17
C SER F 77 30.85 -33.79 41.04
N VAL F 78 31.55 -34.65 40.27
CA VAL F 78 31.07 -36.01 40.01
C VAL F 78 30.99 -36.83 41.31
N GLN F 79 30.24 -37.92 41.25
CA GLN F 79 30.09 -38.84 42.36
C GLN F 79 30.62 -40.22 41.95
N ALA F 80 30.41 -41.20 42.83
CA ALA F 80 30.84 -42.56 42.59
C ALA F 80 29.86 -43.35 41.73
N GLU F 81 28.67 -42.80 41.47
CA GLU F 81 27.69 -43.47 40.62
C GLU F 81 27.56 -42.83 39.25
N ASP F 82 28.34 -41.81 38.93
CA ASP F 82 28.34 -41.23 37.60
C ASP F 82 29.38 -41.85 36.68
N LEU F 83 29.81 -43.08 36.95
CA LEU F 83 30.74 -43.80 36.09
C LEU F 83 29.94 -44.77 35.25
N ALA F 84 30.01 -44.60 33.93
CA ALA F 84 29.27 -45.39 32.96
C ALA F 84 29.81 -45.04 31.58
N ASP F 85 29.18 -45.62 30.55
CA ASP F 85 29.47 -45.22 29.19
C ASP F 85 28.53 -44.08 28.82
N TYR F 86 29.04 -43.15 28.02
CA TYR F 86 28.26 -41.99 27.61
C TYR F 86 28.27 -41.87 26.09
N HIS F 87 27.09 -41.79 25.52
CA HIS F 87 26.91 -41.72 24.08
C HIS F 87 26.21 -40.43 23.70
N CYS F 88 26.66 -39.82 22.62
CA CYS F 88 25.97 -38.68 22.03
C CYS F 88 25.29 -39.15 20.77
N GLY F 89 24.02 -38.78 20.61
CA GLY F 89 23.30 -39.20 19.44
C GLY F 89 22.52 -38.05 18.86
N GLN F 90 22.56 -37.91 17.55
CA GLN F 90 21.84 -36.85 16.88
C GLN F 90 20.48 -37.33 16.43
N SER F 91 19.56 -36.39 16.27
CA SER F 91 18.23 -36.72 15.82
C SER F 91 17.70 -35.77 14.75
N TYR F 92 18.55 -34.89 14.21
CA TYR F 92 18.14 -34.01 13.11
C TYR F 92 17.72 -34.81 11.90
N SER F 93 18.41 -35.90 11.63
CA SER F 93 18.10 -36.85 10.58
C SER F 93 17.81 -38.16 11.30
N TYR F 94 17.77 -39.24 10.53
CA TYR F 94 17.69 -40.57 11.10
C TYR F 94 18.82 -40.76 12.12
N PRO F 95 18.54 -41.28 13.31
CA PRO F 95 19.48 -41.16 14.43
C PRO F 95 20.74 -41.97 14.25
N THR F 96 21.87 -41.34 14.54
CA THR F 96 23.17 -41.99 14.59
C THR F 96 23.84 -41.61 15.88
N PHE F 97 24.56 -42.55 16.48
CA PHE F 97 25.18 -42.36 17.78
C PHE F 97 26.68 -42.20 17.61
N GLY F 98 27.32 -41.85 18.73
CA GLY F 98 28.76 -41.77 18.78
C GLY F 98 29.37 -43.08 19.24
N ALA F 99 30.69 -43.10 19.26
CA ALA F 99 31.40 -44.34 19.60
C ALA F 99 31.28 -44.68 21.07
N GLY F 100 31.10 -43.67 21.92
CA GLY F 100 31.00 -43.89 23.35
C GLY F 100 32.18 -43.27 24.08
N THR F 101 32.07 -43.28 25.41
CA THR F 101 33.13 -42.72 26.25
C THR F 101 33.08 -43.44 27.59
N LYS F 102 34.10 -44.24 27.87
CA LYS F 102 34.21 -44.93 29.14
C LYS F 102 34.68 -43.95 30.20
N LEU F 103 34.19 -44.14 31.42
CA LEU F 103 34.57 -43.31 32.56
C LEU F 103 35.01 -44.24 33.67
N GLU F 104 36.27 -44.11 34.08
CA GLU F 104 36.89 -45.02 35.04
C GLU F 104 37.46 -44.19 36.19
N LEU F 105 37.61 -44.83 37.35
CA LEU F 105 38.09 -44.20 38.56
C LEU F 105 39.54 -44.59 38.85
N VAL G 2 6.19 -45.02 30.10
CA VAL G 2 6.75 -45.15 31.43
C VAL G 2 7.56 -46.44 31.55
N GLN G 3 7.12 -47.50 30.86
CA GLN G 3 7.85 -48.76 30.89
C GLN G 3 7.71 -49.46 29.54
N LEU G 4 8.81 -50.03 29.08
CA LEU G 4 8.87 -50.83 27.86
C LEU G 4 9.44 -52.18 28.23
N GLN G 5 8.70 -53.25 27.97
CA GLN G 5 9.10 -54.60 28.30
C GLN G 5 9.41 -55.38 27.04
N GLN G 6 10.63 -55.88 26.96
CA GLN G 6 11.12 -56.66 25.84
C GLN G 6 11.06 -58.15 26.16
N SER G 7 11.38 -58.96 25.14
CA SER G 7 11.34 -60.41 25.29
C SER G 7 12.61 -60.89 26.00
N GLY G 8 12.79 -62.20 26.05
CA GLY G 8 13.92 -62.80 26.73
C GLY G 8 15.05 -63.20 25.80
N ALA G 9 16.26 -63.23 26.36
CA ALA G 9 17.45 -63.62 25.62
C ALA G 9 17.35 -65.07 25.17
N GLU G 10 18.01 -65.39 24.06
CA GLU G 10 17.97 -66.73 23.50
C GLU G 10 19.13 -66.91 22.53
N LEU G 11 19.38 -68.16 22.16
CA LEU G 11 20.37 -68.51 21.15
C LEU G 11 19.62 -68.81 19.86
N VAL G 12 20.34 -68.75 18.74
CA VAL G 12 19.78 -69.00 17.40
C VAL G 12 20.90 -69.52 16.52
N LYS G 13 20.57 -70.48 15.64
CA LYS G 13 21.48 -71.11 14.70
C LYS G 13 21.75 -70.18 13.51
N PRO G 14 22.98 -70.15 13.00
CA PRO G 14 23.32 -69.27 11.86
C PRO G 14 22.52 -69.62 10.61
N GLY G 15 21.73 -68.65 10.14
CA GLY G 15 20.92 -68.83 8.95
C GLY G 15 19.43 -68.89 9.20
N ALA G 16 19.00 -68.80 10.46
CA ALA G 16 17.60 -68.86 10.81
C ALA G 16 17.03 -67.44 10.84
N SER G 17 15.82 -67.30 11.41
CA SER G 17 15.20 -66.01 11.57
C SER G 17 14.69 -65.88 12.99
N VAL G 18 14.68 -64.63 13.49
CA VAL G 18 14.29 -64.34 14.86
C VAL G 18 13.21 -63.27 14.81
N LYS G 19 12.38 -63.23 15.85
CA LYS G 19 11.37 -62.20 16.01
C LYS G 19 11.44 -61.71 17.44
N LEU G 20 11.98 -60.51 17.63
CA LEU G 20 12.06 -59.91 18.96
C LEU G 20 10.85 -59.04 19.21
N SER G 21 10.42 -59.00 20.45
CA SER G 21 9.20 -58.29 20.82
C SER G 21 9.49 -57.21 21.83
N CYS G 22 8.62 -56.21 21.86
CA CYS G 22 8.76 -55.09 22.78
C CYS G 22 7.35 -54.65 23.14
N THR G 23 6.95 -54.89 24.39
CA THR G 23 5.60 -54.58 24.85
C THR G 23 5.62 -53.27 25.62
N ALA G 24 4.77 -52.35 25.20
CA ALA G 24 4.69 -51.03 25.81
C ALA G 24 3.57 -51.01 26.84
N SER G 25 3.84 -50.33 27.96
CA SER G 25 2.86 -50.19 29.02
C SER G 25 2.97 -48.80 29.64
N GLY G 26 1.85 -48.08 29.70
CA GLY G 26 1.83 -46.74 30.21
C GLY G 26 1.51 -45.68 29.19
N PHE G 27 1.41 -46.04 27.92
CA PHE G 27 1.10 -45.09 26.86
C PHE G 27 0.54 -45.87 25.67
N ASN G 28 0.12 -45.12 24.65
CA ASN G 28 -0.41 -45.68 23.42
C ASN G 28 0.65 -45.50 22.35
N ILE G 29 0.97 -46.60 21.65
CA ILE G 29 2.02 -46.58 20.63
C ILE G 29 1.61 -45.80 19.38
N LYS G 30 0.32 -45.53 19.19
CA LYS G 30 -0.12 -44.71 18.06
C LYS G 30 0.29 -43.24 18.18
N ASP G 31 0.87 -42.82 19.30
CA ASP G 31 1.24 -41.43 19.52
C ASP G 31 2.69 -41.15 19.14
N THR G 32 3.62 -42.04 19.47
CA THR G 32 5.03 -41.78 19.27
C THR G 32 5.59 -42.71 18.20
N TYR G 33 6.86 -42.49 17.86
CA TYR G 33 7.61 -43.40 17.03
C TYR G 33 8.31 -44.44 17.91
N MET G 34 8.67 -45.57 17.30
CA MET G 34 9.38 -46.63 18.01
C MET G 34 10.66 -46.96 17.28
N TYR G 35 11.77 -46.90 18.00
CA TYR G 35 13.08 -47.13 17.43
C TYR G 35 13.63 -48.46 17.93
N TRP G 36 14.40 -49.13 17.09
CA TRP G 36 15.14 -50.33 17.47
C TRP G 36 16.62 -50.04 17.33
N VAL G 37 17.37 -50.27 18.41
CA VAL G 37 18.79 -49.97 18.47
C VAL G 37 19.52 -51.26 18.79
N LYS G 38 20.71 -51.40 18.21
CA LYS G 38 21.56 -52.58 18.40
C LYS G 38 22.88 -52.14 19.01
N GLN G 39 23.34 -52.89 20.00
CA GLN G 39 24.59 -52.58 20.67
C GLN G 39 25.44 -53.84 20.73
N ARG G 40 26.67 -53.73 20.26
CA ARG G 40 27.66 -54.77 20.34
C ARG G 40 28.36 -54.69 21.69
N PRO G 41 28.99 -55.78 22.15
CA PRO G 41 29.69 -55.75 23.46
C PRO G 41 30.81 -54.72 23.49
N GLU G 42 30.67 -53.75 24.40
CA GLU G 42 31.63 -52.67 24.64
C GLU G 42 31.90 -51.85 23.38
N GLN G 43 30.83 -51.54 22.65
CA GLN G 43 30.87 -50.72 21.46
C GLN G 43 29.77 -49.67 21.54
N GLY G 44 29.69 -48.83 20.52
CA GLY G 44 28.67 -47.81 20.47
C GLY G 44 27.33 -48.36 20.00
N LEU G 45 26.28 -47.58 20.25
CA LEU G 45 24.95 -47.98 19.81
C LEU G 45 24.80 -47.79 18.31
N GLU G 46 23.99 -48.62 17.70
CA GLU G 46 23.74 -48.56 16.26
C GLU G 46 22.23 -48.63 16.03
N TRP G 47 21.73 -47.69 15.24
CA TRP G 47 20.31 -47.59 14.95
C TRP G 47 19.91 -48.54 13.82
N ILE G 48 18.92 -49.39 14.09
CA ILE G 48 18.46 -50.36 13.12
C ILE G 48 17.37 -49.74 12.26
N GLY G 49 16.26 -49.34 12.87
CA GLY G 49 15.13 -48.87 12.10
C GLY G 49 14.13 -48.11 12.93
N ARG G 50 13.09 -47.66 12.24
CA ARG G 50 12.11 -46.71 12.74
C ARG G 50 10.75 -47.16 12.24
N ILE G 51 9.74 -47.13 13.09
CA ILE G 51 8.38 -47.44 12.67
C ILE G 51 7.45 -46.36 13.19
N ASP G 52 6.46 -45.97 12.38
CA ASP G 52 5.39 -45.06 12.75
C ASP G 52 4.13 -45.90 12.94
N PRO G 53 3.79 -46.26 14.19
CA PRO G 53 2.69 -47.21 14.41
C PRO G 53 1.31 -46.70 14.00
N ALA G 54 1.12 -45.39 13.95
CA ALA G 54 -0.19 -44.83 13.59
C ALA G 54 -0.48 -45.05 12.11
N ASN G 55 0.49 -44.72 11.26
CA ASN G 55 0.32 -44.90 9.82
C ASN G 55 0.75 -46.30 9.39
N GLY G 56 1.96 -46.71 9.75
CA GLY G 56 2.48 -48.01 9.39
C GLY G 56 3.72 -47.97 8.53
N ASP G 57 4.16 -46.80 8.08
CA ASP G 57 5.35 -46.72 7.24
C ASP G 57 6.58 -46.79 8.11
N THR G 58 7.63 -47.42 7.57
CA THR G 58 8.87 -47.64 8.31
C THR G 58 10.06 -47.15 7.51
N LYS G 59 11.14 -46.86 8.23
CA LYS G 59 12.43 -46.57 7.65
C LYS G 59 13.48 -47.42 8.34
N TYR G 60 14.55 -47.74 7.60
CA TYR G 60 15.62 -48.57 8.11
C TYR G 60 16.97 -47.93 7.77
N ASP G 61 17.96 -48.25 8.60
CA ASP G 61 19.33 -47.88 8.31
C ASP G 61 19.74 -48.58 7.01
N PRO G 62 20.43 -47.87 6.10
CA PRO G 62 20.94 -48.51 4.86
C PRO G 62 21.78 -49.76 5.07
N LYS G 63 22.49 -49.87 6.20
CA LYS G 63 23.23 -51.09 6.49
C LYS G 63 22.29 -52.25 6.79
N PHE G 64 21.14 -51.96 7.40
CA PHE G 64 20.18 -52.98 7.78
C PHE G 64 19.00 -53.08 6.82
N GLN G 65 19.05 -52.38 5.68
CA GLN G 65 17.98 -52.43 4.71
C GLN G 65 17.90 -53.82 4.09
N GLY G 66 16.72 -54.44 4.17
CA GLY G 66 16.52 -55.77 3.64
C GLY G 66 16.84 -56.89 4.60
N LYS G 67 17.56 -56.60 5.69
CA LYS G 67 17.91 -57.59 6.69
C LYS G 67 16.90 -57.62 7.84
N ALA G 68 16.40 -56.47 8.26
CA ALA G 68 15.47 -56.37 9.37
C ALA G 68 14.11 -55.92 8.87
N THR G 69 13.07 -56.34 9.59
CA THR G 69 11.70 -55.94 9.28
C THR G 69 10.99 -55.62 10.59
N ILE G 70 10.56 -54.37 10.74
CA ILE G 70 9.90 -53.90 11.95
C ILE G 70 8.40 -53.82 11.67
N THR G 71 7.59 -54.34 12.59
CA THR G 71 6.15 -54.31 12.50
C THR G 71 5.59 -54.01 13.88
N THR G 72 4.28 -53.79 13.96
CA THR G 72 3.63 -53.42 15.21
C THR G 72 2.30 -54.15 15.32
N ASP G 73 1.76 -54.17 16.54
CA ASP G 73 0.45 -54.74 16.79
C ASP G 73 -0.16 -53.87 17.88
N THR G 74 -1.18 -53.08 17.52
CA THR G 74 -1.75 -52.13 18.45
C THR G 74 -2.70 -52.79 19.45
N PHE G 75 -3.29 -53.94 19.09
CA PHE G 75 -4.18 -54.68 19.98
C PHE G 75 -3.47 -55.14 21.24
N SER G 76 -2.36 -55.85 21.09
CA SER G 76 -1.58 -56.32 22.23
C SER G 76 -0.58 -55.29 22.72
N ASN G 77 -0.53 -54.13 22.06
CA ASN G 77 0.35 -53.01 22.39
C ASN G 77 1.82 -53.41 22.37
N THR G 78 2.23 -54.02 21.26
CA THR G 78 3.58 -54.55 21.11
C THR G 78 4.19 -54.05 19.80
N ALA G 79 5.51 -54.14 19.73
CA ALA G 79 6.27 -53.79 18.53
C ALA G 79 7.26 -54.91 18.28
N TYR G 80 7.36 -55.35 17.04
CA TYR G 80 8.19 -56.50 16.71
C TYR G 80 9.33 -56.12 15.76
N LEU G 81 10.45 -56.80 15.93
CA LEU G 81 11.61 -56.67 15.06
C LEU G 81 11.98 -58.07 14.57
N GLN G 82 11.93 -58.27 13.26
CA GLN G 82 12.23 -59.56 12.66
C GLN G 82 13.58 -59.47 11.95
N LEU G 83 14.51 -60.32 12.37
CA LEU G 83 15.83 -60.40 11.75
C LEU G 83 15.91 -61.68 10.95
N SER G 84 16.44 -61.59 9.73
CA SER G 84 16.58 -62.75 8.87
C SER G 84 17.98 -62.80 8.30
N SER G 85 18.37 -64.00 7.85
CA SER G 85 19.68 -64.30 7.25
C SER G 85 20.82 -63.86 8.17
N LEU G 86 20.86 -64.46 9.35
CA LEU G 86 21.82 -64.03 10.36
C LEU G 86 23.24 -64.46 10.02
N THR G 87 24.19 -63.74 10.58
CA THR G 87 25.62 -64.00 10.43
C THR G 87 26.24 -64.04 11.82
N SER G 88 27.58 -64.07 11.88
CA SER G 88 28.25 -64.14 13.17
C SER G 88 28.40 -62.77 13.82
N GLU G 89 28.31 -61.69 13.06
CA GLU G 89 28.41 -60.35 13.62
C GLU G 89 27.07 -59.80 14.11
N ASP G 90 26.08 -60.67 14.29
CA ASP G 90 24.77 -60.27 14.81
C ASP G 90 24.62 -60.57 16.28
N THR G 91 25.64 -61.15 16.92
CA THR G 91 25.62 -61.37 18.35
C THR G 91 25.72 -60.01 19.04
N ALA G 92 24.61 -59.55 19.59
CA ALA G 92 24.53 -58.19 20.14
C ALA G 92 23.42 -58.13 21.17
N VAL G 93 23.11 -56.93 21.62
CA VAL G 93 22.00 -56.65 22.50
C VAL G 93 21.10 -55.67 21.77
N TYR G 94 19.81 -56.00 21.67
CA TYR G 94 18.87 -55.21 20.88
C TYR G 94 17.93 -54.46 21.82
N TYR G 95 17.83 -53.16 21.62
CA TYR G 95 17.01 -52.29 22.46
C TYR G 95 15.84 -51.72 21.67
N CYS G 96 14.74 -51.53 22.38
CA CYS G 96 13.50 -50.98 21.86
C CYS G 96 13.25 -49.66 22.57
N ALA G 97 13.27 -48.57 21.81
CA ALA G 97 13.22 -47.24 22.38
C ALA G 97 11.97 -46.52 21.89
N ARG G 98 11.54 -45.54 22.69
CA ARG G 98 10.34 -44.76 22.44
C ARG G 98 10.75 -43.32 22.20
N LYS G 99 10.20 -42.70 21.16
CA LYS G 99 10.53 -41.32 20.89
C LYS G 99 9.75 -40.43 21.86
N GLY G 100 10.36 -39.29 22.20
CA GLY G 100 9.68 -38.31 23.01
C GLY G 100 10.62 -37.24 23.47
N LEU G 101 10.07 -36.05 23.76
CA LEU G 101 10.78 -34.90 24.32
C LEU G 101 11.95 -34.47 23.42
N ARG G 102 11.56 -33.94 22.25
CA ARG G 102 12.46 -33.30 21.27
C ARG G 102 13.38 -34.32 20.62
N TRP G 103 12.82 -35.48 20.23
CA TRP G 103 13.49 -36.54 19.48
C TRP G 103 14.72 -37.05 20.24
N ALA G 104 14.46 -37.65 21.37
CA ALA G 104 15.52 -37.98 22.29
C ALA G 104 15.65 -39.45 22.63
N MET G 105 14.62 -40.27 22.37
CA MET G 105 14.56 -41.67 22.78
C MET G 105 14.71 -41.79 24.30
N ASP G 106 13.72 -41.22 24.98
CA ASP G 106 13.80 -41.06 26.42
C ASP G 106 13.58 -42.36 27.17
N TYR G 107 12.70 -43.22 26.67
CA TYR G 107 12.38 -44.46 27.35
C TYR G 107 12.94 -45.61 26.53
N TRP G 108 13.69 -46.48 27.18
CA TRP G 108 14.30 -47.62 26.55
C TRP G 108 13.74 -48.89 27.18
N GLY G 109 13.98 -50.01 26.53
CA GLY G 109 13.57 -51.30 27.02
C GLY G 109 14.57 -51.87 28.00
N GLN G 110 14.52 -53.19 28.17
CA GLN G 110 15.49 -53.88 28.99
C GLN G 110 16.58 -54.55 28.17
N GLY G 111 16.36 -54.71 26.87
CA GLY G 111 17.35 -55.27 25.97
C GLY G 111 17.34 -56.78 25.97
N THR G 112 17.30 -57.37 24.78
CA THR G 112 17.38 -58.82 24.63
C THR G 112 18.73 -59.19 24.04
N SER G 113 19.33 -60.24 24.59
CA SER G 113 20.61 -60.72 24.10
C SER G 113 20.35 -61.77 23.03
N VAL G 114 20.80 -61.50 21.81
CA VAL G 114 20.67 -62.42 20.70
C VAL G 114 22.05 -62.95 20.40
N THR G 115 22.23 -64.26 20.51
CA THR G 115 23.53 -64.89 20.27
C THR G 115 23.40 -65.88 19.12
N VAL G 116 24.43 -65.93 18.29
CA VAL G 116 24.46 -66.76 17.10
C VAL G 116 25.55 -67.80 17.30
N SER G 117 25.16 -69.07 17.33
CA SER G 117 26.12 -70.16 17.53
C SER G 117 26.38 -70.93 16.25
N ASN H 1 -14.97 40.39 15.19
CA ASN H 1 -16.36 40.79 15.36
C ASN H 1 -16.94 41.18 14.00
N ILE H 2 -17.75 40.28 13.42
CA ILE H 2 -18.31 40.51 12.10
C ILE H 2 -19.36 41.61 12.18
N VAL H 3 -19.16 42.67 11.40
CA VAL H 3 -20.08 43.81 11.41
C VAL H 3 -21.00 43.71 10.19
N MET H 4 -22.29 43.87 10.43
CA MET H 4 -23.28 43.83 9.37
C MET H 4 -23.78 45.24 9.11
N THR H 5 -23.69 45.68 7.86
CA THR H 5 -24.12 47.01 7.48
C THR H 5 -25.39 46.88 6.65
N GLN H 6 -26.45 47.53 7.10
CA GLN H 6 -27.77 47.41 6.50
C GLN H 6 -28.09 48.72 5.79
N SER H 7 -28.73 48.62 4.64
CA SER H 7 -29.04 49.80 3.84
C SER H 7 -30.41 49.64 3.21
N PRO H 8 -31.21 50.72 3.14
CA PRO H 8 -30.94 52.06 3.68
C PRO H 8 -31.31 52.22 5.15
N LYS H 9 -30.86 53.33 5.76
CA LYS H 9 -31.11 53.57 7.17
C LYS H 9 -32.57 53.97 7.43
N SER H 10 -33.24 54.54 6.42
CA SER H 10 -34.63 54.95 6.54
C SER H 10 -35.19 55.09 5.13
N MET H 11 -36.41 54.61 4.94
CA MET H 11 -37.02 54.68 3.63
C MET H 11 -38.52 54.87 3.75
N SER H 12 -39.11 55.38 2.66
CA SER H 12 -40.54 55.53 2.53
C SER H 12 -40.98 54.92 1.21
N MET H 13 -42.22 54.44 1.18
CA MET H 13 -42.75 53.71 0.03
C MET H 13 -44.27 53.59 0.17
N SER H 14 -44.94 53.40 -0.96
CA SER H 14 -46.39 53.33 -0.98
C SER H 14 -46.83 51.87 -0.87
N VAL H 15 -48.10 51.60 -1.09
CA VAL H 15 -48.66 50.27 -0.92
C VAL H 15 -48.61 49.52 -2.25
N GLY H 16 -48.37 48.21 -2.17
CA GLY H 16 -48.44 47.36 -3.34
C GLY H 16 -47.28 47.43 -4.31
N GLU H 17 -46.07 47.65 -3.82
CA GLU H 17 -44.90 47.76 -4.68
C GLU H 17 -43.77 46.93 -4.11
N ARG H 18 -42.90 46.46 -4.99
CA ARG H 18 -41.78 45.64 -4.55
C ARG H 18 -40.78 46.53 -3.83
N VAL H 19 -40.15 45.99 -2.79
CA VAL H 19 -39.17 46.71 -2.00
C VAL H 19 -38.03 45.74 -1.69
N THR H 20 -36.81 46.29 -1.61
CA THR H 20 -35.62 45.47 -1.39
C THR H 20 -34.75 46.13 -0.34
N LEU H 21 -34.36 45.32 0.64
CA LEU H 21 -33.47 45.73 1.71
C LEU H 21 -32.18 44.95 1.56
N SER H 22 -31.06 45.57 1.92
CA SER H 22 -29.77 44.94 1.71
C SER H 22 -28.99 44.87 3.01
N CYS H 23 -28.18 43.83 3.13
CA CYS H 23 -27.31 43.64 4.29
C CYS H 23 -25.96 43.18 3.75
N LYS H 24 -24.89 43.84 4.21
CA LYS H 24 -23.55 43.57 3.75
C LYS H 24 -22.68 43.22 4.94
N ALA H 25 -21.93 42.13 4.82
CA ALA H 25 -21.06 41.68 5.89
C ALA H 25 -19.61 42.03 5.60
N SER H 26 -18.86 42.32 6.66
CA SER H 26 -17.45 42.61 6.50
C SER H 26 -16.66 41.34 6.22
N GLU H 27 -16.95 40.29 6.96
CA GLU H 27 -16.28 39.00 6.84
C GLU H 27 -17.26 38.01 6.23
N TYR H 28 -16.82 36.76 6.11
CA TYR H 28 -17.64 35.72 5.52
C TYR H 28 -18.68 35.24 6.53
N VAL H 29 -19.94 35.24 6.12
CA VAL H 29 -21.03 34.60 6.85
C VAL H 29 -21.80 33.77 5.82
N GLY H 30 -21.70 32.44 5.93
CA GLY H 30 -22.08 31.55 4.84
C GLY H 30 -23.50 31.64 4.33
N THR H 31 -24.44 31.14 5.11
CA THR H 31 -25.87 31.29 4.83
C THR H 31 -26.60 31.48 6.14
N TYR H 32 -25.92 31.97 7.16
CA TYR H 32 -26.46 32.07 8.51
C TYR H 32 -26.91 33.48 8.83
N VAL H 33 -27.45 34.17 7.84
CA VAL H 33 -27.97 35.51 8.03
C VAL H 33 -29.47 35.39 8.16
N SER H 34 -30.02 36.02 9.19
CA SER H 34 -31.44 35.96 9.45
C SER H 34 -32.03 37.36 9.44
N TRP H 35 -33.30 37.44 9.07
CA TRP H 35 -34.00 38.71 8.97
C TRP H 35 -35.13 38.68 9.99
N TYR H 36 -35.13 39.66 10.87
CA TYR H 36 -36.16 39.80 11.88
C TYR H 36 -37.00 41.03 11.60
N GLN H 37 -38.26 40.98 12.01
CA GLN H 37 -39.17 42.11 11.87
C GLN H 37 -39.62 42.53 13.26
N GLN H 38 -39.62 43.83 13.51
CA GLN H 38 -39.99 44.36 14.82
C GLN H 38 -40.94 45.53 14.60
N LYS H 39 -42.20 45.34 15.01
CA LYS H 39 -43.16 46.42 15.00
C LYS H 39 -42.93 47.30 16.23
N PRO H 40 -43.43 48.54 16.23
CA PRO H 40 -43.17 49.44 17.38
C PRO H 40 -43.77 48.90 18.67
N GLU H 41 -42.94 48.95 19.72
CA GLU H 41 -43.28 48.55 21.09
C GLU H 41 -43.63 47.06 21.16
N GLN H 42 -42.87 46.25 20.44
CA GLN H 42 -43.02 44.79 20.44
C GLN H 42 -41.65 44.16 20.30
N SER H 43 -41.59 42.86 20.59
CA SER H 43 -40.37 42.09 20.45
C SER H 43 -40.19 41.63 19.00
N PRO H 44 -38.93 41.50 18.53
CA PRO H 44 -38.70 41.10 17.14
C PRO H 44 -39.25 39.72 16.82
N LYS H 45 -39.68 39.55 15.58
CA LYS H 45 -40.21 38.29 15.08
C LYS H 45 -39.31 37.80 13.95
N LEU H 46 -38.92 36.53 14.00
CA LEU H 46 -38.09 35.96 12.97
C LEU H 46 -38.89 35.79 11.68
N LEU H 47 -38.41 36.41 10.60
CA LEU H 47 -39.03 36.28 9.29
C LEU H 47 -38.35 35.23 8.43
N ILE H 48 -37.04 35.35 8.24
CA ILE H 48 -36.27 34.51 7.34
C ILE H 48 -35.13 33.92 8.14
N TYR H 49 -35.16 32.61 8.36
CA TYR H 49 -34.08 31.91 9.04
C TYR H 49 -33.16 31.32 8.00
N GLY H 50 -31.85 31.49 8.19
CA GLY H 50 -30.93 31.15 7.10
C GLY H 50 -31.07 32.01 5.86
N ALA H 51 -30.17 31.85 4.91
CA ALA H 51 -30.33 32.58 3.66
C ALA H 51 -31.33 31.83 2.79
N SER H 52 -32.45 32.51 2.47
CA SER H 52 -33.54 32.01 1.62
C SER H 52 -34.22 30.77 2.21
N ASN H 53 -34.80 30.95 3.40
CA ASN H 53 -35.71 29.96 3.98
C ASN H 53 -36.72 30.70 4.84
N ARG H 54 -38.00 30.57 4.52
CA ARG H 54 -39.03 31.26 5.26
C ARG H 54 -39.40 30.51 6.54
N TYR H 55 -39.63 31.26 7.61
CA TYR H 55 -40.04 30.68 8.87
C TYR H 55 -41.51 30.29 8.83
N THR H 56 -41.90 29.41 9.75
CA THR H 56 -43.27 28.93 9.84
C THR H 56 -44.17 30.07 10.32
N GLY H 57 -45.12 30.46 9.48
CA GLY H 57 -46.06 31.52 9.79
C GLY H 57 -45.76 32.82 9.10
N VAL H 58 -44.84 32.84 8.16
CA VAL H 58 -44.46 34.03 7.41
C VAL H 58 -45.17 33.97 6.06
N PRO H 59 -45.77 35.08 5.59
CA PRO H 59 -46.41 35.07 4.27
C PRO H 59 -45.41 34.82 3.15
N ASP H 60 -45.95 34.47 1.98
CA ASP H 60 -45.14 34.09 0.83
C ASP H 60 -44.61 35.31 0.07
N ARG H 61 -44.71 36.51 0.64
CA ARG H 61 -44.20 37.70 -0.03
C ARG H 61 -42.79 38.06 0.42
N PHE H 62 -42.34 37.59 1.58
CA PHE H 62 -40.98 37.76 2.01
C PHE H 62 -40.12 36.66 1.42
N THR H 63 -38.97 37.03 0.88
CA THR H 63 -38.00 36.06 0.39
C THR H 63 -36.62 36.68 0.48
N GLY H 64 -35.66 35.85 0.88
CA GLY H 64 -34.29 36.30 1.06
C GLY H 64 -33.38 35.74 0.00
N SER H 65 -32.26 36.41 -0.24
CA SER H 65 -31.29 35.95 -1.22
C SER H 65 -29.91 36.09 -0.61
N GLY H 66 -29.14 35.00 -0.64
CA GLY H 66 -27.90 34.93 0.10
C GLY H 66 -26.69 34.78 -0.80
N SER H 67 -25.53 35.00 -0.20
CA SER H 67 -24.22 34.86 -0.84
C SER H 67 -23.20 34.69 0.28
N ALA H 68 -21.93 34.88 -0.04
CA ALA H 68 -20.91 34.83 1.00
C ALA H 68 -20.90 36.10 1.84
N THR H 69 -21.15 37.26 1.22
CA THR H 69 -21.07 38.52 1.96
C THR H 69 -22.26 39.44 1.73
N ASP H 70 -22.94 39.32 0.59
CA ASP H 70 -24.03 40.21 0.24
C ASP H 70 -25.36 39.49 0.38
N PHE H 71 -26.32 40.12 1.05
CA PHE H 71 -27.61 39.51 1.33
C PHE H 71 -28.71 40.54 1.08
N THR H 72 -29.83 40.07 0.57
CA THR H 72 -30.97 40.91 0.25
C THR H 72 -32.25 40.29 0.80
N LEU H 73 -33.19 41.15 1.17
CA LEU H 73 -34.52 40.73 1.56
C LEU H 73 -35.50 41.52 0.71
N THR H 74 -36.32 40.81 -0.06
CA THR H 74 -37.27 41.44 -0.98
C THR H 74 -38.68 41.07 -0.58
N ILE H 75 -39.56 42.08 -0.55
CA ILE H 75 -40.99 41.89 -0.32
C ILE H 75 -41.73 42.25 -1.60
N GLY H 76 -42.78 41.51 -1.91
CA GLY H 76 -43.52 41.74 -3.13
C GLY H 76 -44.69 42.66 -2.90
N SER H 77 -45.92 42.14 -2.92
CA SER H 77 -47.09 42.95 -2.63
C SER H 77 -47.10 43.32 -1.15
N VAL H 78 -46.65 44.53 -0.85
CA VAL H 78 -46.53 45.00 0.53
C VAL H 78 -47.85 45.56 1.02
N GLN H 79 -48.36 45.03 2.13
CA GLN H 79 -49.60 45.48 2.72
C GLN H 79 -49.28 46.60 3.73
N ALA H 80 -50.25 46.93 4.57
CA ALA H 80 -50.13 48.05 5.49
C ALA H 80 -49.60 47.65 6.87
N GLU H 81 -49.26 46.38 7.09
CA GLU H 81 -48.71 45.99 8.38
C GLU H 81 -47.19 45.84 8.36
N ASP H 82 -46.54 46.14 7.24
CA ASP H 82 -45.09 46.06 7.17
C ASP H 82 -44.42 47.39 7.52
N LEU H 83 -45.13 48.28 8.23
CA LEU H 83 -44.57 49.54 8.71
C LEU H 83 -43.86 49.23 10.03
N ALA H 84 -42.62 48.76 9.91
CA ALA H 84 -41.89 48.30 11.07
C ALA H 84 -40.39 48.39 10.77
N ASP H 85 -39.58 47.96 11.73
CA ASP H 85 -38.14 47.92 11.54
C ASP H 85 -37.75 46.51 11.15
N TYR H 86 -36.67 46.40 10.37
CA TYR H 86 -36.18 45.12 9.90
C TYR H 86 -34.69 45.04 10.16
N HIS H 87 -34.27 44.03 10.90
CA HIS H 87 -32.88 43.85 11.26
C HIS H 87 -32.34 42.60 10.59
N CYS H 88 -31.10 42.67 10.14
CA CYS H 88 -30.38 41.49 9.65
C CYS H 88 -29.33 41.13 10.69
N GLY H 89 -29.19 39.83 10.93
CA GLY H 89 -28.22 39.38 11.89
C GLY H 89 -27.53 38.14 11.42
N GLN H 90 -26.24 38.02 11.70
CA GLN H 90 -25.45 36.88 11.29
C GLN H 90 -25.29 35.90 12.43
N SER H 91 -25.13 34.63 12.08
CA SER H 91 -24.95 33.60 13.08
C SER H 91 -23.77 32.68 12.77
N TYR H 92 -22.91 33.06 11.81
CA TYR H 92 -21.72 32.28 11.51
C TYR H 92 -20.75 32.26 12.68
N SER H 93 -20.64 33.39 13.36
CA SER H 93 -19.86 33.55 14.58
C SER H 93 -20.84 33.94 15.66
N TYR H 94 -20.32 34.39 16.79
CA TYR H 94 -21.15 34.98 17.82
C TYR H 94 -22.01 36.08 17.23
N PRO H 95 -23.32 36.07 17.45
CA PRO H 95 -24.24 36.87 16.63
C PRO H 95 -24.06 38.36 16.79
N THR H 96 -24.05 39.07 15.66
CA THR H 96 -24.08 40.51 15.61
C THR H 96 -25.17 40.92 14.65
N PHE H 97 -25.89 41.98 14.99
CA PHE H 97 -27.02 42.44 14.19
C PHE H 97 -26.64 43.67 13.39
N GLY H 98 -27.51 44.04 12.45
CA GLY H 98 -27.33 45.24 11.68
C GLY H 98 -27.92 46.44 12.39
N ALA H 99 -27.82 47.58 11.71
CA ALA H 99 -28.30 48.82 12.30
C ALA H 99 -29.82 48.94 12.23
N GLY H 100 -30.45 48.32 11.24
CA GLY H 100 -31.88 48.40 11.13
C GLY H 100 -32.31 49.26 9.96
N THR H 101 -33.53 48.99 9.48
CA THR H 101 -34.11 49.74 8.38
C THR H 101 -35.56 50.01 8.74
N LYS H 102 -35.94 51.29 8.75
CA LYS H 102 -37.30 51.72 9.10
C LYS H 102 -38.12 51.91 7.84
N LEU H 103 -39.06 51.01 7.60
CA LEU H 103 -40.02 51.19 6.53
C LEU H 103 -41.15 52.12 6.97
N GLU H 104 -41.56 53.00 6.05
CA GLU H 104 -42.58 54.00 6.32
C GLU H 104 -43.54 54.00 5.13
N LEU H 105 -44.67 54.70 5.27
CA LEU H 105 -45.71 54.71 4.24
C LEU H 105 -45.87 56.13 3.74
N LYS H 106 -45.66 56.33 2.44
CA LYS H 106 -45.81 57.64 1.81
C LYS H 106 -46.03 57.49 0.31
N VAL I 2 -41.30 27.51 22.43
CA VAL I 2 -42.71 27.72 22.19
C VAL I 2 -43.12 29.09 22.71
N GLN I 3 -42.70 29.41 23.92
CA GLN I 3 -42.99 30.70 24.52
C GLN I 3 -41.88 31.04 25.52
N LEU I 4 -41.49 32.31 25.55
CA LEU I 4 -40.56 32.84 26.54
C LEU I 4 -41.22 34.00 27.25
N GLN I 5 -41.20 33.97 28.58
CA GLN I 5 -41.83 34.98 29.41
C GLN I 5 -40.76 35.64 30.25
N GLN I 6 -40.68 36.96 30.18
CA GLN I 6 -39.73 37.73 30.97
C GLN I 6 -40.42 38.44 32.13
N SER I 7 -39.61 39.05 32.98
CA SER I 7 -40.12 39.73 34.17
C SER I 7 -40.52 41.17 33.80
N GLY I 8 -40.98 41.91 34.80
CA GLY I 8 -41.42 43.27 34.57
C GLY I 8 -40.26 44.24 34.51
N ALA I 9 -40.60 45.50 34.24
CA ALA I 9 -39.61 46.55 34.12
C ALA I 9 -38.95 46.84 35.47
N GLU I 10 -37.72 47.34 35.41
CA GLU I 10 -36.94 47.67 36.61
C GLU I 10 -36.61 49.15 36.62
N LEU I 11 -36.61 49.74 37.81
CA LEU I 11 -36.28 51.14 38.00
C LEU I 11 -35.23 51.16 39.12
N VAL I 12 -33.96 51.21 38.72
CA VAL I 12 -32.85 51.11 39.64
C VAL I 12 -32.00 52.38 39.56
N LYS I 13 -31.09 52.52 40.52
CA LYS I 13 -30.14 53.61 40.66
C LYS I 13 -28.79 53.21 40.09
N PRO I 14 -28.15 54.10 39.34
CA PRO I 14 -26.82 53.81 38.74
C PRO I 14 -25.77 53.50 39.79
N GLY I 15 -25.22 52.29 39.71
CA GLY I 15 -24.21 51.83 40.65
C GLY I 15 -24.59 50.56 41.40
N ALA I 16 -25.82 50.08 41.22
CA ALA I 16 -26.31 48.89 41.89
C ALA I 16 -26.26 47.71 40.91
N SER I 17 -26.84 46.58 41.30
CA SER I 17 -26.90 45.42 40.44
C SER I 17 -28.36 45.02 40.21
N VAL I 18 -28.63 44.50 39.01
CA VAL I 18 -29.97 44.10 38.60
C VAL I 18 -29.89 42.63 38.19
N LYS I 19 -30.99 41.92 38.36
CA LYS I 19 -31.11 40.52 37.96
C LYS I 19 -32.41 40.34 37.19
N LEU I 20 -32.29 40.00 35.91
CA LEU I 20 -33.45 39.76 35.07
C LEU I 20 -33.62 38.27 34.85
N SER I 21 -34.86 37.85 34.69
CA SER I 21 -35.17 36.44 34.53
C SER I 21 -35.97 36.23 33.25
N CYS I 22 -35.83 35.02 32.70
CA CYS I 22 -36.53 34.62 31.48
C CYS I 22 -36.95 33.17 31.66
N THR I 23 -38.25 32.94 31.78
CA THR I 23 -38.77 31.60 32.04
C THR I 23 -39.34 31.04 30.74
N ALA I 24 -38.95 29.80 30.44
CA ALA I 24 -39.36 29.14 29.21
C ALA I 24 -40.50 28.17 29.49
N SER I 25 -41.50 28.19 28.62
CA SER I 25 -42.65 27.29 28.72
C SER I 25 -42.88 26.66 27.36
N GLY I 26 -42.89 25.33 27.31
CA GLY I 26 -43.10 24.61 26.08
C GLY I 26 -41.92 23.80 25.60
N PHE I 27 -40.76 23.88 26.27
CA PHE I 27 -39.59 23.14 25.86
C PHE I 27 -38.61 23.10 27.02
N ASN I 28 -37.64 22.19 26.92
CA ASN I 28 -36.56 22.07 27.88
C ASN I 28 -35.40 22.91 27.37
N ILE I 29 -34.88 23.81 28.22
CA ILE I 29 -33.83 24.71 27.81
C ILE I 29 -32.48 24.03 27.64
N LYS I 30 -32.33 22.77 28.03
CA LYS I 30 -31.09 22.04 27.82
C LYS I 30 -30.90 21.58 26.38
N ASP I 31 -31.84 21.87 25.48
CA ASP I 31 -31.76 21.41 24.10
C ASP I 31 -31.26 22.47 23.16
N THR I 32 -31.35 23.74 23.54
CA THR I 32 -30.98 24.87 22.70
C THR I 32 -30.05 25.79 23.49
N TYR I 33 -29.66 26.88 22.86
CA TYR I 33 -28.95 27.95 23.53
C TYR I 33 -29.95 29.03 23.92
N MET I 34 -29.54 29.87 24.87
CA MET I 34 -30.35 30.99 25.30
C MET I 34 -29.54 32.26 25.13
N TYR I 35 -30.11 33.23 24.43
CA TYR I 35 -29.43 34.48 24.09
C TYR I 35 -30.06 35.64 24.82
N TRP I 36 -29.23 36.61 25.17
CA TRP I 36 -29.69 37.86 25.74
C TRP I 36 -29.29 38.97 24.77
N VAL I 37 -30.26 39.81 24.42
CA VAL I 37 -30.05 40.90 23.46
C VAL I 37 -30.53 42.17 24.14
N LYS I 38 -29.91 43.29 23.82
CA LYS I 38 -30.33 44.58 24.32
C LYS I 38 -30.67 45.48 23.13
N GLN I 39 -31.60 46.40 23.35
CA GLN I 39 -32.05 47.32 22.31
C GLN I 39 -32.29 48.68 22.95
N ARG I 40 -31.49 49.65 22.58
CA ARG I 40 -31.65 51.00 23.07
C ARG I 40 -32.85 51.65 22.38
N PRO I 41 -33.43 52.71 22.96
CA PRO I 41 -34.54 53.40 22.29
C PRO I 41 -34.13 53.99 20.94
N GLU I 42 -34.80 53.50 19.89
CA GLU I 42 -34.60 53.91 18.50
C GLU I 42 -33.15 53.69 18.06
N GLN I 43 -32.77 52.42 18.05
CA GLN I 43 -31.45 51.96 17.60
C GLN I 43 -31.57 50.48 17.26
N GLY I 44 -30.42 49.87 16.95
CA GLY I 44 -30.38 48.48 16.56
C GLY I 44 -30.05 47.55 17.72
N LEU I 45 -30.28 46.26 17.48
CA LEU I 45 -30.06 45.25 18.50
C LEU I 45 -28.58 45.08 18.80
N GLU I 46 -28.30 44.61 20.01
CA GLU I 46 -26.93 44.36 20.45
C GLU I 46 -26.91 43.08 21.27
N TRP I 47 -26.05 42.16 20.87
CA TRP I 47 -25.95 40.86 21.53
C TRP I 47 -25.11 40.97 22.79
N ILE I 48 -25.68 40.54 23.91
CA ILE I 48 -24.99 40.59 25.20
C ILE I 48 -24.16 39.34 25.37
N GLY I 49 -24.81 38.19 25.35
CA GLY I 49 -24.10 36.93 25.51
C GLY I 49 -25.07 35.77 25.40
N ARG I 50 -24.49 34.57 25.41
CA ARG I 50 -25.28 33.35 25.31
C ARG I 50 -24.78 32.36 26.33
N ILE I 51 -25.62 31.39 26.67
CA ILE I 51 -25.26 30.36 27.62
C ILE I 51 -25.73 29.03 27.05
N ASP I 52 -24.94 27.98 27.25
CA ASP I 52 -25.31 26.62 26.91
C ASP I 52 -25.81 25.93 28.17
N PRO I 53 -27.13 25.83 28.38
CA PRO I 53 -27.64 25.34 29.69
C PRO I 53 -27.30 23.89 29.98
N ALA I 54 -27.11 23.06 28.94
CA ALA I 54 -26.78 21.66 29.16
C ALA I 54 -25.36 21.46 29.66
N ASN I 55 -24.50 22.46 29.50
CA ASN I 55 -23.11 22.37 29.89
C ASN I 55 -22.76 23.42 30.93
N GLY I 56 -23.19 24.66 30.75
CA GLY I 56 -22.81 25.76 31.60
C GLY I 56 -21.84 26.71 30.95
N ASP I 57 -21.35 26.37 29.75
CA ASP I 57 -20.43 27.23 29.01
C ASP I 57 -21.16 28.51 28.63
N THR I 58 -20.51 29.64 28.88
CA THR I 58 -21.08 30.94 28.56
C THR I 58 -20.07 31.71 27.72
N LYS I 59 -20.58 32.52 26.78
CA LYS I 59 -19.76 33.42 26.00
C LYS I 59 -20.38 34.81 26.05
N TYR I 60 -19.53 35.83 26.00
CA TYR I 60 -19.98 37.21 26.12
C TYR I 60 -19.39 38.06 25.01
N ASP I 61 -20.03 39.20 24.79
CA ASP I 61 -19.51 40.19 23.87
C ASP I 61 -18.29 40.84 24.52
N PRO I 62 -17.21 41.09 23.76
CA PRO I 62 -16.01 41.74 24.35
C PRO I 62 -16.28 43.07 25.03
N LYS I 63 -17.27 43.83 24.57
CA LYS I 63 -17.64 45.08 25.23
C LYS I 63 -18.62 44.85 26.39
N PHE I 64 -18.87 43.58 26.74
CA PHE I 64 -19.72 43.24 27.87
C PHE I 64 -19.08 42.25 28.81
N GLN I 65 -17.86 41.79 28.53
CA GLN I 65 -17.17 40.85 29.39
C GLN I 65 -16.84 41.50 30.73
N GLY I 66 -17.26 40.85 31.81
CA GLY I 66 -17.05 41.37 33.14
C GLY I 66 -18.20 42.19 33.69
N LYS I 67 -18.95 42.85 32.80
CA LYS I 67 -20.07 43.67 33.23
C LYS I 67 -21.29 42.80 33.49
N ALA I 68 -21.73 42.06 32.48
CA ALA I 68 -22.92 41.23 32.58
C ALA I 68 -22.50 39.79 32.84
N THR I 69 -23.38 39.04 33.50
CA THR I 69 -23.13 37.62 33.74
C THR I 69 -24.42 36.85 33.58
N ILE I 70 -24.36 35.78 32.80
CA ILE I 70 -25.54 34.99 32.45
C ILE I 70 -25.43 33.63 33.13
N THR I 71 -26.46 33.28 33.89
CA THR I 71 -26.56 32.00 34.57
C THR I 71 -27.86 31.33 34.17
N THR I 72 -28.00 30.06 34.56
CA THR I 72 -29.17 29.28 34.19
C THR I 72 -29.61 28.44 35.37
N ASP I 73 -30.92 28.20 35.43
CA ASP I 73 -31.53 27.32 36.42
C ASP I 73 -32.31 26.27 35.65
N THR I 74 -31.83 25.03 35.70
CA THR I 74 -32.39 23.97 34.87
C THR I 74 -33.69 23.44 35.46
N PHE I 75 -33.75 23.35 36.80
CA PHE I 75 -34.88 22.73 37.50
C PHE I 75 -36.20 23.45 37.26
N SER I 76 -36.15 24.75 36.93
CA SER I 76 -37.36 25.52 36.67
C SER I 76 -37.41 26.10 35.28
N ASN I 77 -36.43 25.77 34.43
CA ASN I 77 -36.31 26.24 33.04
C ASN I 77 -36.29 27.77 32.97
N THR I 78 -35.26 28.34 33.58
CA THR I 78 -35.12 29.78 33.68
C THR I 78 -33.70 30.17 33.30
N ALA I 79 -33.56 31.30 32.61
CA ALA I 79 -32.26 31.87 32.27
C ALA I 79 -32.17 33.24 32.92
N TYR I 80 -31.06 33.50 33.60
CA TYR I 80 -30.86 34.73 34.36
C TYR I 80 -29.76 35.58 33.74
N LEU I 81 -29.99 36.89 33.73
CA LEU I 81 -28.99 37.86 33.30
C LEU I 81 -28.80 38.86 34.42
N GLN I 82 -27.57 38.93 34.93
CA GLN I 82 -27.22 39.82 36.03
C GLN I 82 -26.22 40.85 35.54
N LEU I 83 -26.56 42.12 35.71
CA LEU I 83 -25.66 43.23 35.38
C LEU I 83 -25.05 43.74 36.68
N SER I 84 -23.73 43.86 36.70
CA SER I 84 -23.01 44.07 37.96
C SER I 84 -23.05 45.52 38.41
N SER I 85 -22.50 46.42 37.61
CA SER I 85 -22.43 47.84 37.94
C SER I 85 -22.84 48.61 36.69
N LEU I 86 -24.11 49.00 36.62
CA LEU I 86 -24.65 49.60 35.42
C LEU I 86 -24.67 51.12 35.57
N THR I 87 -24.19 51.80 34.53
CA THR I 87 -24.07 53.25 34.54
C THR I 87 -25.33 53.90 33.97
N SER I 88 -25.25 55.19 33.65
CA SER I 88 -26.40 55.98 33.23
C SER I 88 -26.62 55.97 31.72
N GLU I 89 -26.18 54.93 31.01
CA GLU I 89 -26.42 54.85 29.57
C GLU I 89 -27.10 53.58 29.14
N ASP I 90 -27.02 52.49 29.91
CA ASP I 90 -27.66 51.23 29.54
C ASP I 90 -29.10 51.16 30.04
N THR I 91 -29.88 52.15 29.62
CA THR I 91 -31.32 52.15 29.84
C THR I 91 -31.96 51.72 28.51
N ALA I 92 -32.13 50.40 28.40
CA ALA I 92 -32.60 49.81 27.16
C ALA I 92 -33.66 48.79 27.47
N VAL I 93 -34.05 48.04 26.44
CA VAL I 93 -34.95 46.90 26.57
C VAL I 93 -34.12 45.65 26.38
N TYR I 94 -34.30 44.69 27.28
CA TYR I 94 -33.48 43.47 27.29
C TYR I 94 -34.34 42.29 26.86
N TYR I 95 -33.97 41.69 25.74
CA TYR I 95 -34.71 40.56 25.19
C TYR I 95 -33.99 39.25 25.49
N CYS I 96 -34.78 38.21 25.70
CA CYS I 96 -34.31 36.86 25.91
C CYS I 96 -34.75 36.03 24.72
N ALA I 97 -33.79 35.38 24.06
CA ALA I 97 -34.07 34.63 22.85
C ALA I 97 -33.50 33.24 22.95
N ARG I 98 -33.93 32.36 22.06
CA ARG I 98 -33.44 31.01 21.97
C ARG I 98 -33.05 30.71 20.53
N LYS I 99 -32.09 29.80 20.37
CA LYS I 99 -31.61 29.49 19.04
C LYS I 99 -32.63 28.64 18.30
N GLY I 100 -32.65 28.76 16.98
CA GLY I 100 -33.66 28.10 16.18
C GLY I 100 -33.14 27.08 15.21
N LEU I 101 -33.63 27.14 13.97
CA LEU I 101 -33.31 26.11 12.98
C LEU I 101 -31.94 26.34 12.36
N ARG I 102 -31.78 27.43 11.62
CA ARG I 102 -30.49 27.72 11.01
C ARG I 102 -29.73 28.74 11.86
N TRP I 103 -29.57 28.41 13.14
CA TRP I 103 -28.88 29.21 14.15
C TRP I 103 -29.46 30.63 14.30
N ALA I 104 -30.73 30.79 13.98
CA ALA I 104 -31.42 32.05 14.14
C ALA I 104 -32.14 32.08 15.48
N MET I 105 -32.57 33.27 15.89
CA MET I 105 -33.30 33.43 17.14
C MET I 105 -34.78 33.45 16.80
N ASP I 106 -35.40 32.27 16.84
CA ASP I 106 -36.76 32.13 16.36
C ASP I 106 -37.80 32.59 17.37
N TYR I 107 -37.54 32.42 18.65
CA TYR I 107 -38.47 32.84 19.69
C TYR I 107 -37.78 33.86 20.57
N TRP I 108 -38.44 34.98 20.79
CA TRP I 108 -37.93 36.05 21.62
C TRP I 108 -38.85 36.22 22.81
N GLY I 109 -38.35 36.92 23.82
CA GLY I 109 -39.16 37.14 25.01
C GLY I 109 -40.18 38.24 24.82
N GLN I 110 -40.37 39.04 25.87
CA GLN I 110 -41.30 40.15 25.82
C GLN I 110 -40.66 41.48 26.16
N GLY I 111 -39.40 41.49 26.59
CA GLY I 111 -38.72 42.73 26.87
C GLY I 111 -38.82 43.18 28.31
N THR I 112 -37.70 43.66 28.86
CA THR I 112 -37.64 44.23 30.20
C THR I 112 -36.92 45.55 30.05
N SER I 113 -37.64 46.64 30.27
CA SER I 113 -37.10 47.98 30.06
C SER I 113 -36.59 48.48 31.40
N VAL I 114 -35.28 48.41 31.58
CA VAL I 114 -34.68 48.97 32.79
C VAL I 114 -34.50 50.46 32.59
N THR I 115 -34.55 51.20 33.69
CA THR I 115 -34.42 52.65 33.68
C THR I 115 -33.56 53.04 34.86
N VAL I 116 -32.51 53.81 34.60
CA VAL I 116 -31.61 54.30 35.63
C VAL I 116 -31.76 55.81 35.75
N SER I 117 -32.01 56.27 36.98
CA SER I 117 -32.22 57.67 37.31
C SER I 117 -32.10 57.81 38.82
N THR I 118 -32.47 58.98 39.33
CA THR I 118 -32.44 59.23 40.76
C THR I 118 -33.84 59.65 41.24
#